data_1WE8
#
_entry.id   1WE8
#
_entity_poly.entity_id   1
_entity_poly.type   'polypeptide(L)'
_entity_poly.pdbx_seq_one_letter_code
;GSSGSSGILTENTPVFEQLSVPQRSVGRIIGRGGETIRSICKASGAKITCDKESEGTLLLSRLIKISGTQKEVAAAKHLI
LEKVSEDEELRKRIAHSASGPSSG
;
_entity_poly.pdbx_strand_id   A
#
# COMPACT_ATOMS: atom_id res chain seq x y z
N GLY A 1 6.91 -10.59 -14.00
CA GLY A 1 8.13 -10.23 -13.30
C GLY A 1 7.94 -10.20 -11.79
N SER A 2 8.80 -10.92 -11.08
CA SER A 2 8.72 -10.96 -9.62
C SER A 2 10.11 -10.84 -9.00
N SER A 3 11.02 -11.74 -9.40
CA SER A 3 12.37 -11.73 -8.88
C SER A 3 13.02 -10.36 -9.06
N GLY A 4 13.90 -9.99 -8.13
CA GLY A 4 14.57 -8.72 -8.20
C GLY A 4 14.57 -7.99 -6.87
N SER A 5 15.55 -8.32 -6.02
CA SER A 5 15.66 -7.69 -4.71
C SER A 5 17.05 -7.11 -4.50
N SER A 6 17.13 -6.02 -3.74
CA SER A 6 18.40 -5.37 -3.47
C SER A 6 18.20 -4.12 -2.61
N GLY A 7 19.29 -3.65 -2.00
CA GLY A 7 19.20 -2.47 -1.16
C GLY A 7 20.43 -2.31 -0.26
N ILE A 8 21.16 -1.23 -0.46
CA ILE A 8 22.35 -0.97 0.32
C ILE A 8 22.31 0.43 0.96
N LEU A 9 23.00 0.59 2.07
CA LEU A 9 23.04 1.87 2.77
C LEU A 9 24.27 1.96 3.67
N THR A 10 24.35 3.04 4.45
CA THR A 10 25.47 3.25 5.36
C THR A 10 25.11 2.80 6.77
N GLU A 11 23.82 2.70 7.05
CA GLU A 11 23.36 2.28 8.37
C GLU A 11 21.88 2.60 8.55
N ASN A 12 21.40 3.60 7.81
CA ASN A 12 20.01 4.01 7.90
C ASN A 12 19.69 5.08 6.86
N THR A 13 20.43 5.06 5.75
CA THR A 13 20.23 6.03 4.68
C THR A 13 18.77 6.08 4.25
N PRO A 14 18.28 7.29 3.95
CA PRO A 14 16.89 7.51 3.53
C PRO A 14 16.63 6.96 2.14
N VAL A 15 15.35 6.76 1.81
CA VAL A 15 14.96 6.24 0.50
C VAL A 15 13.63 6.82 0.06
N PHE A 16 13.41 6.84 -1.25
CA PHE A 16 12.18 7.37 -1.81
C PHE A 16 11.63 6.45 -2.90
N GLU A 17 10.53 5.78 -2.62
CA GLU A 17 9.92 4.86 -3.58
C GLU A 17 8.46 5.27 -3.84
N GLN A 18 7.94 4.80 -4.98
CA GLN A 18 6.55 5.11 -5.35
C GLN A 18 5.82 3.85 -5.79
N LEU A 19 4.59 3.70 -5.33
CA LEU A 19 3.78 2.54 -5.68
C LEU A 19 2.43 2.97 -6.25
N SER A 20 2.19 2.61 -7.51
CA SER A 20 0.95 2.96 -8.18
C SER A 20 -0.16 1.99 -7.81
N VAL A 21 -1.24 2.51 -7.22
CA VAL A 21 -2.37 1.68 -6.81
C VAL A 21 -3.67 2.20 -7.42
N PRO A 22 -4.56 1.26 -7.80
CA PRO A 22 -5.85 1.59 -8.40
C PRO A 22 -6.81 2.24 -7.41
N GLN A 23 -7.74 3.03 -7.91
CA GLN A 23 -8.71 3.70 -7.05
C GLN A 23 -9.63 2.69 -6.38
N ARG A 24 -9.55 1.43 -6.81
CA ARG A 24 -10.37 0.37 -6.25
C ARG A 24 -9.69 -0.27 -5.04
N SER A 25 -8.38 -0.13 -4.97
CA SER A 25 -7.62 -0.69 -3.87
C SER A 25 -7.19 0.39 -2.88
N VAL A 26 -6.98 1.60 -3.41
CA VAL A 26 -6.58 2.73 -2.58
C VAL A 26 -7.52 2.91 -1.40
N GLY A 27 -8.79 2.57 -1.59
CA GLY A 27 -9.77 2.70 -0.53
C GLY A 27 -9.51 1.75 0.63
N ARG A 28 -8.90 0.61 0.32
CA ARG A 28 -8.60 -0.38 1.35
C ARG A 28 -7.22 -0.12 1.96
N ILE A 29 -6.33 0.48 1.17
CA ILE A 29 -4.98 0.78 1.63
C ILE A 29 -4.97 2.02 2.52
N ILE A 30 -5.59 3.09 2.04
CA ILE A 30 -5.65 4.34 2.79
C ILE A 30 -6.74 4.28 3.86
N GLY A 31 -7.79 3.52 3.59
CA GLY A 31 -8.88 3.39 4.54
C GLY A 31 -10.04 4.30 4.21
N ARG A 32 -10.95 4.48 5.17
CA ARG A 32 -12.11 5.33 4.98
C ARG A 32 -11.69 6.79 4.78
N GLY A 33 -10.65 7.20 5.49
CA GLY A 33 -10.16 8.57 5.38
C GLY A 33 -8.73 8.71 5.83
N GLY A 34 -7.98 7.61 5.77
CA GLY A 34 -6.58 7.64 6.18
C GLY A 34 -6.32 6.81 7.42
N GLU A 35 -7.38 6.53 8.18
CA GLU A 35 -7.26 5.75 9.40
C GLU A 35 -6.39 4.51 9.17
N THR A 36 -6.37 4.03 7.93
CA THR A 36 -5.58 2.87 7.58
C THR A 36 -4.16 3.25 7.17
N ILE A 37 -4.04 4.41 6.54
CA ILE A 37 -2.74 4.91 6.09
C ILE A 37 -1.93 5.47 7.26
N ARG A 38 -2.62 5.70 8.38
CA ARG A 38 -1.97 6.25 9.57
C ARG A 38 -1.36 5.12 10.42
N SER A 39 -2.06 3.98 10.45
CA SER A 39 -1.61 2.84 11.23
C SER A 39 -0.42 2.16 10.55
N ILE A 40 -0.37 2.26 9.22
CA ILE A 40 0.70 1.65 8.45
C ILE A 40 1.98 2.46 8.56
N CYS A 41 1.86 3.78 8.43
CA CYS A 41 3.01 4.67 8.52
C CYS A 41 3.70 4.53 9.87
N LYS A 42 2.92 4.22 10.89
CA LYS A 42 3.45 4.06 12.25
C LYS A 42 3.94 2.64 12.48
N ALA A 43 3.37 1.69 11.72
CA ALA A 43 3.75 0.29 11.84
C ALA A 43 5.04 0.00 11.09
N SER A 44 5.29 0.76 10.02
CA SER A 44 6.49 0.59 9.22
C SER A 44 7.48 1.71 9.48
N GLY A 45 6.97 2.91 9.69
CA GLY A 45 7.82 4.06 9.94
C GLY A 45 8.11 4.85 8.68
N ALA A 46 7.67 4.33 7.54
CA ALA A 46 7.89 5.00 6.27
C ALA A 46 6.77 6.00 5.96
N LYS A 47 7.15 7.18 5.49
CA LYS A 47 6.17 8.21 5.16
C LYS A 47 5.39 7.85 3.91
N ILE A 48 4.07 7.73 4.05
CA ILE A 48 3.20 7.39 2.93
C ILE A 48 2.29 8.55 2.58
N THR A 49 2.24 8.89 1.30
CA THR A 49 1.39 9.98 0.81
C THR A 49 0.76 9.64 -0.53
N CYS A 50 -0.25 10.41 -0.91
CA CYS A 50 -0.95 10.19 -2.17
C CYS A 50 -0.60 11.27 -3.18
N ASP A 51 -0.59 10.91 -4.46
CA ASP A 51 -0.26 11.86 -5.52
C ASP A 51 -0.87 13.23 -5.22
N LYS A 52 -0.31 14.26 -5.83
CA LYS A 52 -0.79 15.62 -5.64
C LYS A 52 -0.85 16.38 -6.97
N GLU A 53 0.26 16.34 -7.71
CA GLU A 53 0.34 17.01 -8.99
C GLU A 53 -0.94 16.78 -9.82
N SER A 54 -1.52 15.60 -9.65
CA SER A 54 -2.73 15.24 -10.37
C SER A 54 -3.97 15.61 -9.57
N GLU A 55 -5.09 15.81 -10.26
CA GLU A 55 -6.35 16.16 -9.61
C GLU A 55 -6.61 15.26 -8.41
N GLY A 56 -6.33 13.96 -8.58
CA GLY A 56 -6.55 13.01 -7.51
C GLY A 56 -8.01 12.85 -7.16
N THR A 57 -8.87 12.93 -8.17
CA THR A 57 -10.31 12.81 -7.96
C THR A 57 -10.75 11.35 -8.07
N LEU A 58 -10.66 10.80 -9.28
CA LEU A 58 -11.05 9.41 -9.52
C LEU A 58 -10.74 9.01 -10.96
N LEU A 59 -9.74 9.63 -11.55
CA LEU A 59 -9.34 9.33 -12.92
C LEU A 59 -9.52 7.84 -13.22
N LEU A 60 -8.48 7.05 -12.93
CA LEU A 60 -8.51 5.62 -13.16
C LEU A 60 -7.71 4.87 -12.11
N SER A 61 -6.49 5.34 -11.86
CA SER A 61 -5.62 4.71 -10.88
C SER A 61 -4.91 5.76 -10.04
N ARG A 62 -4.64 5.42 -8.78
CA ARG A 62 -3.97 6.35 -7.87
C ARG A 62 -2.51 5.96 -7.70
N LEU A 63 -1.73 6.84 -7.08
CA LEU A 63 -0.32 6.60 -6.84
C LEU A 63 0.09 7.02 -5.43
N ILE A 64 0.86 6.17 -4.76
CA ILE A 64 1.32 6.46 -3.42
C ILE A 64 2.82 6.69 -3.38
N LYS A 65 3.28 7.44 -2.39
CA LYS A 65 4.70 7.73 -2.24
C LYS A 65 5.21 7.27 -0.88
N ILE A 66 6.19 6.38 -0.89
CA ILE A 66 6.78 5.86 0.34
C ILE A 66 8.19 6.38 0.54
N SER A 67 8.48 6.90 1.73
CA SER A 67 9.80 7.41 2.05
C SER A 67 10.25 6.95 3.42
N GLY A 68 11.56 7.06 3.68
CA GLY A 68 12.10 6.64 4.95
C GLY A 68 13.38 5.85 4.81
N THR A 69 13.76 5.13 5.87
CA THR A 69 14.97 4.33 5.85
C THR A 69 14.73 2.97 5.19
N GLN A 70 15.76 2.44 4.54
CA GLN A 70 15.65 1.15 3.86
C GLN A 70 14.85 0.16 4.70
N LYS A 71 14.83 0.39 6.02
CA LYS A 71 14.11 -0.49 6.93
C LYS A 71 12.59 -0.29 6.78
N GLU A 72 12.16 0.96 6.71
CA GLU A 72 10.75 1.28 6.57
C GLU A 72 10.32 1.16 5.10
N VAL A 73 10.84 2.06 4.27
CA VAL A 73 10.51 2.06 2.85
C VAL A 73 10.33 0.64 2.33
N ALA A 74 11.05 -0.30 2.92
CA ALA A 74 10.97 -1.70 2.52
C ALA A 74 9.83 -2.40 3.23
N ALA A 75 9.68 -2.15 4.53
CA ALA A 75 8.63 -2.76 5.31
C ALA A 75 7.25 -2.20 4.94
N ALA A 76 7.14 -0.88 4.95
CA ALA A 76 5.89 -0.22 4.60
C ALA A 76 5.36 -0.70 3.26
N LYS A 77 6.25 -0.82 2.28
CA LYS A 77 5.88 -1.29 0.95
C LYS A 77 5.10 -2.59 1.03
N HIS A 78 5.47 -3.44 1.99
CA HIS A 78 4.79 -4.72 2.17
C HIS A 78 3.38 -4.52 2.72
N LEU A 79 3.27 -3.71 3.76
CA LEU A 79 1.97 -3.44 4.38
C LEU A 79 0.98 -2.90 3.35
N ILE A 80 1.38 -1.83 2.65
CA ILE A 80 0.52 -1.23 1.64
C ILE A 80 -0.09 -2.29 0.73
N LEU A 81 0.71 -3.27 0.35
CA LEU A 81 0.25 -4.35 -0.51
C LEU A 81 -0.79 -5.22 0.20
N GLU A 82 -0.50 -5.54 1.47
CA GLU A 82 -1.40 -6.36 2.26
C GLU A 82 -2.84 -5.88 2.13
N LYS A 83 -3.01 -4.60 1.82
CA LYS A 83 -4.33 -4.02 1.66
C LYS A 83 -4.81 -4.14 0.21
N VAL A 84 -3.89 -3.94 -0.74
CA VAL A 84 -4.22 -4.03 -2.15
C VAL A 84 -4.79 -5.40 -2.50
N SER A 85 -4.21 -6.45 -1.91
CA SER A 85 -4.65 -7.81 -2.16
C SER A 85 -6.01 -8.08 -1.50
N GLU A 86 -6.20 -7.47 -0.32
CA GLU A 86 -7.46 -7.64 0.41
C GLU A 86 -8.65 -7.20 -0.44
N ASP A 87 -8.62 -5.95 -0.87
CA ASP A 87 -9.69 -5.40 -1.70
C ASP A 87 -9.80 -6.14 -3.03
N GLU A 88 -8.65 -6.56 -3.56
CA GLU A 88 -8.62 -7.27 -4.83
C GLU A 88 -9.55 -8.48 -4.79
N GLU A 89 -9.54 -9.20 -3.68
CA GLU A 89 -10.39 -10.38 -3.53
C GLU A 89 -11.75 -10.00 -2.97
N LEU A 90 -11.76 -9.10 -1.98
CA LEU A 90 -13.01 -8.65 -1.37
C LEU A 90 -14.02 -8.24 -2.42
N ARG A 91 -13.53 -7.63 -3.50
CA ARG A 91 -14.39 -7.18 -4.59
C ARG A 91 -14.80 -8.35 -5.48
N LYS A 92 -14.01 -9.42 -5.43
CA LYS A 92 -14.27 -10.61 -6.23
C LYS A 92 -15.22 -11.56 -5.50
N ARG A 93 -15.13 -11.58 -4.17
CA ARG A 93 -15.98 -12.44 -3.36
C ARG A 93 -17.43 -11.97 -3.41
N ILE A 94 -17.63 -10.70 -3.73
CA ILE A 94 -18.98 -10.14 -3.81
C ILE A 94 -19.50 -10.17 -5.24
N ALA A 95 -18.58 -9.96 -6.20
CA ALA A 95 -18.95 -9.96 -7.61
C ALA A 95 -19.03 -11.39 -8.15
N HIS A 96 -18.00 -12.17 -7.89
CA HIS A 96 -17.95 -13.55 -8.36
C HIS A 96 -18.42 -13.66 -9.81
N SER A 97 -17.47 -13.56 -10.73
CA SER A 97 -17.79 -13.64 -12.16
C SER A 97 -17.46 -15.03 -12.71
N ALA A 98 -18.38 -15.96 -12.49
CA ALA A 98 -18.20 -17.33 -12.97
C ALA A 98 -16.82 -17.87 -12.59
N SER A 99 -16.38 -17.58 -11.37
CA SER A 99 -15.08 -18.02 -10.90
C SER A 99 -15.05 -18.08 -9.37
N GLY A 100 -13.99 -18.66 -8.83
CA GLY A 100 -13.86 -18.77 -7.38
C GLY A 100 -13.30 -20.12 -6.95
N PRO A 101 -12.00 -20.33 -7.18
CA PRO A 101 -11.33 -21.58 -6.82
C PRO A 101 -11.19 -21.75 -5.31
N SER A 102 -12.21 -22.35 -4.70
CA SER A 102 -12.21 -22.57 -3.25
C SER A 102 -12.40 -24.06 -2.94
N SER A 103 -11.31 -24.82 -3.04
CA SER A 103 -11.36 -26.25 -2.77
C SER A 103 -10.37 -26.63 -1.67
N GLY A 104 -9.27 -25.89 -1.60
CA GLY A 104 -8.26 -26.15 -0.59
C GLY A 104 -8.36 -25.21 0.60
N GLY A 1 19.85 -18.80 -2.60
CA GLY A 1 20.42 -18.72 -3.93
C GLY A 1 19.67 -17.75 -4.82
N SER A 2 20.04 -16.48 -4.77
CA SER A 2 19.37 -15.46 -5.58
C SER A 2 20.31 -14.27 -5.81
N SER A 3 20.76 -13.66 -4.73
CA SER A 3 21.66 -12.52 -4.82
C SER A 3 20.94 -11.32 -5.44
N GLY A 4 21.47 -10.12 -5.18
CA GLY A 4 20.86 -8.91 -5.72
C GLY A 4 21.08 -7.71 -4.83
N SER A 5 22.26 -7.10 -4.94
CA SER A 5 22.60 -5.93 -4.13
C SER A 5 22.35 -4.65 -4.91
N SER A 6 21.53 -3.77 -4.33
CA SER A 6 21.21 -2.50 -4.97
C SER A 6 20.98 -1.40 -3.93
N GLY A 7 21.57 -0.24 -4.15
CA GLY A 7 21.41 0.87 -3.23
C GLY A 7 22.44 0.85 -2.12
N ILE A 8 22.89 2.03 -1.71
CA ILE A 8 23.89 2.14 -0.66
C ILE A 8 23.40 3.02 0.49
N LEU A 9 23.92 2.78 1.68
CA LEU A 9 23.54 3.55 2.86
C LEU A 9 24.67 3.60 3.88
N THR A 10 24.45 4.35 4.96
CA THR A 10 25.46 4.49 6.01
C THR A 10 24.98 3.83 7.30
N GLU A 11 24.09 4.49 8.01
CA GLU A 11 23.56 3.98 9.26
C GLU A 11 22.03 3.93 9.24
N ASN A 12 21.45 4.51 8.19
CA ASN A 12 20.00 4.54 8.05
C ASN A 12 19.57 5.60 7.03
N THR A 13 20.39 5.80 6.01
CA THR A 13 20.11 6.78 4.98
C THR A 13 18.65 6.71 4.54
N PRO A 14 18.05 7.88 4.29
CA PRO A 14 16.64 7.97 3.85
C PRO A 14 16.45 7.44 2.43
N VAL A 15 15.21 7.09 2.10
CA VAL A 15 14.88 6.58 0.78
C VAL A 15 13.49 7.02 0.35
N PHE A 16 13.25 7.00 -0.96
CA PHE A 16 11.96 7.39 -1.51
C PHE A 16 11.49 6.41 -2.57
N GLU A 17 10.26 5.92 -2.42
CA GLU A 17 9.69 4.97 -3.38
C GLU A 17 8.27 5.36 -3.75
N GLN A 18 7.85 4.98 -4.96
CA GLN A 18 6.52 5.29 -5.44
C GLN A 18 5.76 4.02 -5.81
N LEU A 19 4.50 3.94 -5.38
CA LEU A 19 3.67 2.77 -5.67
C LEU A 19 2.33 3.20 -6.24
N SER A 20 2.05 2.76 -7.47
CA SER A 20 0.79 3.10 -8.13
C SER A 20 -0.28 2.05 -7.83
N VAL A 21 -1.36 2.49 -7.21
CA VAL A 21 -2.46 1.60 -6.87
C VAL A 21 -3.76 2.02 -7.55
N PRO A 22 -4.63 1.05 -7.82
CA PRO A 22 -5.92 1.30 -8.48
C PRO A 22 -6.90 2.05 -7.57
N GLN A 23 -7.77 2.83 -8.18
CA GLN A 23 -8.75 3.61 -7.43
C GLN A 23 -9.82 2.70 -6.83
N ARG A 24 -9.85 1.45 -7.29
CA ARG A 24 -10.82 0.48 -6.80
C ARG A 24 -10.36 -0.14 -5.48
N SER A 25 -9.04 -0.27 -5.32
CA SER A 25 -8.48 -0.84 -4.10
C SER A 25 -7.95 0.25 -3.18
N VAL A 26 -7.83 1.47 -3.72
CA VAL A 26 -7.35 2.59 -2.94
C VAL A 26 -8.23 2.86 -1.72
N GLY A 27 -9.48 2.40 -1.81
CA GLY A 27 -10.41 2.59 -0.71
C GLY A 27 -10.15 1.64 0.45
N ARG A 28 -9.39 0.58 0.18
CA ARG A 28 -9.07 -0.40 1.20
C ARG A 28 -7.68 -0.16 1.78
N ILE A 29 -6.79 0.39 0.95
CA ILE A 29 -5.42 0.68 1.38
C ILE A 29 -5.36 1.94 2.22
N ILE A 30 -5.98 3.01 1.72
CA ILE A 30 -6.00 4.28 2.44
C ILE A 30 -7.05 4.28 3.54
N GLY A 31 -8.07 3.44 3.37
CA GLY A 31 -9.13 3.36 4.37
C GLY A 31 -10.30 4.26 4.05
N ARG A 32 -11.01 4.71 5.08
CA ARG A 32 -12.16 5.58 4.90
C ARG A 32 -11.72 7.02 4.67
N GLY A 33 -10.57 7.39 5.22
CA GLY A 33 -10.06 8.74 5.06
C GLY A 33 -8.59 8.85 5.43
N GLY A 34 -7.90 7.72 5.44
CA GLY A 34 -6.48 7.72 5.79
C GLY A 34 -6.20 6.91 7.03
N GLU A 35 -7.20 6.76 7.90
CA GLU A 35 -7.04 6.01 9.14
C GLU A 35 -6.26 4.72 8.89
N THR A 36 -6.32 4.22 7.66
CA THR A 36 -5.64 3.00 7.29
C THR A 36 -4.24 3.29 6.76
N ILE A 37 -4.10 4.42 6.07
CA ILE A 37 -2.81 4.82 5.50
C ILE A 37 -1.89 5.36 6.58
N ARG A 38 -2.47 5.86 7.66
CA ARG A 38 -1.69 6.40 8.77
C ARG A 38 -1.15 5.29 9.66
N SER A 39 -1.91 4.21 9.78
CA SER A 39 -1.52 3.07 10.60
C SER A 39 -0.34 2.35 9.97
N ILE A 40 -0.08 2.62 8.70
CA ILE A 40 1.02 1.99 7.98
C ILE A 40 2.34 2.71 8.25
N CYS A 41 2.28 4.04 8.26
CA CYS A 41 3.47 4.85 8.51
C CYS A 41 4.03 4.59 9.90
N LYS A 42 3.15 4.28 10.84
CA LYS A 42 3.57 4.00 12.21
C LYS A 42 4.07 2.57 12.35
N ALA A 43 3.42 1.65 11.64
CA ALA A 43 3.81 0.24 11.68
C ALA A 43 5.17 0.02 11.03
N SER A 44 5.42 0.76 9.95
CA SER A 44 6.69 0.65 9.23
C SER A 44 7.65 1.77 9.63
N GLY A 45 7.09 2.94 9.93
CA GLY A 45 7.91 4.07 10.32
C GLY A 45 8.14 5.03 9.18
N ALA A 46 7.87 4.58 7.96
CA ALA A 46 8.07 5.42 6.77
C ALA A 46 6.84 6.27 6.50
N LYS A 47 7.03 7.35 5.76
CA LYS A 47 5.93 8.26 5.43
C LYS A 47 5.23 7.82 4.14
N ILE A 48 3.91 7.70 4.20
CA ILE A 48 3.13 7.28 3.05
C ILE A 48 2.20 8.41 2.59
N THR A 49 2.44 8.92 1.39
CA THR A 49 1.62 9.99 0.84
C THR A 49 1.19 9.67 -0.59
N CYS A 50 -0.04 10.06 -0.93
CA CYS A 50 -0.57 9.81 -2.26
C CYS A 50 -0.30 11.00 -3.19
N ASP A 51 -0.13 10.71 -4.48
CA ASP A 51 0.13 11.76 -5.46
C ASP A 51 -0.68 13.01 -5.15
N LYS A 52 -0.22 14.15 -5.67
CA LYS A 52 -0.91 15.42 -5.46
C LYS A 52 -1.01 16.21 -6.76
N GLU A 53 0.11 16.31 -7.48
CA GLU A 53 0.14 17.04 -8.74
C GLU A 53 -1.13 16.80 -9.54
N SER A 54 -1.71 15.62 -9.39
CA SER A 54 -2.93 15.26 -10.10
C SER A 54 -4.10 15.11 -9.12
N GLU A 55 -4.87 16.18 -8.97
CA GLU A 55 -6.02 16.16 -8.07
C GLU A 55 -6.86 14.90 -8.28
N GLY A 56 -7.60 14.52 -7.25
CA GLY A 56 -8.44 13.33 -7.34
C GLY A 56 -9.78 13.61 -7.99
N THR A 57 -9.74 14.19 -9.19
CA THR A 57 -10.96 14.51 -9.93
C THR A 57 -11.71 13.25 -10.33
N LEU A 58 -11.17 12.55 -11.32
CA LEU A 58 -11.79 11.31 -11.80
C LEU A 58 -10.74 10.38 -12.42
N LEU A 59 -9.52 10.45 -11.91
CA LEU A 59 -8.44 9.61 -12.40
C LEU A 59 -8.87 8.15 -12.48
N LEU A 60 -7.96 7.30 -12.93
CA LEU A 60 -8.24 5.88 -13.05
C LEU A 60 -7.58 5.08 -11.92
N SER A 61 -6.34 5.44 -11.61
CA SER A 61 -5.60 4.76 -10.55
C SER A 61 -4.89 5.77 -9.67
N ARG A 62 -4.77 5.45 -8.37
CA ARG A 62 -4.11 6.33 -7.42
C ARG A 62 -2.64 5.97 -7.29
N LEU A 63 -1.88 6.86 -6.65
CA LEU A 63 -0.45 6.64 -6.44
C LEU A 63 -0.06 6.86 -4.98
N ILE A 64 1.03 6.23 -4.57
CA ILE A 64 1.51 6.35 -3.19
C ILE A 64 3.01 6.64 -3.16
N LYS A 65 3.45 7.28 -2.09
CA LYS A 65 4.86 7.61 -1.93
C LYS A 65 5.38 7.15 -0.58
N ILE A 66 6.30 6.18 -0.60
CA ILE A 66 6.89 5.65 0.63
C ILE A 66 8.29 6.18 0.85
N SER A 67 8.47 6.93 1.93
CA SER A 67 9.77 7.51 2.27
C SER A 67 10.25 7.01 3.62
N GLY A 68 11.57 6.97 3.79
CA GLY A 68 12.15 6.52 5.05
C GLY A 68 13.41 5.71 4.85
N THR A 69 13.81 4.98 5.89
CA THR A 69 15.02 4.15 5.82
C THR A 69 14.77 2.89 5.01
N GLN A 70 15.80 2.44 4.31
CA GLN A 70 15.70 1.23 3.49
C GLN A 70 14.84 0.18 4.19
N LYS A 71 14.86 0.18 5.52
CA LYS A 71 14.08 -0.77 6.30
C LYS A 71 12.59 -0.48 6.18
N GLU A 72 12.21 0.76 6.45
CA GLU A 72 10.81 1.16 6.37
C GLU A 72 10.31 1.09 4.92
N VAL A 73 10.82 2.00 4.08
CA VAL A 73 10.43 2.04 2.68
C VAL A 73 10.29 0.64 2.11
N ALA A 74 11.02 -0.31 2.68
CA ALA A 74 10.97 -1.70 2.22
C ALA A 74 9.88 -2.47 2.96
N ALA A 75 9.72 -2.19 4.25
CA ALA A 75 8.72 -2.87 5.06
C ALA A 75 7.33 -2.32 4.77
N ALA A 76 7.17 -1.01 4.92
CA ALA A 76 5.89 -0.35 4.68
C ALA A 76 5.32 -0.75 3.32
N LYS A 77 6.20 -0.96 2.35
CA LYS A 77 5.79 -1.35 1.01
C LYS A 77 4.96 -2.63 1.04
N HIS A 78 5.30 -3.52 1.96
CA HIS A 78 4.57 -4.78 2.11
C HIS A 78 3.22 -4.57 2.76
N LEU A 79 3.20 -3.77 3.82
CA LEU A 79 1.96 -3.49 4.55
C LEU A 79 0.91 -2.90 3.61
N ILE A 80 1.34 -1.99 2.74
CA ILE A 80 0.44 -1.36 1.79
C ILE A 80 -0.13 -2.37 0.82
N LEU A 81 0.64 -3.40 0.52
CA LEU A 81 0.22 -4.45 -0.41
C LEU A 81 -0.82 -5.35 0.25
N GLU A 82 -0.66 -5.59 1.55
CA GLU A 82 -1.57 -6.44 2.29
C GLU A 82 -3.01 -5.98 2.11
N LYS A 83 -3.19 -4.68 1.84
CA LYS A 83 -4.51 -4.11 1.64
C LYS A 83 -4.96 -4.26 0.20
N VAL A 84 -4.01 -4.10 -0.73
CA VAL A 84 -4.31 -4.21 -2.16
C VAL A 84 -4.84 -5.61 -2.49
N SER A 85 -4.32 -6.62 -1.78
CA SER A 85 -4.74 -8.00 -2.01
C SER A 85 -6.11 -8.26 -1.40
N GLU A 86 -6.44 -7.52 -0.35
CA GLU A 86 -7.72 -7.68 0.34
C GLU A 86 -8.87 -7.28 -0.60
N ASP A 87 -8.87 -6.02 -1.01
CA ASP A 87 -9.91 -5.52 -1.90
C ASP A 87 -9.89 -6.25 -3.24
N GLU A 88 -8.71 -6.75 -3.61
CA GLU A 88 -8.55 -7.46 -4.87
C GLU A 88 -9.37 -8.75 -4.87
N GLU A 89 -9.44 -9.40 -3.71
CA GLU A 89 -10.20 -10.65 -3.59
C GLU A 89 -11.63 -10.38 -3.14
N LEU A 90 -11.77 -9.61 -2.06
CA LEU A 90 -13.09 -9.28 -1.53
C LEU A 90 -14.08 -9.03 -2.65
N ARG A 91 -13.65 -8.31 -3.67
CA ARG A 91 -14.50 -8.00 -4.82
C ARG A 91 -14.85 -9.27 -5.59
N LYS A 92 -13.87 -10.16 -5.73
CA LYS A 92 -14.07 -11.41 -6.45
C LYS A 92 -14.95 -12.36 -5.64
N ARG A 93 -14.80 -12.32 -4.33
CA ARG A 93 -15.58 -13.19 -3.44
C ARG A 93 -17.08 -12.91 -3.60
N ILE A 94 -17.40 -11.70 -4.07
CA ILE A 94 -18.79 -11.31 -4.26
C ILE A 94 -19.25 -11.60 -5.68
N ALA A 95 -18.45 -11.20 -6.66
CA ALA A 95 -18.78 -11.42 -8.06
C ALA A 95 -18.83 -12.91 -8.38
N HIS A 96 -17.86 -13.65 -7.88
CA HIS A 96 -17.80 -15.10 -8.11
C HIS A 96 -18.46 -15.86 -6.96
N SER A 97 -19.36 -16.77 -7.31
CA SER A 97 -20.06 -17.56 -6.30
C SER A 97 -20.37 -18.96 -6.84
N ALA A 98 -19.52 -19.92 -6.50
CA ALA A 98 -19.70 -21.30 -6.94
C ALA A 98 -19.16 -22.28 -5.91
N SER A 99 -17.93 -22.05 -5.47
CA SER A 99 -17.29 -22.92 -4.48
C SER A 99 -16.65 -22.09 -3.37
N GLY A 100 -16.09 -22.79 -2.38
CA GLY A 100 -15.45 -22.11 -1.27
C GLY A 100 -13.96 -21.94 -1.48
N PRO A 101 -13.39 -20.91 -0.83
CA PRO A 101 -11.96 -20.60 -0.94
C PRO A 101 -11.09 -21.65 -0.26
N SER A 102 -9.93 -21.93 -0.84
CA SER A 102 -9.02 -22.92 -0.28
C SER A 102 -7.65 -22.30 0.00
N SER A 103 -7.04 -22.69 1.12
CA SER A 103 -5.73 -22.16 1.49
C SER A 103 -5.82 -20.67 1.79
N GLY A 104 -6.00 -20.33 3.06
CA GLY A 104 -6.09 -18.93 3.45
C GLY A 104 -5.01 -18.53 4.44
N GLY A 1 14.47 -20.40 -4.43
CA GLY A 1 15.91 -20.33 -4.37
C GLY A 1 16.48 -19.18 -5.17
N SER A 2 16.35 -17.96 -4.64
CA SER A 2 16.85 -16.77 -5.32
C SER A 2 17.76 -15.96 -4.39
N SER A 3 18.59 -15.12 -4.99
CA SER A 3 19.52 -14.29 -4.23
C SER A 3 19.13 -12.82 -4.34
N GLY A 4 19.61 -12.02 -3.38
CA GLY A 4 19.31 -10.60 -3.39
C GLY A 4 19.44 -9.98 -2.01
N SER A 5 20.62 -9.43 -1.72
CA SER A 5 20.88 -8.80 -0.43
C SER A 5 20.58 -7.30 -0.49
N SER A 6 19.80 -6.82 0.47
CA SER A 6 19.45 -5.41 0.53
C SER A 6 20.18 -4.71 1.66
N GLY A 7 21.22 -3.96 1.31
CA GLY A 7 21.99 -3.24 2.32
C GLY A 7 22.80 -2.10 1.72
N ILE A 8 22.13 -1.00 1.40
CA ILE A 8 22.80 0.15 0.83
C ILE A 8 22.48 1.43 1.62
N LEU A 9 23.42 1.85 2.45
CA LEU A 9 23.24 3.05 3.25
C LEU A 9 24.44 3.27 4.17
N THR A 10 24.33 4.26 5.05
CA THR A 10 25.40 4.58 5.98
C THR A 10 25.05 4.16 7.40
N GLU A 11 23.77 4.30 7.75
CA GLU A 11 23.29 3.92 9.08
C GLU A 11 21.80 4.22 9.23
N ASN A 12 21.33 5.23 8.51
CA ASN A 12 19.93 5.62 8.56
C ASN A 12 19.54 6.44 7.34
N THR A 13 20.35 6.33 6.28
CA THR A 13 20.09 7.06 5.05
C THR A 13 18.63 6.91 4.61
N PRO A 14 17.98 8.05 4.31
CA PRO A 14 16.59 8.07 3.87
C PRO A 14 16.41 7.48 2.47
N VAL A 15 15.17 7.11 2.14
CA VAL A 15 14.87 6.53 0.85
C VAL A 15 13.50 7.01 0.33
N PHE A 16 13.29 6.86 -0.97
CA PHE A 16 12.03 7.27 -1.58
C PHE A 16 11.56 6.25 -2.61
N GLU A 17 10.30 5.86 -2.53
CA GLU A 17 9.73 4.89 -3.45
C GLU A 17 8.33 5.31 -3.89
N GLN A 18 7.84 4.70 -4.97
CA GLN A 18 6.52 5.01 -5.49
C GLN A 18 5.75 3.73 -5.81
N LEU A 19 4.47 3.70 -5.44
CA LEU A 19 3.63 2.55 -5.68
C LEU A 19 2.30 2.96 -6.30
N SER A 20 2.04 2.49 -7.52
CA SER A 20 0.79 2.81 -8.21
C SER A 20 -0.28 1.78 -7.90
N VAL A 21 -1.39 2.26 -7.33
CA VAL A 21 -2.50 1.38 -6.98
C VAL A 21 -3.81 1.88 -7.60
N PRO A 22 -4.72 0.94 -7.89
CA PRO A 22 -6.02 1.25 -8.49
C PRO A 22 -6.93 1.99 -7.51
N GLN A 23 -7.70 2.94 -8.03
CA GLN A 23 -8.63 3.71 -7.21
C GLN A 23 -9.69 2.81 -6.58
N ARG A 24 -9.75 1.57 -7.05
CA ARG A 24 -10.72 0.60 -6.54
C ARG A 24 -10.19 -0.07 -5.28
N SER A 25 -8.87 -0.09 -5.13
CA SER A 25 -8.24 -0.71 -3.97
C SER A 25 -7.65 0.34 -3.04
N VAL A 26 -7.58 1.58 -3.52
CA VAL A 26 -7.04 2.68 -2.75
C VAL A 26 -7.88 2.95 -1.51
N GLY A 27 -9.09 2.40 -1.49
CA GLY A 27 -9.98 2.58 -0.36
C GLY A 27 -9.61 1.71 0.82
N ARG A 28 -8.91 0.62 0.54
CA ARG A 28 -8.50 -0.31 1.58
C ARG A 28 -7.09 0.02 2.08
N ILE A 29 -6.29 0.66 1.22
CA ILE A 29 -4.93 1.03 1.57
C ILE A 29 -4.91 2.30 2.42
N ILE A 30 -5.73 3.27 2.03
CA ILE A 30 -5.80 4.54 2.76
C ILE A 30 -6.85 4.48 3.85
N GLY A 31 -7.92 3.72 3.60
CA GLY A 31 -8.98 3.60 4.58
C GLY A 31 -10.16 4.51 4.29
N ARG A 32 -10.80 5.00 5.36
CA ARG A 32 -11.95 5.89 5.21
C ARG A 32 -11.49 7.35 5.13
N GLY A 33 -10.23 7.55 4.73
CA GLY A 33 -9.70 8.89 4.63
C GLY A 33 -8.25 8.97 5.02
N GLY A 34 -7.74 7.90 5.61
CA GLY A 34 -6.34 7.87 6.04
C GLY A 34 -6.13 7.02 7.27
N GLU A 35 -7.18 6.87 8.07
CA GLU A 35 -7.11 6.07 9.29
C GLU A 35 -6.28 4.80 9.06
N THR A 36 -6.26 4.33 7.81
CA THR A 36 -5.52 3.13 7.47
C THR A 36 -4.13 3.48 6.93
N ILE A 37 -4.03 4.61 6.25
CA ILE A 37 -2.76 5.05 5.70
C ILE A 37 -1.79 5.47 6.80
N ARG A 38 -2.35 5.92 7.92
CA ARG A 38 -1.53 6.35 9.06
C ARG A 38 -1.01 5.14 9.84
N SER A 39 -1.85 4.12 9.98
CA SER A 39 -1.48 2.91 10.70
C SER A 39 -0.29 2.23 10.03
N ILE A 40 -0.13 2.47 8.74
CA ILE A 40 0.97 1.87 7.98
C ILE A 40 2.29 2.58 8.28
N CYS A 41 2.27 3.91 8.24
CA CYS A 41 3.45 4.70 8.51
C CYS A 41 4.02 4.40 9.89
N LYS A 42 3.13 4.13 10.84
CA LYS A 42 3.54 3.81 12.20
C LYS A 42 3.87 2.33 12.35
N ALA A 43 3.29 1.51 11.48
CA ALA A 43 3.53 0.07 11.51
C ALA A 43 4.86 -0.28 10.85
N SER A 44 5.34 0.63 10.00
CA SER A 44 6.60 0.42 9.30
C SER A 44 7.61 1.51 9.64
N GLY A 45 7.11 2.72 9.85
CA GLY A 45 7.99 3.83 10.18
C GLY A 45 8.20 4.78 9.02
N ALA A 46 7.91 4.29 7.82
CA ALA A 46 8.07 5.11 6.61
C ALA A 46 6.83 5.97 6.36
N LYS A 47 7.05 7.18 5.87
CA LYS A 47 5.97 8.10 5.58
C LYS A 47 5.25 7.71 4.28
N ILE A 48 3.93 7.59 4.35
CA ILE A 48 3.13 7.23 3.18
C ILE A 48 2.26 8.39 2.73
N THR A 49 2.31 8.70 1.43
CA THR A 49 1.53 9.79 0.87
C THR A 49 0.94 9.39 -0.48
N CYS A 50 -0.04 10.18 -0.94
CA CYS A 50 -0.69 9.91 -2.22
C CYS A 50 -0.18 10.87 -3.29
N ASP A 51 0.31 10.31 -4.39
CA ASP A 51 0.83 11.12 -5.49
C ASP A 51 1.52 12.38 -4.98
N LYS A 52 1.52 13.42 -5.79
CA LYS A 52 2.15 14.68 -5.42
C LYS A 52 1.43 15.86 -6.07
N GLU A 53 1.46 15.91 -7.40
CA GLU A 53 0.81 16.99 -8.13
C GLU A 53 -0.68 16.71 -8.28
N SER A 54 -1.11 15.53 -7.86
CA SER A 54 -2.51 15.14 -7.95
C SER A 54 -3.40 16.18 -7.28
N GLU A 55 -4.65 16.27 -7.73
CA GLU A 55 -5.60 17.22 -7.17
C GLU A 55 -6.84 16.49 -6.64
N GLY A 56 -7.29 15.49 -7.37
CA GLY A 56 -8.46 14.73 -6.95
C GLY A 56 -9.67 15.02 -7.81
N THR A 57 -9.49 15.01 -9.12
CA THR A 57 -10.57 15.28 -10.06
C THR A 57 -11.46 14.06 -10.24
N LEU A 58 -10.94 13.05 -10.94
CA LEU A 58 -11.68 11.82 -11.18
C LEU A 58 -10.82 10.80 -11.93
N LEU A 59 -9.54 10.74 -11.57
CA LEU A 59 -8.62 9.80 -12.20
C LEU A 59 -9.17 8.38 -12.17
N LEU A 60 -8.36 7.44 -12.62
CA LEU A 60 -8.77 6.03 -12.65
C LEU A 60 -7.90 5.20 -11.72
N SER A 61 -6.64 5.62 -11.56
CA SER A 61 -5.71 4.90 -10.70
C SER A 61 -5.03 5.87 -9.73
N ARG A 62 -4.77 5.38 -8.51
CA ARG A 62 -4.13 6.19 -7.49
C ARG A 62 -2.64 5.86 -7.39
N LEU A 63 -1.89 6.72 -6.72
CA LEU A 63 -0.46 6.51 -6.55
C LEU A 63 -0.02 6.83 -5.12
N ILE A 64 0.98 6.10 -4.63
CA ILE A 64 1.49 6.31 -3.28
C ILE A 64 2.99 6.56 -3.29
N LYS A 65 3.48 7.25 -2.27
CA LYS A 65 4.91 7.55 -2.16
C LYS A 65 5.44 7.15 -0.78
N ILE A 66 6.26 6.11 -0.75
CA ILE A 66 6.85 5.64 0.50
C ILE A 66 8.23 6.24 0.73
N SER A 67 8.39 6.93 1.86
CA SER A 67 9.67 7.54 2.19
C SER A 67 10.14 7.10 3.57
N GLY A 68 11.46 7.00 3.73
CA GLY A 68 12.02 6.58 5.00
C GLY A 68 13.30 5.80 4.85
N THR A 69 13.73 5.14 5.91
CA THR A 69 14.95 4.35 5.89
C THR A 69 14.76 3.05 5.10
N GLN A 70 15.83 2.57 4.49
CA GLN A 70 15.77 1.34 3.70
C GLN A 70 14.94 0.28 4.42
N LYS A 71 14.88 0.38 5.74
CA LYS A 71 14.12 -0.58 6.54
C LYS A 71 12.62 -0.34 6.39
N GLU A 72 12.21 0.91 6.56
CA GLU A 72 10.80 1.27 6.44
C GLU A 72 10.33 1.17 5.00
N VAL A 73 10.83 2.06 4.15
CA VAL A 73 10.47 2.07 2.74
C VAL A 73 10.34 0.65 2.20
N ALA A 74 11.09 -0.27 2.79
CA ALA A 74 11.06 -1.67 2.37
C ALA A 74 9.94 -2.43 3.07
N ALA A 75 9.73 -2.12 4.35
CA ALA A 75 8.70 -2.78 5.13
C ALA A 75 7.32 -2.20 4.82
N ALA A 76 7.19 -0.89 4.95
CA ALA A 76 5.93 -0.21 4.68
C ALA A 76 5.35 -0.66 3.34
N LYS A 77 6.23 -0.86 2.36
CA LYS A 77 5.81 -1.28 1.03
C LYS A 77 5.04 -2.59 1.10
N HIS A 78 5.43 -3.46 2.02
CA HIS A 78 4.77 -4.75 2.18
C HIS A 78 3.40 -4.58 2.85
N LEU A 79 3.31 -3.62 3.77
CA LEU A 79 2.06 -3.36 4.48
C LEU A 79 1.04 -2.72 3.55
N ILE A 80 1.50 -1.87 2.66
CA ILE A 80 0.61 -1.20 1.71
C ILE A 80 -0.01 -2.19 0.75
N LEU A 81 0.76 -3.21 0.38
CA LEU A 81 0.27 -4.24 -0.54
C LEU A 81 -0.78 -5.13 0.13
N GLU A 82 -0.56 -5.41 1.41
CA GLU A 82 -1.49 -6.24 2.17
C GLU A 82 -2.91 -5.71 2.08
N LYS A 83 -3.04 -4.43 1.74
CA LYS A 83 -4.34 -3.79 1.61
C LYS A 83 -4.87 -3.91 0.19
N VAL A 84 -3.98 -3.80 -0.78
CA VAL A 84 -4.35 -3.90 -2.19
C VAL A 84 -4.88 -5.30 -2.51
N SER A 85 -4.32 -6.31 -1.84
CA SER A 85 -4.74 -7.69 -2.06
C SER A 85 -6.07 -7.97 -1.38
N GLU A 86 -6.25 -7.41 -0.19
CA GLU A 86 -7.47 -7.61 0.58
C GLU A 86 -8.70 -7.21 -0.25
N ASP A 87 -8.72 -5.97 -0.71
CA ASP A 87 -9.82 -5.47 -1.51
C ASP A 87 -9.89 -6.20 -2.86
N GLU A 88 -8.74 -6.63 -3.35
CA GLU A 88 -8.67 -7.34 -4.62
C GLU A 88 -9.44 -8.65 -4.56
N GLU A 89 -9.43 -9.28 -3.38
CA GLU A 89 -10.13 -10.54 -3.19
C GLU A 89 -11.53 -10.31 -2.64
N LEU A 90 -11.64 -9.53 -1.57
CA LEU A 90 -12.91 -9.23 -0.95
C LEU A 90 -13.98 -8.97 -2.01
N ARG A 91 -13.61 -8.23 -3.05
CA ARG A 91 -14.54 -7.92 -4.14
C ARG A 91 -14.86 -9.15 -4.95
N LYS A 92 -13.89 -10.05 -5.07
CA LYS A 92 -14.06 -11.28 -5.83
C LYS A 92 -14.95 -12.27 -5.07
N ARG A 93 -14.70 -12.38 -3.77
CA ARG A 93 -15.47 -13.30 -2.93
C ARG A 93 -16.97 -12.97 -2.99
N ILE A 94 -17.27 -11.71 -3.25
CA ILE A 94 -18.66 -11.26 -3.34
C ILE A 94 -19.18 -11.36 -4.77
N ALA A 95 -18.38 -10.87 -5.72
CA ALA A 95 -18.75 -10.92 -7.13
C ALA A 95 -18.96 -12.36 -7.60
N HIS A 96 -18.14 -13.27 -7.08
CA HIS A 96 -18.23 -14.68 -7.46
C HIS A 96 -18.99 -15.47 -6.39
N SER A 97 -20.23 -15.81 -6.71
CA SER A 97 -21.07 -16.57 -5.78
C SER A 97 -20.95 -18.07 -6.05
N ALA A 98 -20.33 -18.78 -5.10
CA ALA A 98 -20.14 -20.22 -5.23
C ALA A 98 -19.72 -20.83 -3.90
N SER A 99 -20.22 -20.27 -2.80
CA SER A 99 -19.89 -20.76 -1.47
C SER A 99 -20.33 -22.21 -1.30
N GLY A 100 -19.99 -22.79 -0.15
CA GLY A 100 -20.35 -24.18 0.11
C GLY A 100 -20.72 -24.41 1.56
N PRO A 101 -19.84 -25.11 2.30
CA PRO A 101 -20.05 -25.41 3.71
C PRO A 101 -19.96 -24.17 4.60
N SER A 102 -21.11 -23.72 5.11
CA SER A 102 -21.16 -22.54 5.97
C SER A 102 -22.34 -22.61 6.93
N SER A 103 -23.52 -22.85 6.38
CA SER A 103 -24.73 -22.94 7.18
C SER A 103 -25.03 -24.39 7.56
N GLY A 104 -24.81 -24.72 8.84
CA GLY A 104 -25.06 -26.07 9.30
C GLY A 104 -25.96 -26.10 10.53
N GLY A 1 5.61 -14.08 -3.14
CA GLY A 1 6.95 -13.88 -3.66
C GLY A 1 7.55 -12.55 -3.21
N SER A 2 8.71 -12.62 -2.56
CA SER A 2 9.39 -11.43 -2.08
C SER A 2 10.90 -11.59 -2.16
N SER A 3 11.53 -10.84 -3.06
CA SER A 3 12.97 -10.89 -3.24
C SER A 3 13.51 -9.59 -3.81
N GLY A 4 14.82 -9.44 -3.81
CA GLY A 4 15.44 -8.22 -4.32
C GLY A 4 16.82 -7.99 -3.74
N SER A 5 16.89 -7.21 -2.67
CA SER A 5 18.17 -6.91 -2.03
C SER A 5 19.01 -5.99 -2.91
N SER A 6 18.74 -4.69 -2.82
CA SER A 6 19.47 -3.71 -3.62
C SER A 6 19.55 -2.37 -2.88
N GLY A 7 20.43 -1.50 -3.34
CA GLY A 7 20.59 -0.19 -2.72
C GLY A 7 21.70 -0.17 -1.70
N ILE A 8 22.31 1.00 -1.52
CA ILE A 8 23.39 1.14 -0.56
C ILE A 8 23.03 2.14 0.55
N LEU A 9 23.65 1.99 1.70
CA LEU A 9 23.38 2.87 2.84
C LEU A 9 24.56 2.87 3.81
N THR A 10 24.50 3.74 4.82
CA THR A 10 25.55 3.85 5.81
C THR A 10 25.07 3.35 7.17
N GLU A 11 24.16 4.10 7.78
CA GLU A 11 23.63 3.74 9.09
C GLU A 11 22.10 3.68 9.05
N ASN A 12 21.51 4.43 8.13
CA ASN A 12 20.05 4.47 7.98
C ASN A 12 19.63 5.46 6.91
N THR A 13 20.49 5.63 5.91
CA THR A 13 20.21 6.56 4.82
C THR A 13 18.75 6.51 4.41
N PRO A 14 18.18 7.68 4.09
CA PRO A 14 16.78 7.80 3.69
C PRO A 14 16.52 7.19 2.31
N VAL A 15 15.25 6.92 2.02
CA VAL A 15 14.87 6.34 0.73
C VAL A 15 13.50 6.85 0.29
N PHE A 16 13.28 6.85 -1.03
CA PHE A 16 12.03 7.32 -1.59
C PHE A 16 11.54 6.39 -2.69
N GLU A 17 10.40 5.74 -2.46
CA GLU A 17 9.84 4.81 -3.43
C GLU A 17 8.41 5.20 -3.79
N GLN A 18 8.00 4.91 -5.02
CA GLN A 18 6.66 5.22 -5.47
C GLN A 18 5.89 3.96 -5.84
N LEU A 19 4.64 3.87 -5.38
CA LEU A 19 3.80 2.71 -5.67
C LEU A 19 2.45 3.14 -6.23
N SER A 20 2.17 2.70 -7.45
CA SER A 20 0.90 3.04 -8.10
C SER A 20 -0.17 2.01 -7.78
N VAL A 21 -1.27 2.47 -7.19
CA VAL A 21 -2.37 1.58 -6.83
C VAL A 21 -3.68 2.04 -7.46
N PRO A 22 -4.58 1.09 -7.71
CA PRO A 22 -5.89 1.38 -8.31
C PRO A 22 -6.81 2.15 -7.37
N GLN A 23 -7.72 2.93 -7.95
CA GLN A 23 -8.66 3.71 -7.15
C GLN A 23 -9.75 2.82 -6.56
N ARG A 24 -9.77 1.57 -6.99
CA ARG A 24 -10.76 0.61 -6.50
C ARG A 24 -10.31 0.00 -5.17
N SER A 25 -9.01 -0.25 -5.04
CA SER A 25 -8.46 -0.83 -3.83
C SER A 25 -7.92 0.25 -2.90
N VAL A 26 -7.85 1.47 -3.41
CA VAL A 26 -7.35 2.59 -2.62
C VAL A 26 -8.19 2.80 -1.38
N GLY A 27 -9.49 2.52 -1.49
CA GLY A 27 -10.39 2.69 -0.36
C GLY A 27 -10.08 1.73 0.77
N ARG A 28 -9.39 0.64 0.45
CA ARG A 28 -9.04 -0.36 1.46
C ARG A 28 -7.63 -0.12 1.99
N ILE A 29 -6.76 0.41 1.13
CA ILE A 29 -5.38 0.70 1.51
C ILE A 29 -5.30 1.97 2.35
N ILE A 30 -5.85 3.06 1.83
CA ILE A 30 -5.83 4.34 2.53
C ILE A 30 -6.70 4.29 3.78
N GLY A 31 -7.87 3.68 3.65
CA GLY A 31 -8.78 3.58 4.78
C GLY A 31 -9.63 4.82 4.96
N ARG A 32 -10.55 4.77 5.91
CA ARG A 32 -11.43 5.90 6.18
C ARG A 32 -10.62 7.17 6.42
N GLY A 33 -10.62 8.08 5.45
CA GLY A 33 -9.89 9.32 5.58
C GLY A 33 -8.42 9.10 5.83
N GLY A 34 -7.95 7.86 5.61
CA GLY A 34 -6.56 7.54 5.83
C GLY A 34 -6.34 6.70 7.07
N GLU A 35 -7.41 6.49 7.84
CA GLU A 35 -7.32 5.71 9.07
C GLU A 35 -6.41 4.50 8.88
N THR A 36 -6.35 4.01 7.64
CA THR A 36 -5.51 2.86 7.32
C THR A 36 -4.15 3.28 6.80
N ILE A 37 -4.11 4.43 6.12
CA ILE A 37 -2.87 4.94 5.58
C ILE A 37 -1.95 5.45 6.69
N ARG A 38 -2.55 5.78 7.84
CA ARG A 38 -1.78 6.27 8.97
C ARG A 38 -1.20 5.12 9.79
N SER A 39 -1.98 4.06 9.94
CA SER A 39 -1.54 2.89 10.69
C SER A 39 -0.31 2.27 10.06
N ILE A 40 -0.09 2.55 8.78
CA ILE A 40 1.05 2.01 8.06
C ILE A 40 2.33 2.74 8.44
N CYS A 41 2.35 4.05 8.22
CA CYS A 41 3.51 4.86 8.55
C CYS A 41 4.05 4.52 9.94
N LYS A 42 3.14 4.17 10.84
CA LYS A 42 3.51 3.82 12.21
C LYS A 42 3.91 2.34 12.30
N ALA A 43 3.36 1.54 11.40
CA ALA A 43 3.65 0.11 11.39
C ALA A 43 4.95 -0.18 10.62
N SER A 44 5.38 0.79 9.82
CA SER A 44 6.60 0.65 9.03
C SER A 44 7.63 1.69 9.43
N GLY A 45 7.15 2.90 9.74
CA GLY A 45 8.05 3.98 10.13
C GLY A 45 8.27 4.98 9.01
N ALA A 46 7.97 4.56 7.78
CA ALA A 46 8.14 5.43 6.62
C ALA A 46 6.87 6.23 6.35
N LYS A 47 7.04 7.40 5.73
CA LYS A 47 5.91 8.26 5.42
C LYS A 47 5.21 7.79 4.14
N ILE A 48 3.88 7.72 4.20
CA ILE A 48 3.09 7.28 3.06
C ILE A 48 2.15 8.38 2.58
N THR A 49 2.40 8.90 1.38
CA THR A 49 1.58 9.95 0.81
C THR A 49 1.04 9.56 -0.56
N CYS A 50 -0.07 10.16 -0.94
CA CYS A 50 -0.69 9.87 -2.24
C CYS A 50 -0.48 11.02 -3.21
N ASP A 51 -0.28 10.68 -4.48
CA ASP A 51 -0.07 11.68 -5.52
C ASP A 51 -0.91 12.93 -5.25
N LYS A 52 -0.44 14.06 -5.75
CA LYS A 52 -1.16 15.33 -5.58
C LYS A 52 -1.28 16.08 -6.89
N GLU A 53 -0.17 16.16 -7.62
CA GLU A 53 -0.15 16.86 -8.91
C GLU A 53 -1.40 16.53 -9.72
N SER A 54 -1.99 15.38 -9.42
CA SER A 54 -3.20 14.94 -10.14
C SER A 54 -4.45 15.25 -9.32
N GLU A 55 -5.58 15.37 -10.02
CA GLU A 55 -6.85 15.66 -9.36
C GLU A 55 -7.03 14.79 -8.12
N GLY A 56 -6.63 13.53 -8.22
CA GLY A 56 -6.77 12.61 -7.11
C GLY A 56 -8.20 12.50 -6.61
N THR A 57 -9.15 12.57 -7.54
CA THR A 57 -10.57 12.48 -7.19
C THR A 57 -11.15 11.15 -7.61
N LEU A 58 -11.48 11.01 -8.89
CA LEU A 58 -12.05 9.78 -9.41
C LEU A 58 -11.22 9.25 -10.58
N LEU A 59 -9.94 9.60 -10.60
CA LEU A 59 -9.04 9.16 -11.65
C LEU A 59 -9.11 7.65 -11.84
N LEU A 60 -8.26 7.12 -12.70
CA LEU A 60 -8.22 5.68 -12.96
C LEU A 60 -7.55 4.93 -11.81
N SER A 61 -6.31 5.31 -11.52
CA SER A 61 -5.56 4.67 -10.44
C SER A 61 -4.81 5.72 -9.61
N ARG A 62 -4.70 5.45 -8.31
CA ARG A 62 -4.01 6.36 -7.40
C ARG A 62 -2.54 6.00 -7.28
N LEU A 63 -1.77 6.87 -6.64
CA LEU A 63 -0.34 6.65 -6.45
C LEU A 63 0.06 6.86 -4.99
N ILE A 64 1.16 6.23 -4.59
CA ILE A 64 1.64 6.36 -3.22
C ILE A 64 3.14 6.64 -3.19
N LYS A 65 3.60 7.30 -2.14
CA LYS A 65 5.02 7.63 -1.99
C LYS A 65 5.53 7.19 -0.63
N ILE A 66 6.37 6.16 -0.61
CA ILE A 66 6.94 5.65 0.63
C ILE A 66 8.34 6.22 0.86
N SER A 67 8.49 6.98 1.93
CA SER A 67 9.77 7.59 2.26
C SER A 67 10.23 7.14 3.65
N GLY A 68 11.55 7.04 3.82
CA GLY A 68 12.10 6.62 5.09
C GLY A 68 13.38 5.82 4.94
N THR A 69 13.72 5.05 5.96
CA THR A 69 14.92 4.23 5.94
C THR A 69 14.70 2.94 5.16
N GLN A 70 15.78 2.43 4.57
CA GLN A 70 15.69 1.19 3.78
C GLN A 70 14.75 0.20 4.45
N LYS A 71 14.75 0.19 5.78
CA LYS A 71 13.89 -0.72 6.55
C LYS A 71 12.42 -0.38 6.34
N GLU A 72 12.06 0.88 6.54
CA GLU A 72 10.69 1.33 6.37
C GLU A 72 10.26 1.24 4.91
N VAL A 73 10.85 2.09 4.08
CA VAL A 73 10.53 2.12 2.66
C VAL A 73 10.36 0.70 2.10
N ALA A 74 11.05 -0.25 2.73
CA ALA A 74 10.98 -1.65 2.31
C ALA A 74 9.81 -2.36 2.98
N ALA A 75 9.57 -2.04 4.24
CA ALA A 75 8.48 -2.65 4.99
C ALA A 75 7.13 -2.02 4.62
N ALA A 76 7.05 -0.70 4.76
CA ALA A 76 5.82 0.01 4.44
C ALA A 76 5.26 -0.43 3.10
N LYS A 77 6.14 -0.85 2.20
CA LYS A 77 5.74 -1.30 0.87
C LYS A 77 4.93 -2.59 0.97
N HIS A 78 5.32 -3.47 1.89
CA HIS A 78 4.63 -4.74 2.08
C HIS A 78 3.24 -4.52 2.69
N LEU A 79 3.18 -3.68 3.71
CA LEU A 79 1.92 -3.38 4.37
C LEU A 79 0.91 -2.80 3.40
N ILE A 80 1.33 -1.77 2.66
CA ILE A 80 0.46 -1.13 1.69
C ILE A 80 -0.18 -2.15 0.76
N LEU A 81 0.58 -3.16 0.38
CA LEU A 81 0.09 -4.22 -0.50
C LEU A 81 -0.87 -5.14 0.24
N GLU A 82 -0.52 -5.49 1.48
CA GLU A 82 -1.36 -6.37 2.29
C GLU A 82 -2.81 -5.91 2.26
N LYS A 83 -3.03 -4.63 1.96
CA LYS A 83 -4.37 -4.08 1.89
C LYS A 83 -4.97 -4.26 0.50
N VAL A 84 -4.13 -4.16 -0.53
CA VAL A 84 -4.57 -4.31 -1.90
C VAL A 84 -5.15 -5.70 -2.13
N SER A 85 -4.49 -6.72 -1.60
CA SER A 85 -4.94 -8.10 -1.75
C SER A 85 -6.29 -8.31 -1.07
N GLU A 86 -6.56 -7.50 -0.05
CA GLU A 86 -7.81 -7.60 0.68
C GLU A 86 -8.99 -7.18 -0.19
N ASP A 87 -8.95 -5.92 -0.66
CA ASP A 87 -10.01 -5.40 -1.51
C ASP A 87 -10.11 -6.19 -2.81
N GLU A 88 -8.98 -6.74 -3.26
CA GLU A 88 -8.95 -7.52 -4.49
C GLU A 88 -9.85 -8.74 -4.39
N GLU A 89 -9.90 -9.34 -3.21
CA GLU A 89 -10.73 -10.52 -2.98
C GLU A 89 -12.09 -10.13 -2.43
N LEU A 90 -12.09 -9.34 -1.37
CA LEU A 90 -13.33 -8.89 -0.74
C LEU A 90 -14.39 -8.59 -1.78
N ARG A 91 -13.97 -7.96 -2.89
CA ARG A 91 -14.89 -7.63 -3.96
C ARG A 91 -15.23 -8.85 -4.81
N LYS A 92 -14.25 -9.73 -4.99
CA LYS A 92 -14.44 -10.95 -5.76
C LYS A 92 -15.46 -11.87 -5.09
N ARG A 93 -15.40 -11.94 -3.76
CA ARG A 93 -16.32 -12.78 -3.01
C ARG A 93 -17.76 -12.34 -3.23
N ILE A 94 -17.93 -11.15 -3.79
CA ILE A 94 -19.27 -10.62 -4.05
C ILE A 94 -19.73 -10.96 -5.47
N ALA A 95 -18.84 -10.76 -6.43
CA ALA A 95 -19.15 -11.05 -7.83
C ALA A 95 -19.40 -12.53 -8.04
N HIS A 96 -18.53 -13.36 -7.48
CA HIS A 96 -18.66 -14.80 -7.60
C HIS A 96 -19.43 -15.39 -6.43
N SER A 97 -20.16 -16.48 -6.69
CA SER A 97 -20.95 -17.13 -5.65
C SER A 97 -20.24 -18.38 -5.12
N ALA A 98 -19.32 -18.18 -4.20
CA ALA A 98 -18.56 -19.28 -3.62
C ALA A 98 -18.00 -18.91 -2.25
N SER A 99 -18.91 -18.57 -1.32
CA SER A 99 -18.51 -18.20 0.03
C SER A 99 -17.46 -19.16 0.57
N GLY A 100 -16.69 -18.69 1.55
CA GLY A 100 -15.67 -19.52 2.15
C GLY A 100 -14.75 -18.75 3.07
N PRO A 101 -15.17 -18.58 4.34
CA PRO A 101 -14.41 -17.85 5.34
C PRO A 101 -13.14 -18.60 5.77
N SER A 102 -12.93 -19.76 5.15
CA SER A 102 -11.75 -20.58 5.47
C SER A 102 -10.52 -19.70 5.67
N SER A 103 -9.70 -20.06 6.65
CA SER A 103 -8.48 -19.30 6.95
C SER A 103 -8.80 -18.07 7.80
N GLY A 104 -8.69 -18.23 9.12
CA GLY A 104 -8.97 -17.13 10.02
C GLY A 104 -9.97 -17.50 11.08
N GLY A 1 26.15 -22.70 -4.44
CA GLY A 1 26.80 -21.70 -3.63
C GLY A 1 27.13 -20.44 -4.41
N SER A 2 27.35 -19.35 -3.70
CA SER A 2 27.67 -18.07 -4.33
C SER A 2 28.29 -17.10 -3.33
N SER A 3 27.55 -16.82 -2.25
CA SER A 3 28.03 -15.91 -1.23
C SER A 3 28.45 -14.57 -1.83
N GLY A 4 28.79 -13.62 -0.97
CA GLY A 4 29.19 -12.31 -1.44
C GLY A 4 29.19 -11.27 -0.33
N SER A 5 29.48 -10.02 -0.69
CA SER A 5 29.51 -8.93 0.28
C SER A 5 28.53 -7.84 -0.10
N SER A 6 27.52 -7.64 0.75
CA SER A 6 26.50 -6.63 0.51
C SER A 6 27.00 -5.25 0.91
N GLY A 7 26.17 -4.24 0.70
CA GLY A 7 26.54 -2.87 1.05
C GLY A 7 25.46 -1.88 0.71
N ILE A 8 24.52 -1.66 1.62
CA ILE A 8 23.43 -0.72 1.41
C ILE A 8 23.36 0.30 2.54
N LEU A 9 23.06 1.54 2.19
CA LEU A 9 22.95 2.61 3.18
C LEU A 9 24.16 2.60 4.10
N THR A 10 24.16 3.53 5.06
CA THR A 10 25.25 3.64 6.02
C THR A 10 24.83 3.12 7.39
N GLU A 11 23.54 3.24 7.69
CA GLU A 11 23.02 2.77 8.97
C GLU A 11 21.51 3.02 9.06
N ASN A 12 21.05 4.07 8.38
CA ASN A 12 19.64 4.42 8.38
C ASN A 12 19.32 5.46 7.31
N THR A 13 20.17 5.50 6.28
CA THR A 13 19.99 6.45 5.20
C THR A 13 18.54 6.44 4.69
N PRO A 14 18.03 7.64 4.35
CA PRO A 14 16.66 7.79 3.85
C PRO A 14 16.48 7.21 2.45
N VAL A 15 15.24 6.95 2.08
CA VAL A 15 14.94 6.39 0.77
C VAL A 15 13.60 6.91 0.24
N PHE A 16 13.45 6.93 -1.08
CA PHE A 16 12.22 7.39 -1.70
C PHE A 16 11.75 6.43 -2.78
N GLU A 17 10.50 5.99 -2.68
CA GLU A 17 9.95 5.06 -3.66
C GLU A 17 8.50 5.42 -3.97
N GLN A 18 8.06 5.10 -5.19
CA GLN A 18 6.70 5.39 -5.62
C GLN A 18 5.96 4.10 -5.97
N LEU A 19 4.66 4.07 -5.69
CA LEU A 19 3.84 2.90 -5.98
C LEU A 19 2.48 3.32 -6.54
N SER A 20 2.20 2.92 -7.77
CA SER A 20 0.94 3.24 -8.42
C SER A 20 -0.12 2.18 -8.12
N VAL A 21 -1.17 2.58 -7.42
CA VAL A 21 -2.25 1.67 -7.06
C VAL A 21 -3.57 2.11 -7.69
N PRO A 22 -4.46 1.14 -7.96
CA PRO A 22 -5.77 1.41 -8.55
C PRO A 22 -6.71 2.13 -7.59
N GLN A 23 -7.68 2.85 -8.15
CA GLN A 23 -8.63 3.59 -7.35
C GLN A 23 -9.60 2.64 -6.64
N ARG A 24 -9.59 1.38 -7.07
CA ARG A 24 -10.47 0.38 -6.48
C ARG A 24 -9.84 -0.25 -5.24
N SER A 25 -8.51 -0.18 -5.17
CA SER A 25 -7.77 -0.74 -4.04
C SER A 25 -7.25 0.37 -3.13
N VAL A 26 -7.32 1.61 -3.60
CA VAL A 26 -6.85 2.75 -2.84
C VAL A 26 -7.74 3.00 -1.63
N GLY A 27 -8.97 2.49 -1.67
CA GLY A 27 -9.89 2.68 -0.57
C GLY A 27 -9.62 1.73 0.58
N ARG A 28 -8.99 0.59 0.28
CA ARG A 28 -8.68 -0.40 1.30
C ARG A 28 -7.27 -0.18 1.86
N ILE A 29 -6.44 0.53 1.09
CA ILE A 29 -5.07 0.82 1.50
C ILE A 29 -5.02 2.10 2.34
N ILE A 30 -5.76 3.11 1.92
CA ILE A 30 -5.80 4.38 2.64
C ILE A 30 -6.85 4.36 3.74
N GLY A 31 -7.85 3.48 3.59
CA GLY A 31 -8.90 3.39 4.58
C GLY A 31 -10.09 4.26 4.24
N ARG A 32 -10.73 4.82 5.27
CA ARG A 32 -11.88 5.67 5.09
C ARG A 32 -11.50 7.15 5.13
N GLY A 33 -10.27 7.44 4.71
CA GLY A 33 -9.80 8.81 4.71
C GLY A 33 -8.35 8.92 5.16
N GLY A 34 -7.81 7.83 5.69
CA GLY A 34 -6.44 7.83 6.16
C GLY A 34 -6.23 6.95 7.37
N GLU A 35 -7.28 6.80 8.18
CA GLU A 35 -7.21 5.98 9.39
C GLU A 35 -6.39 4.71 9.13
N THR A 36 -6.38 4.26 7.89
CA THR A 36 -5.65 3.05 7.52
C THR A 36 -4.25 3.41 7.00
N ILE A 37 -4.15 4.55 6.33
CA ILE A 37 -2.87 5.00 5.79
C ILE A 37 -1.96 5.51 6.90
N ARG A 38 -2.53 5.73 8.08
CA ARG A 38 -1.76 6.21 9.23
C ARG A 38 -1.16 5.05 10.01
N SER A 39 -1.96 4.02 10.24
CA SER A 39 -1.51 2.85 10.98
C SER A 39 -0.29 2.21 10.32
N ILE A 40 -0.22 2.33 9.00
CA ILE A 40 0.90 1.77 8.25
C ILE A 40 2.18 2.56 8.51
N CYS A 41 2.12 3.86 8.26
CA CYS A 41 3.28 4.73 8.47
C CYS A 41 3.89 4.50 9.86
N LYS A 42 3.03 4.27 10.84
CA LYS A 42 3.47 4.04 12.21
C LYS A 42 3.88 2.58 12.41
N ALA A 43 3.36 1.71 11.55
CA ALA A 43 3.67 0.28 11.64
C ALA A 43 5.01 -0.02 10.97
N SER A 44 5.39 0.80 10.00
CA SER A 44 6.64 0.60 9.27
C SER A 44 7.65 1.68 9.66
N GLY A 45 7.16 2.89 9.88
CA GLY A 45 8.04 4.00 10.25
C GLY A 45 8.33 4.92 9.08
N ALA A 46 7.92 4.50 7.89
CA ALA A 46 8.14 5.30 6.69
C ALA A 46 6.91 6.11 6.33
N LYS A 47 7.13 7.29 5.76
CA LYS A 47 6.03 8.17 5.37
C LYS A 47 5.38 7.69 4.08
N ILE A 48 4.06 7.58 4.09
CA ILE A 48 3.32 7.13 2.92
C ILE A 48 2.20 8.11 2.56
N THR A 49 2.27 8.68 1.37
CA THR A 49 1.26 9.63 0.91
C THR A 49 0.77 9.27 -0.49
N CYS A 50 -0.47 9.64 -0.79
CA CYS A 50 -1.06 9.36 -2.09
C CYS A 50 -0.94 10.58 -3.01
N ASP A 51 -0.74 10.31 -4.30
CA ASP A 51 -0.60 11.38 -5.28
C ASP A 51 -1.55 12.53 -4.97
N LYS A 52 -1.21 13.72 -5.46
CA LYS A 52 -2.03 14.90 -5.24
C LYS A 52 -2.26 15.66 -6.54
N GLU A 53 -1.18 15.90 -7.28
CA GLU A 53 -1.27 16.61 -8.54
C GLU A 53 -2.52 16.20 -9.32
N SER A 54 -2.97 14.97 -9.09
CA SER A 54 -4.15 14.46 -9.77
C SER A 54 -5.41 14.76 -8.96
N GLU A 55 -6.53 14.92 -9.66
CA GLU A 55 -7.80 15.21 -9.02
C GLU A 55 -7.95 14.43 -7.72
N GLY A 56 -7.47 13.18 -7.74
CA GLY A 56 -7.57 12.34 -6.56
C GLY A 56 -8.99 12.15 -6.09
N THR A 57 -9.93 12.13 -7.03
CA THR A 57 -11.34 11.96 -6.71
C THR A 57 -11.86 10.62 -7.21
N LEU A 58 -12.04 10.50 -8.52
CA LEU A 58 -12.52 9.27 -9.12
C LEU A 58 -11.64 8.85 -10.30
N LEU A 59 -10.47 9.47 -10.40
CA LEU A 59 -9.53 9.17 -11.48
C LEU A 59 -9.37 7.65 -11.65
N LEU A 60 -8.65 7.25 -12.70
CA LEU A 60 -8.42 5.84 -12.97
C LEU A 60 -7.74 5.16 -11.78
N SER A 61 -6.43 5.31 -11.69
CA SER A 61 -5.66 4.71 -10.61
C SER A 61 -4.94 5.78 -9.79
N ARG A 62 -4.71 5.48 -8.51
CA ARG A 62 -4.02 6.42 -7.62
C ARG A 62 -2.55 6.07 -7.49
N LEU A 63 -1.79 6.97 -6.88
CA LEU A 63 -0.36 6.75 -6.68
C LEU A 63 0.03 6.90 -5.21
N ILE A 64 1.13 6.26 -4.83
CA ILE A 64 1.61 6.33 -3.45
C ILE A 64 3.09 6.66 -3.40
N LYS A 65 3.51 7.32 -2.32
CA LYS A 65 4.91 7.69 -2.15
C LYS A 65 5.43 7.25 -0.79
N ILE A 66 6.34 6.29 -0.79
CA ILE A 66 6.91 5.78 0.45
C ILE A 66 8.31 6.33 0.68
N SER A 67 8.51 6.97 1.84
CA SER A 67 9.81 7.55 2.17
C SER A 67 10.26 7.10 3.56
N GLY A 68 11.57 7.00 3.74
CA GLY A 68 12.11 6.58 5.03
C GLY A 68 13.38 5.76 4.88
N THR A 69 13.77 5.08 5.94
CA THR A 69 14.98 4.25 5.93
C THR A 69 14.76 2.98 5.14
N GLN A 70 15.84 2.43 4.59
CA GLN A 70 15.77 1.21 3.80
C GLN A 70 15.00 0.12 4.54
N LYS A 71 14.87 0.29 5.86
CA LYS A 71 14.16 -0.68 6.68
C LYS A 71 12.65 -0.44 6.61
N GLU A 72 12.27 0.82 6.49
CA GLU A 72 10.85 1.19 6.41
C GLU A 72 10.35 1.11 4.98
N VAL A 73 10.84 2.02 4.13
CA VAL A 73 10.45 2.05 2.73
C VAL A 73 10.26 0.65 2.18
N ALA A 74 11.02 -0.30 2.71
CA ALA A 74 10.95 -1.69 2.26
C ALA A 74 9.84 -2.43 3.00
N ALA A 75 9.72 -2.18 4.30
CA ALA A 75 8.70 -2.82 5.11
C ALA A 75 7.32 -2.26 4.81
N ALA A 76 7.18 -0.95 4.92
CA ALA A 76 5.90 -0.29 4.64
C ALA A 76 5.30 -0.77 3.33
N LYS A 77 6.15 -0.91 2.32
CA LYS A 77 5.71 -1.37 1.01
C LYS A 77 4.92 -2.66 1.12
N HIS A 78 5.30 -3.51 2.07
CA HIS A 78 4.63 -4.78 2.28
C HIS A 78 3.31 -4.58 3.01
N LEU A 79 3.27 -3.59 3.90
CA LEU A 79 2.06 -3.29 4.67
C LEU A 79 1.02 -2.60 3.80
N ILE A 80 1.47 -1.96 2.73
CA ILE A 80 0.58 -1.26 1.82
C ILE A 80 -0.14 -2.25 0.90
N LEU A 81 0.60 -3.20 0.35
CA LEU A 81 0.03 -4.20 -0.54
C LEU A 81 -0.94 -5.11 0.21
N GLU A 82 -0.61 -5.40 1.47
CA GLU A 82 -1.46 -6.25 2.29
C GLU A 82 -2.92 -5.87 2.16
N LYS A 83 -3.17 -4.59 1.90
CA LYS A 83 -4.53 -4.09 1.75
C LYS A 83 -5.04 -4.33 0.32
N VAL A 84 -4.18 -4.08 -0.66
CA VAL A 84 -4.55 -4.29 -2.06
C VAL A 84 -5.08 -5.68 -2.30
N SER A 85 -4.50 -6.66 -1.62
CA SER A 85 -4.91 -8.05 -1.75
C SER A 85 -6.26 -8.29 -1.07
N GLU A 86 -6.49 -7.58 0.03
CA GLU A 86 -7.73 -7.71 0.77
C GLU A 86 -8.94 -7.38 -0.12
N ASP A 87 -8.98 -6.13 -0.59
CA ASP A 87 -10.07 -5.68 -1.44
C ASP A 87 -10.11 -6.47 -2.74
N GLU A 88 -8.94 -6.62 -3.37
CA GLU A 88 -8.85 -7.36 -4.62
C GLU A 88 -9.68 -8.64 -4.57
N GLU A 89 -9.62 -9.34 -3.45
CA GLU A 89 -10.36 -10.58 -3.27
C GLU A 89 -11.75 -10.29 -2.73
N LEU A 90 -11.84 -9.38 -1.76
CA LEU A 90 -13.11 -9.02 -1.16
C LEU A 90 -14.16 -8.74 -2.22
N ARG A 91 -13.74 -8.15 -3.33
CA ARG A 91 -14.64 -7.84 -4.43
C ARG A 91 -14.90 -9.07 -5.30
N LYS A 92 -13.92 -9.97 -5.34
CA LYS A 92 -14.03 -11.19 -6.12
C LYS A 92 -14.97 -12.19 -5.45
N ARG A 93 -14.93 -12.24 -4.13
CA ARG A 93 -15.77 -13.14 -3.36
C ARG A 93 -17.25 -12.85 -3.61
N ILE A 94 -17.53 -11.69 -4.20
CA ILE A 94 -18.90 -11.29 -4.49
C ILE A 94 -19.32 -11.75 -5.88
N ALA A 95 -18.45 -11.52 -6.86
CA ALA A 95 -18.74 -11.92 -8.24
C ALA A 95 -18.92 -13.43 -8.34
N HIS A 96 -18.08 -14.17 -7.64
CA HIS A 96 -18.14 -15.63 -7.66
C HIS A 96 -19.35 -16.13 -6.87
N SER A 97 -20.18 -16.96 -7.52
CA SER A 97 -21.36 -17.49 -6.87
C SER A 97 -21.65 -18.92 -7.35
N ALA A 98 -21.86 -19.82 -6.41
CA ALA A 98 -22.14 -21.22 -6.74
C ALA A 98 -23.63 -21.45 -6.89
N SER A 99 -24.35 -21.46 -5.77
CA SER A 99 -25.79 -21.69 -5.79
C SER A 99 -26.47 -20.94 -4.64
N GLY A 100 -27.50 -20.16 -4.97
CA GLY A 100 -28.21 -19.41 -3.95
C GLY A 100 -27.62 -18.03 -3.73
N PRO A 101 -28.06 -17.35 -2.67
CA PRO A 101 -27.59 -16.02 -2.33
C PRO A 101 -26.14 -16.01 -1.83
N SER A 102 -25.54 -17.20 -1.79
CA SER A 102 -24.16 -17.34 -1.35
C SER A 102 -24.07 -17.19 0.17
N SER A 103 -24.10 -18.32 0.87
CA SER A 103 -24.02 -18.33 2.33
C SER A 103 -22.57 -18.35 2.79
N GLY A 104 -21.76 -17.43 2.25
CA GLY A 104 -20.36 -17.37 2.62
C GLY A 104 -20.13 -16.58 3.89
N GLY A 1 12.62 -17.03 -7.73
CA GLY A 1 13.68 -16.05 -7.60
C GLY A 1 13.18 -14.63 -7.76
N SER A 2 12.48 -14.13 -6.75
CA SER A 2 11.93 -12.78 -6.79
C SER A 2 12.60 -11.90 -5.74
N SER A 3 12.91 -10.66 -6.12
CA SER A 3 13.54 -9.72 -5.21
C SER A 3 15.00 -10.10 -4.98
N GLY A 4 15.80 -9.13 -4.52
CA GLY A 4 17.20 -9.38 -4.26
C GLY A 4 17.74 -8.56 -3.11
N SER A 5 18.98 -8.10 -3.24
CA SER A 5 19.62 -7.30 -2.19
C SER A 5 20.72 -6.44 -2.77
N SER A 6 20.52 -5.12 -2.71
CA SER A 6 21.51 -4.17 -3.23
C SER A 6 21.04 -2.74 -3.02
N GLY A 7 22.00 -1.80 -3.07
CA GLY A 7 21.67 -0.40 -2.89
C GLY A 7 22.78 0.36 -2.21
N ILE A 8 22.73 1.69 -2.31
CA ILE A 8 23.75 2.54 -1.70
C ILE A 8 23.24 3.15 -0.40
N LEU A 9 23.90 2.83 0.70
CA LEU A 9 23.53 3.35 2.01
C LEU A 9 24.37 2.71 3.11
N THR A 10 24.03 3.01 4.36
CA THR A 10 24.75 2.46 5.51
C THR A 10 23.79 1.79 6.49
N GLU A 11 23.21 2.59 7.37
CA GLU A 11 22.28 2.08 8.38
C GLU A 11 21.31 3.17 8.83
N ASN A 12 20.87 3.99 7.88
CA ASN A 12 19.94 5.07 8.18
C ASN A 12 19.58 5.85 6.92
N THR A 13 20.50 5.86 5.96
CA THR A 13 20.29 6.56 4.70
C THR A 13 18.82 6.51 4.28
N PRO A 14 18.24 7.67 3.95
CA PRO A 14 16.85 7.77 3.54
C PRO A 14 16.60 7.16 2.16
N VAL A 15 15.34 6.90 1.84
CA VAL A 15 14.98 6.31 0.56
C VAL A 15 13.63 6.82 0.07
N PHE A 16 13.46 6.86 -1.24
CA PHE A 16 12.20 7.33 -1.83
C PHE A 16 11.71 6.37 -2.91
N GLU A 17 10.47 5.92 -2.77
CA GLU A 17 9.87 5.00 -3.73
C GLU A 17 8.42 5.35 -3.99
N GLN A 18 7.98 5.15 -5.23
CA GLN A 18 6.61 5.45 -5.61
C GLN A 18 5.86 4.17 -6.01
N LEU A 19 4.61 4.06 -5.57
CA LEU A 19 3.79 2.90 -5.88
C LEU A 19 2.43 3.31 -6.41
N SER A 20 2.12 2.91 -7.63
CA SER A 20 0.85 3.24 -8.25
C SER A 20 -0.21 2.18 -7.94
N VAL A 21 -1.27 2.59 -7.27
CA VAL A 21 -2.35 1.67 -6.91
C VAL A 21 -3.67 2.09 -7.56
N PRO A 22 -4.54 1.10 -7.81
CA PRO A 22 -5.84 1.33 -8.43
C PRO A 22 -6.80 2.08 -7.51
N GLN A 23 -7.79 2.74 -8.09
CA GLN A 23 -8.78 3.49 -7.33
C GLN A 23 -9.82 2.56 -6.74
N ARG A 24 -9.79 1.29 -7.15
CA ARG A 24 -10.74 0.30 -6.67
C ARG A 24 -10.23 -0.36 -5.39
N SER A 25 -8.94 -0.24 -5.13
CA SER A 25 -8.33 -0.82 -3.95
C SER A 25 -7.74 0.26 -3.05
N VAL A 26 -7.73 1.49 -3.53
CA VAL A 26 -7.20 2.61 -2.77
C VAL A 26 -8.04 2.88 -1.53
N GLY A 27 -9.31 2.48 -1.59
CA GLY A 27 -10.20 2.68 -0.46
C GLY A 27 -9.91 1.75 0.69
N ARG A 28 -9.20 0.66 0.40
CA ARG A 28 -8.85 -0.33 1.42
C ARG A 28 -7.44 -0.07 1.94
N ILE A 29 -6.59 0.49 1.10
CA ILE A 29 -5.21 0.78 1.49
C ILE A 29 -5.14 2.06 2.33
N ILE A 30 -5.68 3.14 1.78
CA ILE A 30 -5.67 4.42 2.49
C ILE A 30 -6.60 4.40 3.69
N GLY A 31 -7.79 3.83 3.51
CA GLY A 31 -8.74 3.75 4.59
C GLY A 31 -9.59 5.00 4.71
N ARG A 32 -10.51 5.01 5.68
CA ARG A 32 -11.39 6.15 5.90
C ARG A 32 -10.58 7.41 6.17
N GLY A 33 -10.53 8.31 5.19
CA GLY A 33 -9.78 9.55 5.36
C GLY A 33 -8.31 9.31 5.66
N GLY A 34 -7.89 8.05 5.54
CA GLY A 34 -6.50 7.71 5.81
C GLY A 34 -6.35 6.87 7.07
N GLU A 35 -7.46 6.63 7.76
CA GLU A 35 -7.43 5.84 8.99
C GLU A 35 -6.54 4.63 8.83
N THR A 36 -6.41 4.13 7.60
CA THR A 36 -5.58 2.97 7.33
C THR A 36 -4.19 3.38 6.87
N ILE A 37 -4.11 4.52 6.17
CA ILE A 37 -2.84 5.02 5.68
C ILE A 37 -1.97 5.55 6.83
N ARG A 38 -2.62 5.85 7.95
CA ARG A 38 -1.91 6.36 9.13
C ARG A 38 -1.40 5.21 9.99
N SER A 39 -2.19 4.14 10.07
CA SER A 39 -1.82 2.99 10.88
C SER A 39 -0.60 2.28 10.29
N ILE A 40 -0.41 2.43 8.98
CA ILE A 40 0.72 1.83 8.30
C ILE A 40 2.02 2.59 8.57
N CYS A 41 2.02 3.87 8.22
CA CYS A 41 3.19 4.71 8.44
C CYS A 41 3.76 4.51 9.84
N LYS A 42 2.88 4.23 10.79
CA LYS A 42 3.29 4.02 12.17
C LYS A 42 3.73 2.57 12.40
N ALA A 43 3.14 1.66 11.64
CA ALA A 43 3.46 0.24 11.75
C ALA A 43 4.78 -0.07 11.04
N SER A 44 5.12 0.74 10.05
CA SER A 44 6.35 0.56 9.30
C SER A 44 7.39 1.60 9.66
N GLY A 45 6.93 2.82 9.93
CA GLY A 45 7.84 3.89 10.30
C GLY A 45 8.19 4.79 9.12
N ALA A 46 7.78 4.37 7.93
CA ALA A 46 8.06 5.14 6.72
C ALA A 46 6.89 6.06 6.38
N LYS A 47 7.20 7.22 5.81
CA LYS A 47 6.18 8.18 5.43
C LYS A 47 5.51 7.79 4.11
N ILE A 48 4.21 7.54 4.17
CA ILE A 48 3.46 7.15 2.98
C ILE A 48 2.40 8.20 2.64
N THR A 49 2.49 8.75 1.43
CA THR A 49 1.55 9.77 0.98
C THR A 49 1.12 9.52 -0.46
N CYS A 50 -0.14 9.77 -0.75
CA CYS A 50 -0.68 9.57 -2.09
C CYS A 50 -0.48 10.83 -2.94
N ASP A 51 -0.28 10.63 -4.24
CA ASP A 51 -0.09 11.75 -5.16
C ASP A 51 -1.02 12.91 -4.81
N LYS A 52 -0.67 14.10 -5.27
CA LYS A 52 -1.46 15.29 -5.01
C LYS A 52 -1.68 16.10 -6.29
N GLU A 53 -0.58 16.38 -6.99
CA GLU A 53 -0.65 17.15 -8.22
C GLU A 53 -1.92 16.81 -9.01
N SER A 54 -2.36 15.57 -8.88
CA SER A 54 -3.55 15.10 -9.59
C SER A 54 -4.67 14.79 -8.60
N GLU A 55 -5.57 15.76 -8.39
CA GLU A 55 -6.68 15.58 -7.46
C GLU A 55 -7.45 14.30 -7.78
N GLY A 56 -8.38 13.95 -6.91
CA GLY A 56 -9.17 12.74 -7.10
C GLY A 56 -10.52 13.03 -7.74
N THR A 57 -10.49 13.75 -8.87
CA THR A 57 -11.72 14.09 -9.58
C THR A 57 -12.43 12.83 -10.09
N LEU A 58 -11.79 12.13 -11.01
CA LEU A 58 -12.36 10.92 -11.58
C LEU A 58 -11.28 10.07 -12.24
N LEU A 59 -10.05 10.22 -11.77
CA LEU A 59 -8.92 9.47 -12.31
C LEU A 59 -9.25 7.98 -12.38
N LEU A 60 -8.29 7.19 -12.86
CA LEU A 60 -8.47 5.74 -12.97
C LEU A 60 -7.82 5.01 -11.80
N SER A 61 -6.58 5.37 -11.50
CA SER A 61 -5.85 4.76 -10.40
C SER A 61 -5.14 5.81 -9.57
N ARG A 62 -4.85 5.47 -8.31
CA ARG A 62 -4.16 6.39 -7.41
C ARG A 62 -2.68 6.05 -7.31
N LEU A 63 -1.92 6.94 -6.68
CA LEU A 63 -0.49 6.73 -6.53
C LEU A 63 -0.07 6.89 -5.06
N ILE A 64 1.04 6.26 -4.70
CA ILE A 64 1.55 6.33 -3.33
C ILE A 64 3.02 6.74 -3.31
N LYS A 65 3.44 7.37 -2.23
CA LYS A 65 4.83 7.80 -2.08
C LYS A 65 5.40 7.33 -0.75
N ILE A 66 6.29 6.35 -0.81
CA ILE A 66 6.92 5.81 0.40
C ILE A 66 8.32 6.38 0.58
N SER A 67 8.58 6.93 1.76
CA SER A 67 9.88 7.51 2.07
C SER A 67 10.33 7.11 3.47
N GLY A 68 11.65 7.00 3.65
CA GLY A 68 12.19 6.64 4.95
C GLY A 68 13.45 5.81 4.82
N THR A 69 13.79 5.07 5.88
CA THR A 69 14.98 4.24 5.89
C THR A 69 14.74 2.93 5.16
N GLN A 70 15.79 2.39 4.55
CA GLN A 70 15.69 1.14 3.81
C GLN A 70 14.92 0.10 4.61
N LYS A 71 14.89 0.27 5.92
CA LYS A 71 14.19 -0.66 6.81
C LYS A 71 12.68 -0.44 6.73
N GLU A 72 12.28 0.83 6.64
CA GLU A 72 10.86 1.16 6.56
C GLU A 72 10.36 1.11 5.12
N VAL A 73 10.85 2.03 4.30
CA VAL A 73 10.46 2.09 2.89
C VAL A 73 10.30 0.69 2.31
N ALA A 74 11.09 -0.26 2.82
CA ALA A 74 11.03 -1.63 2.36
C ALA A 74 9.93 -2.42 3.07
N ALA A 75 9.80 -2.18 4.38
CA ALA A 75 8.78 -2.86 5.18
C ALA A 75 7.39 -2.32 4.87
N ALA A 76 7.22 -1.01 4.98
CA ALA A 76 5.94 -0.37 4.71
C ALA A 76 5.37 -0.83 3.37
N LYS A 77 6.23 -0.89 2.36
CA LYS A 77 5.81 -1.32 1.03
C LYS A 77 5.06 -2.64 1.09
N HIS A 78 5.41 -3.48 2.07
CA HIS A 78 4.77 -4.77 2.23
C HIS A 78 3.40 -4.61 2.88
N LEU A 79 3.33 -3.82 3.94
CA LEU A 79 2.08 -3.59 4.65
C LEU A 79 1.05 -2.94 3.73
N ILE A 80 1.51 -2.08 2.83
CA ILE A 80 0.64 -1.39 1.90
C ILE A 80 -0.04 -2.38 0.97
N LEU A 81 0.76 -3.21 0.29
CA LEU A 81 0.23 -4.20 -0.64
C LEU A 81 -0.75 -5.13 0.07
N GLU A 82 -0.48 -5.42 1.33
CA GLU A 82 -1.35 -6.29 2.11
C GLU A 82 -2.80 -5.83 2.04
N LYS A 83 -3.00 -4.54 1.86
CA LYS A 83 -4.34 -3.97 1.77
C LYS A 83 -4.90 -4.14 0.37
N VAL A 84 -4.03 -4.10 -0.63
CA VAL A 84 -4.43 -4.26 -2.02
C VAL A 84 -5.00 -5.64 -2.28
N SER A 85 -4.38 -6.65 -1.66
CA SER A 85 -4.82 -8.03 -1.83
C SER A 85 -6.14 -8.28 -1.09
N GLU A 86 -6.30 -7.60 0.05
CA GLU A 86 -7.52 -7.75 0.85
C GLU A 86 -8.76 -7.43 0.02
N ASP A 87 -8.81 -6.21 -0.51
CA ASP A 87 -9.94 -5.77 -1.31
C ASP A 87 -10.01 -6.56 -2.62
N GLU A 88 -8.89 -6.62 -3.33
CA GLU A 88 -8.83 -7.33 -4.59
C GLU A 88 -9.58 -8.66 -4.50
N GLU A 89 -9.54 -9.28 -3.33
CA GLU A 89 -10.21 -10.55 -3.10
C GLU A 89 -11.61 -10.34 -2.53
N LEU A 90 -11.68 -9.59 -1.44
CA LEU A 90 -12.95 -9.31 -0.79
C LEU A 90 -14.05 -9.07 -1.82
N ARG A 91 -13.71 -8.35 -2.88
CA ARG A 91 -14.66 -8.05 -3.93
C ARG A 91 -15.02 -9.31 -4.72
N LYS A 92 -14.04 -10.18 -4.92
CA LYS A 92 -14.25 -11.42 -5.65
C LYS A 92 -15.05 -12.42 -4.82
N ARG A 93 -14.80 -12.42 -3.52
CA ARG A 93 -15.50 -13.33 -2.61
C ARG A 93 -17.00 -13.12 -2.69
N ILE A 94 -17.41 -11.89 -3.03
CA ILE A 94 -18.83 -11.57 -3.14
C ILE A 94 -19.33 -11.81 -4.57
N ALA A 95 -18.55 -11.40 -5.55
CA ALA A 95 -18.92 -11.58 -6.95
C ALA A 95 -18.93 -13.06 -7.33
N HIS A 96 -18.31 -13.88 -6.49
CA HIS A 96 -18.26 -15.32 -6.74
C HIS A 96 -19.19 -16.07 -5.79
N SER A 97 -20.45 -15.67 -5.76
CA SER A 97 -21.44 -16.31 -4.89
C SER A 97 -21.24 -15.88 -3.44
N ALA A 98 -20.15 -16.35 -2.84
CA ALA A 98 -19.84 -16.02 -1.46
C ALA A 98 -18.45 -16.51 -1.07
N SER A 99 -18.15 -17.76 -1.43
CA SER A 99 -16.86 -18.36 -1.12
C SER A 99 -16.58 -18.28 0.38
N GLY A 100 -15.52 -18.97 0.81
CA GLY A 100 -15.15 -18.97 2.22
C GLY A 100 -14.18 -20.07 2.56
N PRO A 101 -12.99 -20.03 1.94
CA PRO A 101 -11.95 -21.04 2.17
C PRO A 101 -11.33 -20.93 3.56
N SER A 102 -11.15 -19.69 4.02
CA SER A 102 -10.57 -19.44 5.33
C SER A 102 -10.71 -17.97 5.72
N SER A 103 -10.74 -17.72 7.02
CA SER A 103 -10.88 -16.35 7.53
C SER A 103 -10.08 -16.16 8.82
N GLY A 104 -9.02 -15.37 8.74
CA GLY A 104 -8.20 -15.12 9.92
C GLY A 104 -8.44 -13.75 10.51
N GLY A 1 23.76 -19.87 -4.33
CA GLY A 1 24.89 -19.00 -4.64
C GLY A 1 25.62 -18.53 -3.40
N SER A 2 26.61 -17.66 -3.58
CA SER A 2 27.40 -17.14 -2.47
C SER A 2 28.07 -15.84 -2.85
N SER A 3 27.82 -14.79 -2.06
CA SER A 3 28.41 -13.48 -2.31
C SER A 3 28.52 -12.68 -1.02
N GLY A 4 29.58 -11.87 -0.92
CA GLY A 4 29.79 -11.07 0.26
C GLY A 4 30.35 -9.70 -0.06
N SER A 5 30.96 -9.06 0.93
CA SER A 5 31.54 -7.73 0.75
C SER A 5 30.52 -6.77 0.15
N SER A 6 29.83 -6.03 1.02
CA SER A 6 28.81 -5.09 0.58
C SER A 6 28.36 -4.21 1.74
N GLY A 7 28.09 -2.94 1.43
CA GLY A 7 27.65 -2.01 2.47
C GLY A 7 26.72 -0.94 1.91
N ILE A 8 25.46 -0.98 2.32
CA ILE A 8 24.47 -0.01 1.87
C ILE A 8 24.17 1.01 2.96
N LEU A 9 23.76 2.20 2.54
CA LEU A 9 23.43 3.27 3.49
C LEU A 9 24.61 3.57 4.40
N THR A 10 24.50 4.64 5.18
CA THR A 10 25.55 5.03 6.11
C THR A 10 25.23 4.59 7.52
N GLU A 11 23.96 4.34 7.79
CA GLU A 11 23.52 3.90 9.11
C GLU A 11 22.01 4.02 9.24
N ASN A 12 21.41 4.92 8.47
CA ASN A 12 19.96 5.13 8.51
C ASN A 12 19.53 6.14 7.45
N THR A 13 20.31 6.22 6.37
CA THR A 13 20.00 7.15 5.29
C THR A 13 18.57 6.98 4.79
N PRO A 14 17.91 8.11 4.51
CA PRO A 14 16.52 8.12 4.03
C PRO A 14 16.40 7.57 2.61
N VAL A 15 15.18 7.22 2.22
CA VAL A 15 14.93 6.68 0.89
C VAL A 15 13.59 7.17 0.35
N PHE A 16 13.43 7.10 -0.96
CA PHE A 16 12.20 7.54 -1.62
C PHE A 16 11.78 6.56 -2.70
N GLU A 17 10.52 6.15 -2.67
CA GLU A 17 9.99 5.21 -3.65
C GLU A 17 8.55 5.55 -4.03
N GLN A 18 8.13 5.12 -5.21
CA GLN A 18 6.77 5.39 -5.68
C GLN A 18 6.06 4.08 -6.02
N LEU A 19 4.76 4.03 -5.71
CA LEU A 19 3.96 2.84 -5.98
C LEU A 19 2.59 3.22 -6.54
N SER A 20 2.31 2.78 -7.77
CA SER A 20 1.04 3.07 -8.41
C SER A 20 -0.01 2.02 -8.05
N VAL A 21 -1.07 2.46 -7.38
CA VAL A 21 -2.15 1.56 -6.97
C VAL A 21 -3.48 2.00 -7.59
N PRO A 22 -4.36 1.02 -7.81
CA PRO A 22 -5.69 1.27 -8.39
C PRO A 22 -6.61 2.02 -7.43
N GLN A 23 -7.39 2.95 -7.98
CA GLN A 23 -8.31 3.73 -7.16
C GLN A 23 -9.40 2.85 -6.56
N ARG A 24 -9.49 1.62 -7.05
CA ARG A 24 -10.49 0.68 -6.57
C ARG A 24 -10.00 -0.03 -5.30
N SER A 25 -8.69 0.00 -5.08
CA SER A 25 -8.10 -0.63 -3.91
C SER A 25 -7.55 0.42 -2.94
N VAL A 26 -7.38 1.64 -3.43
CA VAL A 26 -6.86 2.73 -2.62
C VAL A 26 -7.80 3.02 -1.45
N GLY A 27 -9.09 2.79 -1.65
CA GLY A 27 -10.07 3.03 -0.62
C GLY A 27 -9.88 2.13 0.60
N ARG A 28 -9.17 1.02 0.39
CA ARG A 28 -8.91 0.07 1.46
C ARG A 28 -7.54 0.30 2.08
N ILE A 29 -6.59 0.75 1.25
CA ILE A 29 -5.23 1.01 1.71
C ILE A 29 -5.18 2.26 2.59
N ILE A 30 -5.70 3.37 2.06
CA ILE A 30 -5.71 4.63 2.80
C ILE A 30 -6.76 4.60 3.91
N GLY A 31 -7.76 3.74 3.75
CA GLY A 31 -8.81 3.64 4.74
C GLY A 31 -9.98 4.58 4.46
N ARG A 32 -10.66 5.01 5.52
CA ARG A 32 -11.80 5.91 5.38
C ARG A 32 -11.35 7.36 5.34
N GLY A 33 -10.11 7.58 4.88
CA GLY A 33 -9.57 8.92 4.80
C GLY A 33 -8.14 9.01 5.28
N GLY A 34 -7.64 7.91 5.84
CA GLY A 34 -6.26 7.89 6.32
C GLY A 34 -6.11 7.00 7.55
N GLU A 35 -7.17 6.88 8.33
CA GLU A 35 -7.15 6.05 9.53
C GLU A 35 -6.33 4.78 9.31
N THR A 36 -6.35 4.29 8.07
CA THR A 36 -5.61 3.08 7.72
C THR A 36 -4.19 3.40 7.27
N ILE A 37 -4.04 4.52 6.56
CA ILE A 37 -2.74 4.94 6.07
C ILE A 37 -1.84 5.40 7.21
N ARG A 38 -2.47 5.73 8.35
CA ARG A 38 -1.73 6.19 9.52
C ARG A 38 -1.18 5.01 10.30
N SER A 39 -1.98 3.97 10.44
CA SER A 39 -1.57 2.76 11.17
C SER A 39 -0.41 2.08 10.47
N ILE A 40 -0.29 2.30 9.16
CA ILE A 40 0.78 1.70 8.38
C ILE A 40 2.09 2.45 8.56
N CYS A 41 2.07 3.74 8.28
CA CYS A 41 3.26 4.58 8.42
C CYS A 41 3.93 4.35 9.77
N LYS A 42 3.12 4.07 10.78
CA LYS A 42 3.62 3.84 12.13
C LYS A 42 4.09 2.39 12.29
N ALA A 43 3.45 1.48 11.55
CA ALA A 43 3.81 0.07 11.62
C ALA A 43 5.14 -0.19 10.92
N SER A 44 5.45 0.61 9.91
CA SER A 44 6.69 0.46 9.16
C SER A 44 7.69 1.55 9.55
N GLY A 45 7.18 2.75 9.83
CA GLY A 45 8.05 3.85 10.22
C GLY A 45 8.30 4.81 9.07
N ALA A 46 7.89 4.43 7.87
CA ALA A 46 8.08 5.26 6.70
C ALA A 46 6.82 6.07 6.39
N LYS A 47 7.00 7.22 5.75
CA LYS A 47 5.89 8.09 5.39
C LYS A 47 5.24 7.64 4.09
N ILE A 48 3.91 7.57 4.09
CA ILE A 48 3.16 7.16 2.91
C ILE A 48 2.11 8.20 2.52
N THR A 49 2.17 8.65 1.27
CA THR A 49 1.22 9.63 0.77
C THR A 49 0.78 9.31 -0.65
N CYS A 50 -0.30 9.94 -1.08
CA CYS A 50 -0.83 9.73 -2.43
C CYS A 50 -0.40 10.85 -3.37
N ASP A 51 -0.06 10.49 -4.60
CA ASP A 51 0.36 11.47 -5.59
C ASP A 51 -0.44 12.77 -5.46
N LYS A 52 0.14 13.86 -5.93
CA LYS A 52 -0.51 15.16 -5.86
C LYS A 52 -0.34 15.92 -7.17
N GLU A 53 0.89 16.01 -7.65
CA GLU A 53 1.18 16.72 -8.89
C GLU A 53 0.08 16.48 -9.92
N SER A 54 -0.48 15.28 -9.91
CA SER A 54 -1.53 14.92 -10.85
C SER A 54 -2.89 15.37 -10.33
N GLU A 55 -3.84 15.58 -11.24
CA GLU A 55 -5.18 16.02 -10.86
C GLU A 55 -5.68 15.25 -9.65
N GLY A 56 -5.30 13.98 -9.56
CA GLY A 56 -5.73 13.15 -8.45
C GLY A 56 -7.22 13.20 -8.22
N THR A 57 -7.98 13.27 -9.31
CA THR A 57 -9.43 13.32 -9.22
C THR A 57 -10.03 11.92 -9.25
N LEU A 58 -9.97 11.27 -10.41
CA LEU A 58 -10.51 9.92 -10.56
C LEU A 58 -10.06 9.31 -11.88
N LEU A 59 -8.94 9.79 -12.40
CA LEU A 59 -8.40 9.27 -13.66
C LEU A 59 -8.72 7.79 -13.84
N LEU A 60 -7.84 6.94 -13.31
CA LEU A 60 -8.03 5.50 -13.40
C LEU A 60 -7.39 4.79 -12.21
N SER A 61 -6.13 5.15 -11.93
CA SER A 61 -5.41 4.54 -10.81
C SER A 61 -4.71 5.60 -9.99
N ARG A 62 -4.53 5.33 -8.70
CA ARG A 62 -3.88 6.26 -7.78
C ARG A 62 -2.41 5.92 -7.63
N LEU A 63 -1.66 6.83 -7.00
CA LEU A 63 -0.23 6.63 -6.79
C LEU A 63 0.15 6.86 -5.33
N ILE A 64 1.24 6.24 -4.90
CA ILE A 64 1.71 6.38 -3.52
C ILE A 64 3.17 6.78 -3.48
N LYS A 65 3.58 7.42 -2.39
CA LYS A 65 4.96 7.85 -2.21
C LYS A 65 5.50 7.39 -0.87
N ILE A 66 6.31 6.32 -0.89
CA ILE A 66 6.89 5.79 0.33
C ILE A 66 8.27 6.39 0.58
N SER A 67 8.46 6.95 1.78
CA SER A 67 9.73 7.56 2.14
C SER A 67 10.19 7.09 3.53
N GLY A 68 11.49 7.05 3.73
CA GLY A 68 12.04 6.60 5.00
C GLY A 68 13.31 5.79 4.85
N THR A 69 13.69 5.09 5.91
CA THR A 69 14.90 4.27 5.89
C THR A 69 14.68 3.01 5.06
N GLN A 70 15.76 2.54 4.41
CA GLN A 70 15.68 1.34 3.59
C GLN A 70 14.89 0.25 4.30
N LYS A 71 14.86 0.31 5.62
CA LYS A 71 14.13 -0.68 6.41
C LYS A 71 12.62 -0.45 6.32
N GLU A 72 12.21 0.81 6.42
CA GLU A 72 10.81 1.17 6.34
C GLU A 72 10.29 1.09 4.90
N VAL A 73 10.76 2.02 4.08
CA VAL A 73 10.36 2.07 2.68
C VAL A 73 10.22 0.66 2.10
N ALA A 74 11.00 -0.27 2.64
CA ALA A 74 10.96 -1.64 2.17
C ALA A 74 9.88 -2.44 2.89
N ALA A 75 9.72 -2.19 4.18
CA ALA A 75 8.72 -2.87 4.99
C ALA A 75 7.32 -2.33 4.70
N ALA A 76 7.17 -1.01 4.83
CA ALA A 76 5.89 -0.37 4.59
C ALA A 76 5.29 -0.82 3.26
N LYS A 77 6.13 -0.98 2.25
CA LYS A 77 5.69 -1.41 0.93
C LYS A 77 4.93 -2.73 1.03
N HIS A 78 5.29 -3.54 2.01
CA HIS A 78 4.65 -4.84 2.21
C HIS A 78 3.26 -4.66 2.83
N LEU A 79 3.16 -3.71 3.76
CA LEU A 79 1.90 -3.44 4.43
C LEU A 79 0.90 -2.78 3.49
N ILE A 80 1.40 -1.90 2.63
CA ILE A 80 0.54 -1.21 1.67
C ILE A 80 -0.20 -2.20 0.79
N LEU A 81 0.48 -3.25 0.36
CA LEU A 81 -0.13 -4.27 -0.49
C LEU A 81 -1.14 -5.10 0.29
N GLU A 82 -0.77 -5.48 1.51
CA GLU A 82 -1.63 -6.27 2.36
C GLU A 82 -3.08 -5.79 2.26
N LYS A 83 -3.26 -4.50 2.05
CA LYS A 83 -4.59 -3.91 1.92
C LYS A 83 -5.15 -4.12 0.52
N VAL A 84 -4.31 -3.88 -0.48
CA VAL A 84 -4.72 -4.04 -1.88
C VAL A 84 -5.24 -5.45 -2.12
N SER A 85 -4.69 -6.42 -1.41
CA SER A 85 -5.10 -7.81 -1.56
C SER A 85 -6.44 -8.07 -0.87
N GLU A 86 -6.68 -7.36 0.23
CA GLU A 86 -7.92 -7.51 0.97
C GLU A 86 -9.12 -7.11 0.12
N ASP A 87 -9.15 -5.84 -0.28
CA ASP A 87 -10.24 -5.33 -1.11
C ASP A 87 -10.34 -6.10 -2.42
N GLU A 88 -9.19 -6.54 -2.93
CA GLU A 88 -9.15 -7.28 -4.18
C GLU A 88 -10.03 -8.53 -4.10
N GLU A 89 -10.05 -9.17 -2.94
CA GLU A 89 -10.85 -10.37 -2.74
C GLU A 89 -12.22 -10.02 -2.18
N LEU A 90 -12.24 -9.22 -1.11
CA LEU A 90 -13.49 -8.81 -0.49
C LEU A 90 -14.56 -8.52 -1.54
N ARG A 91 -14.15 -7.86 -2.61
CA ARG A 91 -15.07 -7.52 -3.70
C ARG A 91 -15.48 -8.77 -4.47
N LYS A 92 -14.55 -9.70 -4.62
CA LYS A 92 -14.82 -10.94 -5.34
C LYS A 92 -15.77 -11.84 -4.55
N ARG A 93 -15.52 -11.95 -3.24
CA ARG A 93 -16.35 -12.78 -2.38
C ARG A 93 -17.81 -12.34 -2.43
N ILE A 94 -18.02 -11.06 -2.75
CA ILE A 94 -19.36 -10.51 -2.84
C ILE A 94 -19.92 -10.63 -4.26
N ALA A 95 -19.13 -10.19 -5.23
CA ALA A 95 -19.53 -10.26 -6.62
C ALA A 95 -19.84 -11.69 -7.05
N HIS A 96 -19.09 -12.64 -6.49
CA HIS A 96 -19.28 -14.05 -6.80
C HIS A 96 -20.01 -14.77 -5.66
N SER A 97 -20.26 -16.06 -5.86
CA SER A 97 -20.96 -16.85 -4.86
C SER A 97 -20.10 -17.05 -3.62
N ALA A 98 -18.93 -17.67 -3.79
CA ALA A 98 -18.02 -17.91 -2.69
C ALA A 98 -18.71 -18.66 -1.56
N SER A 99 -19.50 -19.67 -1.91
CA SER A 99 -20.22 -20.45 -0.92
C SER A 99 -19.25 -21.28 -0.08
N GLY A 100 -19.32 -21.11 1.24
CA GLY A 100 -18.45 -21.84 2.14
C GLY A 100 -17.71 -20.94 3.09
N PRO A 101 -16.82 -21.52 3.91
CA PRO A 101 -16.04 -20.78 4.89
C PRO A 101 -14.99 -19.89 4.24
N SER A 102 -14.15 -19.26 5.06
CA SER A 102 -13.11 -18.37 4.57
C SER A 102 -11.73 -19.02 4.72
N SER A 103 -11.35 -19.29 5.96
CA SER A 103 -10.05 -19.91 6.24
C SER A 103 -8.92 -19.00 5.80
N GLY A 104 -7.76 -19.17 6.42
CA GLY A 104 -6.60 -18.35 6.08
C GLY A 104 -5.60 -19.10 5.23
N GLY A 1 20.91 -20.35 0.92
CA GLY A 1 21.11 -19.21 1.79
C GLY A 1 21.52 -17.97 1.03
N SER A 2 21.88 -16.91 1.75
CA SER A 2 22.28 -15.66 1.14
C SER A 2 23.37 -14.97 1.96
N SER A 3 24.29 -14.31 1.27
CA SER A 3 25.38 -13.60 1.93
C SER A 3 26.13 -12.72 0.95
N GLY A 4 26.08 -11.41 1.18
CA GLY A 4 26.76 -10.47 0.30
C GLY A 4 27.13 -9.18 1.01
N SER A 5 26.37 -8.13 0.76
CA SER A 5 26.64 -6.83 1.37
C SER A 5 28.01 -6.30 0.96
N SER A 6 28.02 -5.26 0.14
CA SER A 6 29.26 -4.67 -0.33
C SER A 6 29.55 -3.36 0.39
N GLY A 7 28.61 -2.42 0.31
CA GLY A 7 28.78 -1.14 0.96
C GLY A 7 27.71 -0.13 0.54
N ILE A 8 26.55 -0.19 1.18
CA ILE A 8 25.46 0.72 0.88
C ILE A 8 24.96 1.43 2.13
N LEU A 9 24.41 2.62 1.94
CA LEU A 9 23.90 3.41 3.06
C LEU A 9 24.98 3.63 4.11
N THR A 10 24.65 4.42 5.12
CA THR A 10 25.59 4.71 6.20
C THR A 10 25.15 4.06 7.51
N GLU A 11 24.17 4.70 8.17
CA GLU A 11 23.66 4.18 9.43
C GLU A 11 22.15 4.05 9.39
N ASN A 12 21.54 4.60 8.34
CA ASN A 12 20.09 4.55 8.18
C ASN A 12 19.61 5.58 7.17
N THR A 13 20.45 5.84 6.15
CA THR A 13 20.11 6.80 5.12
C THR A 13 18.66 6.65 4.67
N PRO A 14 18.00 7.79 4.41
CA PRO A 14 16.60 7.81 3.98
C PRO A 14 16.43 7.28 2.55
N VAL A 15 15.19 6.97 2.18
CA VAL A 15 14.89 6.47 0.85
C VAL A 15 13.53 6.96 0.36
N PHE A 16 13.37 7.00 -0.95
CA PHE A 16 12.12 7.45 -1.55
C PHE A 16 11.69 6.53 -2.69
N GLU A 17 10.45 6.08 -2.63
CA GLU A 17 9.92 5.19 -3.66
C GLU A 17 8.46 5.52 -3.98
N GLN A 18 8.04 5.20 -5.19
CA GLN A 18 6.67 5.46 -5.62
C GLN A 18 5.95 4.17 -6.01
N LEU A 19 4.69 4.06 -5.62
CA LEU A 19 3.89 2.88 -5.93
C LEU A 19 2.51 3.27 -6.45
N SER A 20 2.22 2.86 -7.68
CA SER A 20 0.93 3.16 -8.30
C SER A 20 -0.10 2.09 -7.96
N VAL A 21 -1.18 2.51 -7.31
CA VAL A 21 -2.24 1.58 -6.93
C VAL A 21 -3.57 1.99 -7.56
N PRO A 22 -4.44 1.00 -7.81
CA PRO A 22 -5.75 1.23 -8.40
C PRO A 22 -6.71 1.96 -7.46
N GLN A 23 -7.60 2.75 -8.04
CA GLN A 23 -8.56 3.50 -7.23
C GLN A 23 -9.64 2.58 -6.67
N ARG A 24 -9.62 1.33 -7.09
CA ARG A 24 -10.60 0.35 -6.63
C ARG A 24 -10.14 -0.28 -5.30
N SER A 25 -8.84 -0.21 -5.04
CA SER A 25 -8.28 -0.77 -3.82
C SER A 25 -7.64 0.32 -2.96
N VAL A 26 -7.59 1.52 -3.50
CA VAL A 26 -7.01 2.65 -2.78
C VAL A 26 -7.78 2.95 -1.50
N GLY A 27 -9.06 2.56 -1.49
CA GLY A 27 -9.89 2.81 -0.32
C GLY A 27 -9.58 1.85 0.82
N ARG A 28 -9.00 0.69 0.48
CA ARG A 28 -8.66 -0.30 1.47
C ARG A 28 -7.23 -0.09 2.00
N ILE A 29 -6.40 0.56 1.19
CA ILE A 29 -5.02 0.83 1.57
C ILE A 29 -4.93 2.10 2.41
N ILE A 30 -5.57 3.16 1.94
CA ILE A 30 -5.57 4.44 2.65
C ILE A 30 -6.57 4.44 3.80
N GLY A 31 -7.64 3.67 3.63
CA GLY A 31 -8.67 3.60 4.65
C GLY A 31 -9.86 4.48 4.35
N ARG A 32 -10.59 4.86 5.40
CA ARG A 32 -11.77 5.70 5.23
C ARG A 32 -11.41 7.17 5.45
N GLY A 33 -10.26 7.58 4.92
CA GLY A 33 -9.82 8.95 5.07
C GLY A 33 -8.37 9.06 5.52
N GLY A 34 -7.74 7.91 5.73
CA GLY A 34 -6.35 7.90 6.15
C GLY A 34 -6.13 7.05 7.39
N GLU A 35 -7.19 6.85 8.16
CA GLU A 35 -7.12 6.06 9.38
C GLU A 35 -6.28 4.81 9.15
N THR A 36 -6.21 4.36 7.90
CA THR A 36 -5.44 3.17 7.56
C THR A 36 -4.04 3.55 7.07
N ILE A 37 -3.96 4.61 6.30
CA ILE A 37 -2.68 5.07 5.76
C ILE A 37 -1.77 5.59 6.88
N ARG A 38 -2.40 6.02 7.98
CA ARG A 38 -1.66 6.54 9.13
C ARG A 38 -1.09 5.40 9.97
N SER A 39 -1.87 4.33 10.10
CA SER A 39 -1.45 3.17 10.88
C SER A 39 -0.25 2.48 10.25
N ILE A 40 -0.22 2.47 8.92
CA ILE A 40 0.87 1.84 8.19
C ILE A 40 2.18 2.60 8.41
N CYS A 41 2.12 3.92 8.30
CA CYS A 41 3.30 4.76 8.49
C CYS A 41 3.95 4.47 9.84
N LYS A 42 3.14 4.26 10.86
CA LYS A 42 3.64 3.98 12.21
C LYS A 42 4.02 2.50 12.35
N ALA A 43 3.35 1.65 11.56
CA ALA A 43 3.62 0.22 11.61
C ALA A 43 4.96 -0.11 10.94
N SER A 44 5.29 0.66 9.92
CA SER A 44 6.55 0.46 9.19
C SER A 44 7.59 1.49 9.59
N GLY A 45 7.13 2.72 9.84
CA GLY A 45 8.04 3.77 10.24
C GLY A 45 8.28 4.77 9.12
N ALA A 46 7.86 4.41 7.90
CA ALA A 46 8.04 5.28 6.74
C ALA A 46 6.78 6.07 6.45
N LYS A 47 6.93 7.21 5.79
CA LYS A 47 5.80 8.05 5.44
C LYS A 47 5.16 7.60 4.13
N ILE A 48 3.84 7.44 4.15
CA ILE A 48 3.12 7.01 2.96
C ILE A 48 2.06 8.03 2.57
N THR A 49 2.20 8.60 1.37
CA THR A 49 1.25 9.60 0.88
C THR A 49 0.72 9.21 -0.49
N CYS A 50 -0.35 9.88 -0.92
CA CYS A 50 -0.95 9.61 -2.22
C CYS A 50 -0.81 10.81 -3.15
N ASP A 51 -0.60 10.53 -4.43
CA ASP A 51 -0.44 11.59 -5.43
C ASP A 51 -1.30 12.80 -5.08
N LYS A 52 -0.84 13.98 -5.48
CA LYS A 52 -1.58 15.21 -5.21
C LYS A 52 -1.66 16.08 -6.47
N GLU A 53 -0.52 16.33 -7.10
CA GLU A 53 -0.47 17.14 -8.30
C GLU A 53 -1.71 16.90 -9.16
N SER A 54 -2.23 15.67 -9.12
CA SER A 54 -3.41 15.31 -9.90
C SER A 54 -4.58 14.99 -8.99
N GLU A 55 -5.44 15.98 -8.77
CA GLU A 55 -6.60 15.81 -7.91
C GLU A 55 -7.38 14.55 -8.29
N GLY A 56 -8.13 14.01 -7.34
CA GLY A 56 -8.91 12.81 -7.60
C GLY A 56 -10.23 13.11 -8.29
N THR A 57 -10.15 13.80 -9.42
CA THR A 57 -11.34 14.17 -10.18
C THR A 57 -12.11 12.93 -10.62
N LEU A 58 -11.47 12.10 -11.45
CA LEU A 58 -12.08 10.88 -11.94
C LEU A 58 -11.05 9.98 -12.61
N LEU A 59 -9.82 10.06 -12.14
CA LEU A 59 -8.74 9.25 -12.68
C LEU A 59 -9.11 7.76 -12.69
N LEU A 60 -8.16 6.93 -13.08
CA LEU A 60 -8.39 5.48 -13.12
C LEU A 60 -7.75 4.78 -11.94
N SER A 61 -6.51 5.17 -11.64
CA SER A 61 -5.77 4.58 -10.53
C SER A 61 -5.07 5.66 -9.71
N ARG A 62 -4.78 5.34 -8.46
CA ARG A 62 -4.10 6.29 -7.56
C ARG A 62 -2.62 5.96 -7.43
N LEU A 63 -1.87 6.86 -6.82
CA LEU A 63 -0.44 6.67 -6.63
C LEU A 63 -0.06 6.82 -5.16
N ILE A 64 1.05 6.19 -4.78
CA ILE A 64 1.52 6.25 -3.40
C ILE A 64 3.01 6.61 -3.34
N LYS A 65 3.42 7.25 -2.25
CA LYS A 65 4.81 7.64 -2.08
C LYS A 65 5.34 7.17 -0.72
N ILE A 66 6.27 6.22 -0.76
CA ILE A 66 6.86 5.68 0.47
C ILE A 66 8.24 6.27 0.71
N SER A 67 8.43 6.86 1.89
CA SER A 67 9.71 7.47 2.25
C SER A 67 10.15 7.00 3.63
N GLY A 68 11.46 6.94 3.82
CA GLY A 68 12.01 6.51 5.10
C GLY A 68 13.29 5.71 4.95
N THR A 69 13.69 5.03 6.01
CA THR A 69 14.91 4.24 5.99
C THR A 69 14.70 2.93 5.22
N GLN A 70 15.76 2.47 4.56
CA GLN A 70 15.69 1.24 3.78
C GLN A 70 14.87 0.18 4.51
N LYS A 71 14.82 0.29 5.83
CA LYS A 71 14.08 -0.66 6.64
C LYS A 71 12.58 -0.43 6.51
N GLU A 72 12.17 0.84 6.54
CA GLU A 72 10.76 1.19 6.42
C GLU A 72 10.30 1.11 4.98
N VAL A 73 10.84 1.98 4.13
CA VAL A 73 10.48 2.01 2.73
C VAL A 73 10.38 0.59 2.15
N ALA A 74 11.11 -0.33 2.76
CA ALA A 74 11.10 -1.73 2.32
C ALA A 74 9.99 -2.51 3.01
N ALA A 75 9.78 -2.22 4.30
CA ALA A 75 8.75 -2.90 5.07
C ALA A 75 7.36 -2.36 4.73
N ALA A 76 7.19 -1.05 4.88
CA ALA A 76 5.91 -0.41 4.59
C ALA A 76 5.37 -0.87 3.25
N LYS A 77 6.26 -1.02 2.27
CA LYS A 77 5.86 -1.46 0.93
C LYS A 77 4.99 -2.72 1.00
N HIS A 78 5.35 -3.63 1.89
CA HIS A 78 4.61 -4.87 2.06
C HIS A 78 3.27 -4.61 2.75
N LEU A 79 3.26 -3.67 3.68
CA LEU A 79 2.04 -3.32 4.41
C LEU A 79 1.02 -2.65 3.49
N ILE A 80 1.52 -1.85 2.55
CA ILE A 80 0.65 -1.16 1.61
C ILE A 80 -0.06 -2.15 0.68
N LEU A 81 0.66 -3.20 0.29
CA LEU A 81 0.10 -4.21 -0.59
C LEU A 81 -0.88 -5.11 0.16
N GLU A 82 -0.63 -5.29 1.45
CA GLU A 82 -1.48 -6.13 2.29
C GLU A 82 -2.95 -5.71 2.16
N LYS A 83 -3.16 -4.42 1.93
CA LYS A 83 -4.52 -3.89 1.79
C LYS A 83 -5.02 -4.08 0.36
N VAL A 84 -4.11 -4.02 -0.60
CA VAL A 84 -4.46 -4.19 -2.01
C VAL A 84 -5.02 -5.59 -2.27
N SER A 85 -4.34 -6.60 -1.76
CA SER A 85 -4.76 -7.99 -1.94
C SER A 85 -6.09 -8.24 -1.23
N GLU A 86 -6.38 -7.42 -0.22
CA GLU A 86 -7.62 -7.56 0.54
C GLU A 86 -8.83 -7.23 -0.32
N ASP A 87 -8.96 -5.95 -0.68
CA ASP A 87 -10.08 -5.50 -1.49
C ASP A 87 -10.09 -6.23 -2.85
N GLU A 88 -8.92 -6.70 -3.27
CA GLU A 88 -8.79 -7.41 -4.54
C GLU A 88 -9.60 -8.71 -4.51
N GLU A 89 -9.46 -9.45 -3.42
CA GLU A 89 -10.17 -10.72 -3.28
C GLU A 89 -11.56 -10.50 -2.69
N LEU A 90 -11.63 -9.68 -1.65
CA LEU A 90 -12.90 -9.38 -0.99
C LEU A 90 -14.02 -9.19 -2.02
N ARG A 91 -13.68 -8.55 -3.13
CA ARG A 91 -14.65 -8.30 -4.20
C ARG A 91 -14.87 -9.54 -5.04
N LYS A 92 -13.82 -10.36 -5.18
CA LYS A 92 -13.91 -11.58 -5.96
C LYS A 92 -14.77 -12.62 -5.25
N ARG A 93 -14.61 -12.72 -3.93
CA ARG A 93 -15.38 -13.68 -3.14
C ARG A 93 -16.87 -13.39 -3.25
N ILE A 94 -17.21 -12.13 -3.50
CA ILE A 94 -18.61 -11.73 -3.63
C ILE A 94 -19.06 -11.78 -5.09
N ALA A 95 -18.21 -11.29 -5.98
CA ALA A 95 -18.52 -11.28 -7.41
C ALA A 95 -18.71 -12.69 -7.94
N HIS A 96 -17.88 -13.61 -7.47
CA HIS A 96 -17.95 -15.01 -7.90
C HIS A 96 -18.99 -15.77 -7.07
N SER A 97 -19.17 -17.05 -7.40
CA SER A 97 -20.14 -17.88 -6.70
C SER A 97 -20.17 -17.54 -5.20
N ALA A 98 -19.15 -17.99 -4.49
CA ALA A 98 -19.05 -17.73 -3.06
C ALA A 98 -17.62 -17.90 -2.56
N SER A 99 -16.96 -18.95 -3.04
CA SER A 99 -15.58 -19.24 -2.63
C SER A 99 -14.77 -19.73 -3.83
N GLY A 100 -13.47 -19.45 -3.79
CA GLY A 100 -12.59 -19.88 -4.87
C GLY A 100 -11.63 -20.98 -4.45
N PRO A 101 -10.33 -20.68 -4.46
CA PRO A 101 -9.29 -21.64 -4.07
C PRO A 101 -9.32 -21.96 -2.58
N SER A 102 -9.32 -20.91 -1.76
CA SER A 102 -9.33 -21.07 -0.31
C SER A 102 -8.07 -21.78 0.17
N SER A 103 -7.19 -21.03 0.81
CA SER A 103 -5.94 -21.59 1.32
C SER A 103 -5.64 -21.06 2.72
N GLY A 104 -5.68 -19.74 2.87
CA GLY A 104 -5.41 -19.14 4.15
C GLY A 104 -4.31 -18.10 4.09
N GLY A 1 10.68 -20.57 -0.40
CA GLY A 1 12.03 -20.68 -0.92
C GLY A 1 12.63 -19.33 -1.26
N SER A 2 13.50 -18.83 -0.37
CA SER A 2 14.15 -17.54 -0.57
C SER A 2 15.27 -17.33 0.43
N SER A 3 16.08 -16.30 0.20
CA SER A 3 17.20 -16.00 1.09
C SER A 3 17.98 -14.79 0.56
N GLY A 4 18.04 -13.74 1.38
CA GLY A 4 18.76 -12.54 0.99
C GLY A 4 18.20 -11.29 1.63
N SER A 5 18.87 -10.81 2.68
CA SER A 5 18.43 -9.63 3.39
C SER A 5 19.35 -8.44 3.08
N SER A 6 18.74 -7.28 2.84
CA SER A 6 19.51 -6.07 2.54
C SER A 6 20.00 -5.41 3.81
N GLY A 7 20.91 -4.45 3.66
CA GLY A 7 21.46 -3.75 4.81
C GLY A 7 22.64 -2.87 4.44
N ILE A 8 22.36 -1.79 3.69
CA ILE A 8 23.40 -0.87 3.28
C ILE A 8 23.05 0.57 3.64
N LEU A 9 23.55 1.02 4.79
CA LEU A 9 23.28 2.37 5.26
C LEU A 9 24.34 2.82 6.26
N THR A 10 24.29 4.09 6.65
CA THR A 10 25.23 4.64 7.61
C THR A 10 24.65 4.66 9.02
N GLU A 11 23.34 4.90 9.10
CA GLU A 11 22.66 4.95 10.39
C GLU A 11 21.15 5.00 10.21
N ASN A 12 20.72 5.65 9.12
CA ASN A 12 19.29 5.77 8.83
C ASN A 12 19.07 6.36 7.44
N THR A 13 20.06 6.17 6.56
CA THR A 13 19.97 6.69 5.20
C THR A 13 18.54 6.64 4.68
N PRO A 14 18.00 7.82 4.37
CA PRO A 14 16.63 7.95 3.84
C PRO A 14 16.48 7.39 2.44
N VAL A 15 15.24 7.08 2.06
CA VAL A 15 14.97 6.53 0.73
C VAL A 15 13.62 7.01 0.21
N PHE A 16 13.49 7.07 -1.11
CA PHE A 16 12.25 7.51 -1.74
C PHE A 16 11.81 6.54 -2.83
N GLU A 17 10.58 6.06 -2.73
CA GLU A 17 10.04 5.12 -3.70
C GLU A 17 8.59 5.45 -4.03
N GLN A 18 8.20 5.19 -5.28
CA GLN A 18 6.84 5.46 -5.71
C GLN A 18 6.11 4.16 -6.08
N LEU A 19 4.84 4.07 -5.71
CA LEU A 19 4.05 2.89 -6.00
C LEU A 19 2.67 3.27 -6.52
N SER A 20 2.36 2.83 -7.73
CA SER A 20 1.07 3.13 -8.35
C SER A 20 0.03 2.09 -7.97
N VAL A 21 -1.06 2.55 -7.35
CA VAL A 21 -2.14 1.67 -6.93
C VAL A 21 -3.47 2.09 -7.53
N PRO A 22 -4.36 1.11 -7.73
CA PRO A 22 -5.69 1.35 -8.30
C PRO A 22 -6.60 2.13 -7.36
N GLN A 23 -7.51 2.91 -7.93
CA GLN A 23 -8.44 3.70 -7.12
C GLN A 23 -9.56 2.82 -6.57
N ARG A 24 -9.60 1.58 -7.01
CA ARG A 24 -10.62 0.64 -6.56
C ARG A 24 -10.20 -0.05 -5.27
N SER A 25 -8.89 -0.14 -5.05
CA SER A 25 -8.35 -0.77 -3.85
C SER A 25 -7.72 0.26 -2.93
N VAL A 26 -7.64 1.50 -3.40
CA VAL A 26 -7.05 2.58 -2.61
C VAL A 26 -7.93 2.91 -1.40
N GLY A 27 -9.23 2.72 -1.55
CA GLY A 27 -10.16 3.00 -0.47
C GLY A 27 -9.95 2.08 0.72
N ARG A 28 -9.32 0.93 0.48
CA ARG A 28 -9.07 -0.04 1.53
C ARG A 28 -7.68 0.18 2.15
N ILE A 29 -6.75 0.65 1.34
CA ILE A 29 -5.39 0.90 1.81
C ILE A 29 -5.33 2.16 2.65
N ILE A 30 -5.90 3.25 2.14
CA ILE A 30 -5.91 4.52 2.86
C ILE A 30 -6.92 4.49 4.01
N GLY A 31 -7.94 3.67 3.87
CA GLY A 31 -8.96 3.56 4.90
C GLY A 31 -10.13 4.48 4.65
N ARG A 32 -10.77 4.93 5.73
CA ARG A 32 -11.91 5.83 5.63
C ARG A 32 -11.48 7.29 5.70
N GLY A 33 -10.31 7.58 5.14
CA GLY A 33 -9.80 8.94 5.15
C GLY A 33 -8.36 9.00 5.62
N GLY A 34 -7.78 7.86 5.97
CA GLY A 34 -6.42 7.81 6.44
C GLY A 34 -6.23 6.89 7.63
N GLU A 35 -7.29 6.73 8.42
CA GLU A 35 -7.24 5.88 9.60
C GLU A 35 -6.38 4.63 9.33
N THR A 36 -6.37 4.19 8.08
CA THR A 36 -5.60 3.02 7.69
C THR A 36 -4.21 3.41 7.20
N ILE A 37 -4.14 4.54 6.50
CA ILE A 37 -2.87 5.02 5.98
C ILE A 37 -1.96 5.53 7.09
N ARG A 38 -2.55 5.75 8.26
CA ARG A 38 -1.80 6.22 9.42
C ARG A 38 -1.20 5.06 10.21
N SER A 39 -1.99 3.99 10.37
CA SER A 39 -1.54 2.82 11.11
C SER A 39 -0.37 2.15 10.41
N ILE A 40 -0.32 2.28 9.08
CA ILE A 40 0.75 1.69 8.30
C ILE A 40 2.05 2.47 8.46
N CYS A 41 1.97 3.78 8.25
CA CYS A 41 3.14 4.65 8.38
C CYS A 41 3.84 4.41 9.71
N LYS A 42 3.06 4.08 10.74
CA LYS A 42 3.60 3.83 12.07
C LYS A 42 4.07 2.38 12.20
N ALA A 43 3.40 1.48 11.51
CA ALA A 43 3.75 0.06 11.55
C ALA A 43 5.06 -0.20 10.81
N SER A 44 5.36 0.65 9.84
CA SER A 44 6.58 0.51 9.05
C SER A 44 7.62 1.55 9.47
N GLY A 45 7.14 2.75 9.80
CA GLY A 45 8.05 3.81 10.22
C GLY A 45 8.35 4.79 9.09
N ALA A 46 7.85 4.47 7.89
CA ALA A 46 8.08 5.33 6.73
C ALA A 46 6.83 6.13 6.40
N LYS A 47 7.02 7.29 5.79
CA LYS A 47 5.90 8.15 5.41
C LYS A 47 5.31 7.72 4.07
N ILE A 48 3.98 7.61 4.03
CA ILE A 48 3.29 7.20 2.82
C ILE A 48 2.21 8.20 2.44
N THR A 49 2.25 8.68 1.20
CA THR A 49 1.27 9.65 0.72
C THR A 49 0.74 9.25 -0.66
N CYS A 50 -0.39 9.83 -1.04
CA CYS A 50 -1.00 9.54 -2.33
C CYS A 50 -0.79 10.69 -3.31
N ASP A 51 -0.57 10.34 -4.58
CA ASP A 51 -0.35 11.34 -5.61
C ASP A 51 -1.23 12.58 -5.38
N LYS A 52 -0.79 13.71 -5.90
CA LYS A 52 -1.53 14.96 -5.74
C LYS A 52 -1.62 15.71 -7.07
N GLU A 53 -0.48 15.84 -7.75
CA GLU A 53 -0.44 16.53 -9.03
C GLU A 53 -1.66 16.21 -9.87
N SER A 54 -2.24 15.03 -9.64
CA SER A 54 -3.42 14.60 -10.39
C SER A 54 -4.70 15.05 -9.68
N GLU A 55 -5.75 15.24 -10.46
CA GLU A 55 -7.03 15.67 -9.91
C GLU A 55 -7.42 14.83 -8.69
N GLY A 56 -7.03 13.56 -8.72
CA GLY A 56 -7.35 12.68 -7.61
C GLY A 56 -8.83 12.64 -7.28
N THR A 57 -9.66 12.68 -8.33
CA THR A 57 -11.10 12.66 -8.15
C THR A 57 -11.66 11.26 -8.38
N LEU A 58 -11.77 10.88 -9.65
CA LEU A 58 -12.30 9.56 -10.01
C LEU A 58 -11.45 8.92 -11.10
N LEU A 59 -10.17 9.27 -11.14
CA LEU A 59 -9.25 8.73 -12.14
C LEU A 59 -9.31 7.21 -12.16
N LEU A 60 -8.43 6.60 -12.93
CA LEU A 60 -8.38 5.15 -13.04
C LEU A 60 -7.64 4.54 -11.85
N SER A 61 -6.41 4.96 -11.65
CA SER A 61 -5.60 4.45 -10.54
C SER A 61 -4.86 5.58 -9.84
N ARG A 62 -4.59 5.41 -8.55
CA ARG A 62 -3.89 6.42 -7.77
C ARG A 62 -2.42 6.05 -7.60
N LEU A 63 -1.64 6.98 -7.07
CA LEU A 63 -0.22 6.76 -6.85
C LEU A 63 0.15 6.91 -5.38
N ILE A 64 1.23 6.27 -4.97
CA ILE A 64 1.69 6.34 -3.59
C ILE A 64 3.16 6.73 -3.50
N LYS A 65 3.53 7.38 -2.41
CA LYS A 65 4.91 7.81 -2.20
C LYS A 65 5.43 7.36 -0.84
N ILE A 66 6.34 6.39 -0.86
CA ILE A 66 6.91 5.87 0.38
C ILE A 66 8.31 6.41 0.61
N SER A 67 8.53 7.00 1.78
CA SER A 67 9.83 7.58 2.12
C SER A 67 10.25 7.16 3.52
N GLY A 68 11.56 7.04 3.73
CA GLY A 68 12.07 6.65 5.03
C GLY A 68 13.36 5.85 4.93
N THR A 69 13.65 5.08 5.98
CA THR A 69 14.86 4.26 6.01
C THR A 69 14.67 2.96 5.23
N GLN A 70 15.74 2.50 4.61
CA GLN A 70 15.69 1.26 3.83
C GLN A 70 14.87 0.19 4.56
N LYS A 71 14.81 0.30 5.88
CA LYS A 71 14.06 -0.65 6.69
C LYS A 71 12.56 -0.41 6.56
N GLU A 72 12.15 0.86 6.59
CA GLU A 72 10.75 1.22 6.47
C GLU A 72 10.29 1.15 5.02
N VAL A 73 10.76 2.09 4.20
CA VAL A 73 10.41 2.13 2.79
C VAL A 73 10.24 0.73 2.22
N ALA A 74 11.01 -0.21 2.75
CA ALA A 74 10.95 -1.59 2.30
C ALA A 74 9.86 -2.37 3.04
N ALA A 75 9.77 -2.16 4.34
CA ALA A 75 8.77 -2.83 5.16
C ALA A 75 7.37 -2.34 4.83
N ALA A 76 7.19 -1.02 4.88
CA ALA A 76 5.89 -0.41 4.59
C ALA A 76 5.36 -0.88 3.23
N LYS A 77 6.25 -0.94 2.25
CA LYS A 77 5.88 -1.37 0.91
C LYS A 77 5.06 -2.65 0.95
N HIS A 78 5.30 -3.47 1.97
CA HIS A 78 4.58 -4.73 2.14
C HIS A 78 3.19 -4.49 2.71
N LEU A 79 3.14 -3.90 3.90
CA LEU A 79 1.86 -3.63 4.55
C LEU A 79 0.89 -2.97 3.58
N ILE A 80 1.37 -2.00 2.81
CA ILE A 80 0.54 -1.30 1.84
C ILE A 80 -0.20 -2.28 0.95
N LEU A 81 0.51 -3.30 0.48
CA LEU A 81 -0.08 -4.31 -0.39
C LEU A 81 -1.12 -5.14 0.37
N GLU A 82 -0.75 -5.60 1.55
CA GLU A 82 -1.65 -6.40 2.37
C GLU A 82 -3.09 -5.90 2.24
N LYS A 83 -3.25 -4.61 2.02
CA LYS A 83 -4.56 -4.00 1.87
C LYS A 83 -5.07 -4.15 0.44
N VAL A 84 -4.18 -3.91 -0.52
CA VAL A 84 -4.53 -4.02 -1.93
C VAL A 84 -5.13 -5.39 -2.25
N SER A 85 -4.72 -6.39 -1.48
CA SER A 85 -5.22 -7.76 -1.68
C SER A 85 -6.58 -7.95 -1.02
N GLU A 86 -6.84 -7.16 0.02
CA GLU A 86 -8.10 -7.25 0.75
C GLU A 86 -9.27 -6.83 -0.14
N ASP A 87 -9.26 -5.57 -0.57
CA ASP A 87 -10.31 -5.05 -1.42
C ASP A 87 -10.38 -5.81 -2.73
N GLU A 88 -9.22 -6.24 -3.23
CA GLU A 88 -9.14 -6.98 -4.47
C GLU A 88 -10.09 -8.18 -4.46
N GLU A 89 -10.09 -8.91 -3.34
CA GLU A 89 -10.94 -10.07 -3.19
C GLU A 89 -12.32 -9.68 -2.65
N LEU A 90 -12.32 -8.83 -1.63
CA LEU A 90 -13.57 -8.38 -1.02
C LEU A 90 -14.60 -8.02 -2.08
N ARG A 91 -14.14 -7.40 -3.16
CA ARG A 91 -15.02 -6.99 -4.25
C ARG A 91 -15.36 -8.19 -5.13
N LYS A 92 -14.48 -9.19 -5.15
CA LYS A 92 -14.69 -10.39 -5.94
C LYS A 92 -15.75 -11.28 -5.32
N ARG A 93 -15.69 -11.44 -4.01
CA ARG A 93 -16.65 -12.27 -3.28
C ARG A 93 -18.06 -11.71 -3.42
N ILE A 94 -18.15 -10.42 -3.71
CA ILE A 94 -19.44 -9.75 -3.87
C ILE A 94 -19.88 -9.75 -5.32
N ALA A 95 -18.96 -9.43 -6.22
CA ALA A 95 -19.25 -9.39 -7.65
C ALA A 95 -19.61 -10.78 -8.17
N HIS A 96 -18.93 -11.80 -7.65
CA HIS A 96 -19.16 -13.17 -8.06
C HIS A 96 -20.05 -13.89 -7.05
N SER A 97 -21.01 -14.68 -7.55
CA SER A 97 -21.91 -15.42 -6.69
C SER A 97 -22.89 -14.47 -5.99
N ALA A 98 -24.14 -14.91 -5.85
CA ALA A 98 -25.16 -14.11 -5.19
C ALA A 98 -26.48 -14.86 -5.10
N SER A 99 -26.54 -15.84 -4.18
CA SER A 99 -27.74 -16.64 -4.00
C SER A 99 -28.79 -15.86 -3.20
N GLY A 100 -28.46 -15.59 -1.94
CA GLY A 100 -29.38 -14.85 -1.08
C GLY A 100 -28.69 -14.21 0.10
N PRO A 101 -29.25 -13.09 0.58
CA PRO A 101 -28.69 -12.36 1.72
C PRO A 101 -28.87 -13.12 3.04
N SER A 102 -28.39 -12.52 4.13
CA SER A 102 -28.49 -13.14 5.44
C SER A 102 -27.91 -12.22 6.51
N SER A 103 -26.75 -11.63 6.23
CA SER A 103 -26.09 -10.73 7.17
C SER A 103 -25.52 -9.52 6.46
N GLY A 104 -24.64 -9.77 5.50
CA GLY A 104 -24.03 -8.69 4.75
C GLY A 104 -22.86 -8.06 5.48
N GLY A 1 11.85 -20.53 -3.46
CA GLY A 1 12.14 -19.12 -3.62
C GLY A 1 13.63 -18.83 -3.57
N SER A 2 13.99 -17.57 -3.75
CA SER A 2 15.39 -17.16 -3.73
C SER A 2 15.57 -15.89 -2.89
N SER A 3 16.82 -15.55 -2.61
CA SER A 3 17.13 -14.37 -1.81
C SER A 3 18.50 -13.80 -2.20
N GLY A 4 18.57 -12.47 -2.30
CA GLY A 4 19.82 -11.83 -2.66
C GLY A 4 20.56 -11.28 -1.45
N SER A 5 21.33 -10.22 -1.66
CA SER A 5 22.09 -9.61 -0.58
C SER A 5 22.81 -8.36 -1.08
N SER A 6 22.11 -7.23 -1.04
CA SER A 6 22.69 -5.97 -1.48
C SER A 6 21.95 -4.79 -0.85
N GLY A 7 22.61 -3.63 -0.82
CA GLY A 7 22.00 -2.44 -0.25
C GLY A 7 22.89 -1.22 -0.36
N ILE A 8 22.28 -0.07 -0.57
CA ILE A 8 23.02 1.18 -0.69
C ILE A 8 22.63 2.17 0.41
N LEU A 9 23.39 2.15 1.50
CA LEU A 9 23.12 3.05 2.62
C LEU A 9 24.08 2.78 3.77
N THR A 10 23.92 3.53 4.86
CA THR A 10 24.77 3.36 6.03
C THR A 10 24.07 2.54 7.11
N GLU A 11 23.09 3.14 7.77
CA GLU A 11 22.35 2.47 8.82
C GLU A 11 21.10 3.27 9.21
N ASN A 12 20.44 3.85 8.21
CA ASN A 12 19.25 4.64 8.45
C ASN A 12 18.96 5.58 7.28
N THR A 13 19.99 5.80 6.45
CA THR A 13 19.85 6.68 5.29
C THR A 13 18.42 6.65 4.75
N PRO A 14 17.87 7.84 4.47
CA PRO A 14 16.52 7.98 3.93
C PRO A 14 16.41 7.47 2.50
N VAL A 15 15.18 7.16 2.08
CA VAL A 15 14.93 6.67 0.73
C VAL A 15 13.58 7.14 0.21
N PHE A 16 13.38 7.00 -1.09
CA PHE A 16 12.11 7.41 -1.71
C PHE A 16 11.65 6.37 -2.73
N GLU A 17 10.38 5.97 -2.63
CA GLU A 17 9.82 4.99 -3.54
C GLU A 17 8.39 5.35 -3.92
N GLN A 18 8.01 5.04 -5.15
CA GLN A 18 6.67 5.35 -5.63
C GLN A 18 5.94 4.07 -6.03
N LEU A 19 4.70 3.93 -5.57
CA LEU A 19 3.89 2.75 -5.89
C LEU A 19 2.52 3.16 -6.40
N SER A 20 2.22 2.75 -7.64
CA SER A 20 0.94 3.08 -8.26
C SER A 20 -0.11 2.03 -7.90
N VAL A 21 -1.17 2.47 -7.24
CA VAL A 21 -2.25 1.57 -6.84
C VAL A 21 -3.59 2.02 -7.44
N PRO A 22 -4.49 1.05 -7.66
CA PRO A 22 -5.81 1.31 -8.23
C PRO A 22 -6.72 2.07 -7.26
N GLN A 23 -7.63 2.86 -7.81
CA GLN A 23 -8.55 3.64 -7.00
C GLN A 23 -9.71 2.77 -6.50
N ARG A 24 -9.79 1.55 -7.03
CA ARG A 24 -10.84 0.62 -6.63
C ARG A 24 -10.47 -0.11 -5.35
N SER A 25 -9.18 -0.16 -5.06
CA SER A 25 -8.68 -0.83 -3.87
C SER A 25 -8.05 0.16 -2.90
N VAL A 26 -7.95 1.42 -3.33
CA VAL A 26 -7.37 2.46 -2.51
C VAL A 26 -8.18 2.68 -1.24
N GLY A 27 -9.48 2.41 -1.32
CA GLY A 27 -10.35 2.59 -0.17
C GLY A 27 -9.99 1.64 0.97
N ARG A 28 -9.32 0.55 0.64
CA ARG A 28 -8.93 -0.43 1.65
C ARG A 28 -7.54 -0.13 2.19
N ILE A 29 -6.70 0.47 1.35
CA ILE A 29 -5.34 0.82 1.74
C ILE A 29 -5.32 2.10 2.56
N ILE A 30 -5.95 3.14 2.03
CA ILE A 30 -6.01 4.43 2.72
C ILE A 30 -7.04 4.41 3.84
N GLY A 31 -8.00 3.49 3.74
CA GLY A 31 -9.03 3.39 4.77
C GLY A 31 -10.24 4.24 4.46
N ARG A 32 -10.85 4.81 5.50
CA ARG A 32 -12.02 5.65 5.34
C ARG A 32 -11.64 7.13 5.28
N GLY A 33 -10.43 7.39 4.80
CA GLY A 33 -9.95 8.76 4.70
C GLY A 33 -8.48 8.89 5.05
N GLY A 34 -7.95 7.89 5.75
CA GLY A 34 -6.55 7.92 6.14
C GLY A 34 -6.28 7.10 7.39
N GLU A 35 -7.32 6.89 8.19
CA GLU A 35 -7.18 6.12 9.42
C GLU A 35 -6.35 4.86 9.19
N THR A 36 -6.39 4.35 7.96
CA THR A 36 -5.64 3.15 7.60
C THR A 36 -4.28 3.50 7.04
N ILE A 37 -4.21 4.62 6.33
CA ILE A 37 -2.95 5.08 5.73
C ILE A 37 -2.00 5.59 6.80
N ARG A 38 -2.54 5.91 7.97
CA ARG A 38 -1.72 6.42 9.08
C ARG A 38 -1.19 5.27 9.94
N SER A 39 -1.99 4.21 10.05
CA SER A 39 -1.61 3.05 10.84
C SER A 39 -0.42 2.33 10.22
N ILE A 40 -0.33 2.39 8.89
CA ILE A 40 0.76 1.75 8.17
C ILE A 40 2.07 2.51 8.36
N CYS A 41 1.98 3.84 8.36
CA CYS A 41 3.16 4.69 8.52
C CYS A 41 3.81 4.45 9.88
N LYS A 42 2.98 4.11 10.86
CA LYS A 42 3.47 3.86 12.22
C LYS A 42 3.93 2.41 12.37
N ALA A 43 3.33 1.52 11.60
CA ALA A 43 3.68 0.11 11.64
C ALA A 43 5.01 -0.16 10.94
N SER A 44 5.32 0.68 9.96
CA SER A 44 6.57 0.53 9.20
C SER A 44 7.56 1.62 9.59
N GLY A 45 7.05 2.82 9.87
CA GLY A 45 7.92 3.92 10.26
C GLY A 45 8.19 4.86 9.11
N ALA A 46 7.84 4.44 7.89
CA ALA A 46 8.06 5.26 6.71
C ALA A 46 6.82 6.09 6.38
N LYS A 47 7.04 7.26 5.80
CA LYS A 47 5.94 8.15 5.44
C LYS A 47 5.31 7.72 4.12
N ILE A 48 4.01 7.43 4.16
CA ILE A 48 3.29 7.01 2.96
C ILE A 48 2.24 8.04 2.56
N THR A 49 2.38 8.59 1.36
CA THR A 49 1.45 9.59 0.86
C THR A 49 0.88 9.18 -0.49
N CYS A 50 -0.19 9.85 -0.91
CA CYS A 50 -0.84 9.56 -2.18
C CYS A 50 -0.73 10.75 -3.13
N ASP A 51 -0.48 10.47 -4.40
CA ASP A 51 -0.36 11.51 -5.41
C ASP A 51 -1.32 12.67 -5.10
N LYS A 52 -0.93 13.87 -5.53
CA LYS A 52 -1.75 15.06 -5.29
C LYS A 52 -1.86 15.89 -6.57
N GLU A 53 -0.72 16.16 -7.20
CA GLU A 53 -0.70 16.95 -8.43
C GLU A 53 -1.90 16.63 -9.30
N SER A 54 -2.39 15.40 -9.20
CA SER A 54 -3.55 14.98 -9.99
C SER A 54 -4.85 15.40 -9.32
N GLU A 55 -5.82 15.79 -10.13
CA GLU A 55 -7.12 16.22 -9.62
C GLU A 55 -7.55 15.37 -8.43
N GLY A 56 -7.20 14.08 -8.48
CA GLY A 56 -7.56 13.18 -7.40
C GLY A 56 -9.06 13.09 -7.20
N THR A 57 -9.81 13.16 -8.29
CA THR A 57 -11.27 13.09 -8.23
C THR A 57 -11.75 11.65 -8.38
N LEU A 58 -11.87 11.19 -9.62
CA LEU A 58 -12.33 9.83 -9.89
C LEU A 58 -11.42 9.15 -10.91
N LEU A 59 -10.14 9.50 -10.87
CA LEU A 59 -9.16 8.92 -11.80
C LEU A 59 -9.29 7.40 -11.84
N LEU A 60 -8.48 6.76 -12.68
CA LEU A 60 -8.51 5.31 -12.81
C LEU A 60 -7.77 4.64 -11.64
N SER A 61 -6.53 5.06 -11.43
CA SER A 61 -5.72 4.50 -10.35
C SER A 61 -4.97 5.60 -9.61
N ARG A 62 -4.71 5.38 -8.32
CA ARG A 62 -4.01 6.35 -7.50
C ARG A 62 -2.53 5.98 -7.38
N LEU A 63 -1.74 6.89 -6.82
CA LEU A 63 -0.31 6.66 -6.64
C LEU A 63 0.09 6.82 -5.17
N ILE A 64 1.18 6.16 -4.79
CA ILE A 64 1.66 6.23 -3.42
C ILE A 64 3.14 6.57 -3.38
N LYS A 65 3.56 7.25 -2.31
CA LYS A 65 4.96 7.63 -2.15
C LYS A 65 5.48 7.22 -0.78
N ILE A 66 6.30 6.17 -0.75
CA ILE A 66 6.87 5.68 0.49
C ILE A 66 8.27 6.26 0.73
N SER A 67 8.45 6.95 1.85
CA SER A 67 9.72 7.54 2.19
C SER A 67 10.20 7.07 3.56
N GLY A 68 11.52 6.99 3.72
CA GLY A 68 12.09 6.55 4.99
C GLY A 68 13.36 5.76 4.80
N THR A 69 13.77 5.05 5.86
CA THR A 69 14.98 4.24 5.80
C THR A 69 14.75 2.94 5.06
N GLN A 70 15.79 2.47 4.37
CA GLN A 70 15.70 1.22 3.62
C GLN A 70 14.81 0.21 4.32
N LYS A 71 14.87 0.22 5.65
CA LYS A 71 14.07 -0.70 6.46
C LYS A 71 12.57 -0.43 6.28
N GLU A 72 12.16 0.79 6.57
CA GLU A 72 10.76 1.17 6.43
C GLU A 72 10.31 1.08 4.98
N VAL A 73 10.84 1.99 4.15
CA VAL A 73 10.49 2.03 2.73
C VAL A 73 10.36 0.61 2.17
N ALA A 74 11.09 -0.33 2.76
CA ALA A 74 11.04 -1.71 2.32
C ALA A 74 9.92 -2.47 3.01
N ALA A 75 9.72 -2.20 4.29
CA ALA A 75 8.67 -2.85 5.07
C ALA A 75 7.31 -2.28 4.73
N ALA A 76 7.17 -0.96 4.88
CA ALA A 76 5.92 -0.28 4.59
C ALA A 76 5.38 -0.68 3.22
N LYS A 77 6.27 -0.88 2.27
CA LYS A 77 5.89 -1.26 0.92
C LYS A 77 5.05 -2.54 0.94
N HIS A 78 5.38 -3.44 1.84
CA HIS A 78 4.65 -4.71 1.96
C HIS A 78 3.32 -4.50 2.69
N LEU A 79 3.35 -3.67 3.72
CA LEU A 79 2.15 -3.39 4.51
C LEU A 79 1.10 -2.69 3.65
N ILE A 80 1.54 -1.99 2.61
CA ILE A 80 0.64 -1.28 1.72
C ILE A 80 -0.11 -2.26 0.83
N LEU A 81 0.60 -3.24 0.29
CA LEU A 81 0.00 -4.25 -0.58
C LEU A 81 -1.02 -5.10 0.18
N GLU A 82 -0.68 -5.44 1.41
CA GLU A 82 -1.57 -6.25 2.25
C GLU A 82 -3.01 -5.78 2.12
N LYS A 83 -3.20 -4.48 1.95
CA LYS A 83 -4.53 -3.90 1.81
C LYS A 83 -5.01 -4.00 0.37
N VAL A 84 -4.08 -3.96 -0.58
CA VAL A 84 -4.40 -4.04 -1.99
C VAL A 84 -4.97 -5.42 -2.35
N SER A 85 -4.33 -6.46 -1.84
CA SER A 85 -4.76 -7.83 -2.09
C SER A 85 -6.08 -8.13 -1.39
N GLU A 86 -6.36 -7.39 -0.31
CA GLU A 86 -7.57 -7.57 0.45
C GLU A 86 -8.80 -7.17 -0.37
N ASP A 87 -8.94 -5.88 -0.62
CA ASP A 87 -10.06 -5.36 -1.39
C ASP A 87 -10.16 -6.07 -2.75
N GLU A 88 -9.03 -6.63 -3.20
CA GLU A 88 -9.00 -7.33 -4.48
C GLU A 88 -9.84 -8.60 -4.42
N GLU A 89 -9.72 -9.34 -3.32
CA GLU A 89 -10.47 -10.58 -3.15
C GLU A 89 -11.82 -10.30 -2.51
N LEU A 90 -11.83 -9.49 -1.46
CA LEU A 90 -13.07 -9.15 -0.76
C LEU A 90 -14.18 -8.82 -1.76
N ARG A 91 -13.82 -8.11 -2.83
CA ARG A 91 -14.79 -7.73 -3.85
C ARG A 91 -15.15 -8.93 -4.73
N LYS A 92 -14.22 -9.87 -4.84
CA LYS A 92 -14.44 -11.06 -5.65
C LYS A 92 -15.33 -12.05 -4.93
N ARG A 93 -15.13 -12.18 -3.62
CA ARG A 93 -15.92 -13.10 -2.81
C ARG A 93 -17.40 -12.70 -2.81
N ILE A 94 -17.65 -11.43 -3.06
CA ILE A 94 -19.02 -10.91 -3.10
C ILE A 94 -19.56 -10.88 -4.52
N ALA A 95 -18.74 -10.43 -5.45
CA ALA A 95 -19.13 -10.35 -6.86
C ALA A 95 -19.36 -11.74 -7.44
N HIS A 96 -18.49 -12.67 -7.10
CA HIS A 96 -18.59 -14.04 -7.58
C HIS A 96 -19.35 -14.92 -6.59
N SER A 97 -20.54 -15.36 -6.98
CA SER A 97 -21.36 -16.20 -6.12
C SER A 97 -22.35 -17.02 -6.94
N ALA A 98 -21.89 -17.52 -8.08
CA ALA A 98 -22.74 -18.32 -8.95
C ALA A 98 -22.71 -19.79 -8.55
N SER A 99 -21.52 -20.29 -8.22
CA SER A 99 -21.36 -21.68 -7.81
C SER A 99 -20.77 -21.78 -6.42
N GLY A 100 -19.54 -21.30 -6.28
CA GLY A 100 -18.88 -21.34 -4.98
C GLY A 100 -18.54 -22.75 -4.54
N PRO A 101 -17.64 -23.41 -5.30
CA PRO A 101 -17.21 -24.79 -4.99
C PRO A 101 -16.38 -24.87 -3.73
N SER A 102 -15.66 -23.80 -3.43
CA SER A 102 -14.81 -23.75 -2.24
C SER A 102 -14.37 -22.32 -1.93
N SER A 103 -13.67 -22.15 -0.82
CA SER A 103 -13.19 -20.83 -0.41
C SER A 103 -14.35 -19.84 -0.32
N GLY A 104 -14.90 -19.68 0.88
CA GLY A 104 -16.00 -18.76 1.09
C GLY A 104 -16.26 -18.49 2.55
N GLY A 1 14.13 -21.07 9.68
CA GLY A 1 13.67 -20.37 8.49
C GLY A 1 14.75 -19.50 7.87
N SER A 2 14.41 -18.84 6.77
CA SER A 2 15.36 -17.97 6.08
C SER A 2 15.00 -16.51 6.26
N SER A 3 15.98 -15.63 6.10
CA SER A 3 15.77 -14.20 6.25
C SER A 3 16.57 -13.41 5.21
N GLY A 4 16.06 -12.25 4.83
CA GLY A 4 16.74 -11.43 3.85
C GLY A 4 16.29 -9.98 3.90
N SER A 5 16.48 -9.26 2.79
CA SER A 5 16.09 -7.86 2.72
C SER A 5 17.16 -6.97 3.37
N SER A 6 18.07 -6.45 2.55
CA SER A 6 19.14 -5.59 3.05
C SER A 6 19.90 -4.95 1.89
N GLY A 7 20.64 -3.89 2.20
CA GLY A 7 21.40 -3.20 1.17
C GLY A 7 22.56 -2.40 1.75
N ILE A 8 22.82 -1.24 1.16
CA ILE A 8 23.90 -0.38 1.61
C ILE A 8 23.36 0.86 2.30
N LEU A 9 23.67 1.01 3.59
CA LEU A 9 23.21 2.16 4.37
C LEU A 9 23.84 2.17 5.75
N THR A 10 23.50 3.18 6.54
CA THR A 10 24.03 3.31 7.90
C THR A 10 22.94 3.07 8.94
N GLU A 11 21.83 2.49 8.50
CA GLU A 11 20.71 2.21 9.39
C GLU A 11 19.83 3.45 9.58
N ASN A 12 20.12 4.48 8.81
CA ASN A 12 19.36 5.73 8.88
C ASN A 12 19.11 6.31 7.49
N THR A 13 20.10 6.14 6.62
CA THR A 13 20.00 6.65 5.25
C THR A 13 18.56 6.59 4.74
N PRO A 14 18.01 7.76 4.39
CA PRO A 14 16.64 7.86 3.88
C PRO A 14 16.48 7.26 2.50
N VAL A 15 15.24 6.94 2.13
CA VAL A 15 14.97 6.36 0.82
C VAL A 15 13.63 6.87 0.27
N PHE A 16 13.49 6.80 -1.05
CA PHE A 16 12.27 7.26 -1.71
C PHE A 16 11.81 6.25 -2.76
N GLU A 17 10.55 5.85 -2.68
CA GLU A 17 9.98 4.89 -3.62
C GLU A 17 8.53 5.24 -3.95
N GLN A 18 8.13 4.96 -5.19
CA GLN A 18 6.77 5.24 -5.62
C GLN A 18 6.02 3.95 -5.96
N LEU A 19 4.74 3.92 -5.67
CA LEU A 19 3.91 2.75 -5.94
C LEU A 19 2.55 3.15 -6.48
N SER A 20 2.25 2.72 -7.70
CA SER A 20 0.98 3.04 -8.34
C SER A 20 -0.09 2.01 -7.97
N VAL A 21 -1.19 2.47 -7.38
CA VAL A 21 -2.28 1.59 -6.98
C VAL A 21 -3.60 2.04 -7.59
N PRO A 22 -4.51 1.09 -7.82
CA PRO A 22 -5.83 1.37 -8.40
C PRO A 22 -6.73 2.13 -7.42
N GLN A 23 -7.48 3.10 -7.96
CA GLN A 23 -8.38 3.89 -7.14
C GLN A 23 -9.52 3.04 -6.59
N ARG A 24 -9.61 1.81 -7.06
CA ARG A 24 -10.66 0.89 -6.63
C ARG A 24 -10.20 0.10 -5.40
N SER A 25 -8.90 -0.04 -5.24
CA SER A 25 -8.34 -0.78 -4.12
C SER A 25 -7.67 0.17 -3.13
N VAL A 26 -7.43 1.40 -3.57
CA VAL A 26 -6.78 2.40 -2.73
C VAL A 26 -7.64 2.72 -1.51
N GLY A 27 -8.94 2.48 -1.62
CA GLY A 27 -9.85 2.74 -0.52
C GLY A 27 -9.62 1.82 0.66
N ARG A 28 -8.99 0.68 0.40
CA ARG A 28 -8.71 -0.30 1.44
C ARG A 28 -7.33 -0.07 2.06
N ILE A 29 -6.45 0.57 1.29
CA ILE A 29 -5.10 0.85 1.75
C ILE A 29 -5.07 2.11 2.63
N ILE A 30 -5.68 3.19 2.13
CA ILE A 30 -5.72 4.44 2.86
C ILE A 30 -6.81 4.41 3.93
N GLY A 31 -7.84 3.59 3.70
CA GLY A 31 -8.92 3.49 4.65
C GLY A 31 -10.08 4.42 4.31
N ARG A 32 -10.87 4.76 5.32
CA ARG A 32 -12.01 5.66 5.13
C ARG A 32 -11.56 7.09 4.92
N GLY A 33 -10.49 7.49 5.63
CA GLY A 33 -9.98 8.83 5.51
C GLY A 33 -8.56 8.96 6.01
N GLY A 34 -7.86 7.81 6.08
CA GLY A 34 -6.48 7.82 6.55
C GLY A 34 -6.27 6.91 7.74
N GLU A 35 -7.35 6.63 8.47
CA GLU A 35 -7.28 5.76 9.64
C GLU A 35 -6.44 4.51 9.34
N THR A 36 -6.41 4.12 8.07
CA THR A 36 -5.64 2.95 7.65
C THR A 36 -4.26 3.34 7.17
N ILE A 37 -4.14 4.54 6.61
CA ILE A 37 -2.87 5.03 6.11
C ILE A 37 -1.99 5.54 7.24
N ARG A 38 -2.60 5.82 8.39
CA ARG A 38 -1.87 6.31 9.55
C ARG A 38 -1.25 5.15 10.33
N SER A 39 -1.96 4.03 10.38
CA SER A 39 -1.47 2.85 11.09
C SER A 39 -0.30 2.22 10.35
N ILE A 40 -0.30 2.33 9.03
CA ILE A 40 0.76 1.76 8.21
C ILE A 40 2.07 2.54 8.40
N CYS A 41 1.98 3.86 8.28
CA CYS A 41 3.16 4.72 8.43
C CYS A 41 3.85 4.46 9.77
N LYS A 42 3.05 4.22 10.80
CA LYS A 42 3.58 3.96 12.14
C LYS A 42 4.00 2.51 12.28
N ALA A 43 3.35 1.63 11.53
CA ALA A 43 3.66 0.21 11.56
C ALA A 43 4.99 -0.08 10.89
N SER A 44 5.36 0.75 9.93
CA SER A 44 6.61 0.58 9.20
C SER A 44 7.62 1.67 9.59
N GLY A 45 7.11 2.87 9.81
CA GLY A 45 7.98 3.97 10.20
C GLY A 45 8.27 4.90 9.03
N ALA A 46 7.85 4.50 7.84
CA ALA A 46 8.07 5.30 6.64
C ALA A 46 6.85 6.14 6.31
N LYS A 47 7.07 7.28 5.65
CA LYS A 47 5.98 8.17 5.27
C LYS A 47 5.33 7.71 3.98
N ILE A 48 3.99 7.68 3.98
CA ILE A 48 3.24 7.26 2.80
C ILE A 48 2.24 8.32 2.38
N THR A 49 2.36 8.81 1.16
CA THR A 49 1.46 9.83 0.64
C THR A 49 0.89 9.42 -0.72
N CYS A 50 -0.34 9.85 -0.99
CA CYS A 50 -1.00 9.53 -2.26
C CYS A 50 -0.73 10.62 -3.29
N ASP A 51 -0.13 10.22 -4.42
CA ASP A 51 0.17 11.17 -5.48
C ASP A 51 0.62 12.51 -4.91
N LYS A 52 0.51 13.56 -5.72
CA LYS A 52 0.90 14.89 -5.30
C LYS A 52 0.05 15.95 -5.99
N GLU A 53 -0.04 15.89 -7.31
CA GLU A 53 -0.83 16.84 -8.07
C GLU A 53 -2.30 16.47 -8.05
N SER A 54 -2.60 15.26 -7.59
CA SER A 54 -3.97 14.77 -7.53
C SER A 54 -4.56 15.00 -6.13
N GLU A 55 -5.85 15.28 -6.09
CA GLU A 55 -6.54 15.52 -4.82
C GLU A 55 -7.50 14.38 -4.50
N GLY A 56 -8.19 13.89 -5.53
CA GLY A 56 -9.13 12.81 -5.34
C GLY A 56 -10.49 13.10 -5.96
N THR A 57 -10.47 13.64 -7.17
CA THR A 57 -11.70 13.97 -7.88
C THR A 57 -12.43 12.71 -8.34
N LEU A 58 -11.86 12.01 -9.31
CA LEU A 58 -12.45 10.79 -9.83
C LEU A 58 -11.52 10.13 -10.85
N LEU A 59 -10.22 10.33 -10.68
CA LEU A 59 -9.24 9.76 -11.60
C LEU A 59 -9.47 8.26 -11.78
N LEU A 60 -8.68 7.64 -12.65
CA LEU A 60 -8.80 6.22 -12.92
C LEU A 60 -8.01 5.40 -11.90
N SER A 61 -6.77 5.80 -11.68
CA SER A 61 -5.89 5.11 -10.73
C SER A 61 -5.23 6.10 -9.78
N ARG A 62 -4.68 5.59 -8.69
CA ARG A 62 -4.01 6.43 -7.70
C ARG A 62 -2.55 6.03 -7.56
N LEU A 63 -1.76 6.91 -6.95
CA LEU A 63 -0.33 6.65 -6.75
C LEU A 63 0.06 6.87 -5.30
N ILE A 64 1.13 6.19 -4.87
CA ILE A 64 1.60 6.31 -3.50
C ILE A 64 3.09 6.65 -3.46
N LYS A 65 3.51 7.31 -2.39
CA LYS A 65 4.91 7.70 -2.24
C LYS A 65 5.45 7.24 -0.88
N ILE A 66 6.32 6.24 -0.90
CA ILE A 66 6.91 5.72 0.33
C ILE A 66 8.30 6.30 0.55
N SER A 67 8.52 6.84 1.75
CA SER A 67 9.81 7.44 2.09
C SER A 67 10.26 6.98 3.48
N GLY A 68 11.57 6.96 3.70
CA GLY A 68 12.11 6.54 4.97
C GLY A 68 13.37 5.71 4.84
N THR A 69 13.79 5.09 5.93
CA THR A 69 14.99 4.26 5.92
C THR A 69 14.77 2.97 5.15
N GLN A 70 15.83 2.42 4.59
CA GLN A 70 15.76 1.19 3.81
C GLN A 70 14.92 0.14 4.55
N LYS A 71 14.79 0.30 5.86
CA LYS A 71 14.02 -0.62 6.68
C LYS A 71 12.53 -0.34 6.54
N GLU A 72 12.16 0.94 6.60
CA GLU A 72 10.77 1.33 6.48
C GLU A 72 10.28 1.23 5.04
N VAL A 73 10.77 2.14 4.20
CA VAL A 73 10.39 2.15 2.79
C VAL A 73 10.27 0.74 2.24
N ALA A 74 11.02 -0.19 2.82
CA ALA A 74 10.99 -1.58 2.39
C ALA A 74 9.87 -2.35 3.09
N ALA A 75 9.69 -2.07 4.38
CA ALA A 75 8.65 -2.73 5.16
C ALA A 75 7.27 -2.16 4.85
N ALA A 76 7.14 -0.85 4.96
CA ALA A 76 5.87 -0.18 4.68
C ALA A 76 5.30 -0.63 3.33
N LYS A 77 6.17 -0.77 2.34
CA LYS A 77 5.76 -1.19 1.01
C LYS A 77 4.96 -2.49 1.08
N HIS A 78 5.33 -3.35 2.03
CA HIS A 78 4.64 -4.63 2.20
C HIS A 78 3.26 -4.43 2.80
N LEU A 79 3.20 -3.76 3.94
CA LEU A 79 1.92 -3.51 4.62
C LEU A 79 0.93 -2.84 3.66
N ILE A 80 1.46 -2.02 2.75
CA ILE A 80 0.63 -1.32 1.78
C ILE A 80 -0.08 -2.30 0.84
N LEU A 81 0.65 -3.34 0.43
CA LEU A 81 0.10 -4.34 -0.48
C LEU A 81 -0.90 -5.23 0.26
N GLU A 82 -0.62 -5.52 1.52
CA GLU A 82 -1.50 -6.36 2.32
C GLU A 82 -2.95 -5.94 2.16
N LYS A 83 -3.17 -4.65 1.92
CA LYS A 83 -4.52 -4.12 1.74
C LYS A 83 -4.98 -4.29 0.30
N VAL A 84 -4.10 -3.96 -0.65
CA VAL A 84 -4.41 -4.08 -2.06
C VAL A 84 -4.93 -5.48 -2.40
N SER A 85 -4.30 -6.49 -1.80
CA SER A 85 -4.69 -7.87 -2.04
C SER A 85 -5.97 -8.21 -1.28
N GLU A 86 -6.22 -7.50 -0.19
CA GLU A 86 -7.41 -7.72 0.63
C GLU A 86 -8.67 -7.41 -0.17
N ASP A 87 -8.80 -6.16 -0.59
CA ASP A 87 -9.97 -5.73 -1.36
C ASP A 87 -10.05 -6.48 -2.69
N GLU A 88 -8.90 -6.71 -3.31
CA GLU A 88 -8.85 -7.41 -4.58
C GLU A 88 -9.64 -8.72 -4.51
N GLU A 89 -9.56 -9.39 -3.38
CA GLU A 89 -10.26 -10.65 -3.18
C GLU A 89 -11.63 -10.42 -2.54
N LEU A 90 -11.63 -9.70 -1.42
CA LEU A 90 -12.88 -9.41 -0.71
C LEU A 90 -14.01 -9.11 -1.69
N ARG A 91 -13.70 -8.35 -2.74
CA ARG A 91 -14.69 -7.99 -3.75
C ARG A 91 -15.10 -9.23 -4.56
N LYS A 92 -14.13 -10.09 -4.84
CA LYS A 92 -14.39 -11.31 -5.61
C LYS A 92 -15.21 -12.30 -4.79
N ARG A 93 -14.90 -12.40 -3.51
CA ARG A 93 -15.61 -13.32 -2.61
C ARG A 93 -17.11 -13.04 -2.63
N ILE A 94 -17.48 -11.84 -3.08
CA ILE A 94 -18.88 -11.45 -3.15
C ILE A 94 -19.45 -11.68 -4.54
N ALA A 95 -18.67 -11.35 -5.56
CA ALA A 95 -19.10 -11.53 -6.94
C ALA A 95 -19.26 -13.01 -7.28
N HIS A 96 -18.28 -13.81 -6.88
CA HIS A 96 -18.32 -15.25 -7.13
C HIS A 96 -19.43 -15.92 -6.33
N SER A 97 -20.50 -16.32 -7.03
CA SER A 97 -21.63 -16.96 -6.38
C SER A 97 -21.22 -18.30 -5.76
N ALA A 98 -21.04 -18.29 -4.44
CA ALA A 98 -20.65 -19.50 -3.73
C ALA A 98 -20.93 -19.37 -2.24
N SER A 99 -20.61 -18.21 -1.68
CA SER A 99 -20.83 -17.97 -0.25
C SER A 99 -20.20 -19.07 0.60
N GLY A 100 -20.30 -18.93 1.92
CA GLY A 100 -19.74 -19.92 2.81
C GLY A 100 -18.85 -19.30 3.87
N PRO A 101 -18.76 -19.96 5.04
CA PRO A 101 -17.94 -19.48 6.15
C PRO A 101 -16.44 -19.59 5.86
N SER A 102 -15.78 -18.45 5.73
CA SER A 102 -14.35 -18.42 5.45
C SER A 102 -13.56 -19.05 6.59
N SER A 103 -12.30 -19.35 6.32
CA SER A 103 -11.43 -19.97 7.32
C SER A 103 -11.04 -18.96 8.41
N GLY A 104 -10.51 -19.46 9.52
CA GLY A 104 -10.11 -18.59 10.60
C GLY A 104 -8.79 -18.99 11.21
N GLY A 1 17.30 -17.88 -14.47
CA GLY A 1 17.29 -17.24 -13.17
C GLY A 1 17.39 -15.72 -13.28
N SER A 2 17.67 -15.08 -12.14
CA SER A 2 17.78 -13.63 -12.10
C SER A 2 18.86 -13.19 -11.13
N SER A 3 18.96 -13.89 -10.01
CA SER A 3 19.95 -13.58 -8.98
C SER A 3 19.95 -12.09 -8.67
N GLY A 4 19.10 -11.68 -7.73
CA GLY A 4 19.03 -10.28 -7.37
C GLY A 4 19.30 -10.05 -5.89
N SER A 5 20.34 -9.27 -5.60
CA SER A 5 20.71 -8.98 -4.21
C SER A 5 21.76 -7.87 -4.16
N SER A 6 21.49 -6.85 -3.35
CA SER A 6 22.41 -5.73 -3.20
C SER A 6 21.99 -4.84 -2.03
N GLY A 7 22.78 -3.80 -1.77
CA GLY A 7 22.47 -2.88 -0.69
C GLY A 7 23.43 -1.71 -0.64
N ILE A 8 22.93 -0.53 -1.02
CA ILE A 8 23.76 0.67 -1.02
C ILE A 8 23.31 1.63 0.07
N LEU A 9 24.00 1.58 1.21
CA LEU A 9 23.68 2.45 2.35
C LEU A 9 24.86 2.55 3.30
N THR A 10 24.76 3.45 4.27
CA THR A 10 25.82 3.64 5.25
C THR A 10 25.40 3.11 6.62
N GLU A 11 24.45 3.80 7.25
CA GLU A 11 23.97 3.40 8.57
C GLU A 11 22.44 3.33 8.59
N ASN A 12 21.82 4.17 7.75
CA ASN A 12 20.36 4.20 7.68
C ASN A 12 19.90 5.25 6.67
N THR A 13 20.72 5.48 5.65
CA THR A 13 20.40 6.46 4.62
C THR A 13 18.92 6.37 4.22
N PRO A 14 18.31 7.53 3.96
CA PRO A 14 16.90 7.61 3.56
C PRO A 14 16.66 7.07 2.17
N VAL A 15 15.40 6.83 1.83
CA VAL A 15 15.04 6.31 0.51
C VAL A 15 13.69 6.86 0.06
N PHE A 16 13.48 6.89 -1.25
CA PHE A 16 12.24 7.39 -1.82
C PHE A 16 11.71 6.45 -2.90
N GLU A 17 10.54 5.87 -2.65
CA GLU A 17 9.92 4.95 -3.61
C GLU A 17 8.46 5.31 -3.85
N GLN A 18 7.93 4.87 -4.98
CA GLN A 18 6.54 5.14 -5.33
C GLN A 18 5.83 3.87 -5.76
N LEU A 19 4.58 3.71 -5.30
CA LEU A 19 3.80 2.53 -5.64
C LEU A 19 2.46 2.93 -6.25
N SER A 20 2.25 2.56 -7.51
CA SER A 20 1.02 2.87 -8.21
C SER A 20 -0.08 1.87 -7.87
N VAL A 21 -1.17 2.38 -7.30
CA VAL A 21 -2.29 1.53 -6.92
C VAL A 21 -3.59 2.02 -7.56
N PRO A 22 -4.49 1.07 -7.88
CA PRO A 22 -5.78 1.39 -8.49
C PRO A 22 -6.73 2.08 -7.52
N GLN A 23 -7.48 3.05 -8.04
CA GLN A 23 -8.42 3.81 -7.22
C GLN A 23 -9.48 2.87 -6.61
N ARG A 24 -9.49 1.63 -7.07
CA ARG A 24 -10.45 0.64 -6.59
C ARG A 24 -9.92 -0.04 -5.32
N SER A 25 -8.60 -0.15 -5.22
CA SER A 25 -7.97 -0.79 -4.06
C SER A 25 -7.43 0.26 -3.10
N VAL A 26 -7.13 1.45 -3.63
CA VAL A 26 -6.61 2.53 -2.81
C VAL A 26 -7.56 2.87 -1.66
N GLY A 27 -8.83 2.49 -1.82
CA GLY A 27 -9.82 2.75 -0.79
C GLY A 27 -9.67 1.82 0.39
N ARG A 28 -8.95 0.73 0.21
CA ARG A 28 -8.74 -0.24 1.27
C ARG A 28 -7.39 -0.05 1.94
N ILE A 29 -6.48 0.60 1.23
CA ILE A 29 -5.14 0.85 1.76
C ILE A 29 -5.12 2.10 2.65
N ILE A 30 -5.65 3.20 2.12
CA ILE A 30 -5.71 4.45 2.87
C ILE A 30 -6.76 4.38 3.97
N GLY A 31 -7.81 3.61 3.73
CA GLY A 31 -8.87 3.47 4.71
C GLY A 31 -10.07 4.35 4.39
N ARG A 32 -10.97 4.47 5.36
CA ARG A 32 -12.18 5.29 5.17
C ARG A 32 -11.81 6.77 5.05
N GLY A 33 -10.80 7.19 5.81
CA GLY A 33 -10.38 8.58 5.76
C GLY A 33 -8.94 8.75 6.21
N GLY A 34 -8.15 7.69 6.11
CA GLY A 34 -6.77 7.75 6.52
C GLY A 34 -6.47 6.89 7.73
N GLU A 35 -7.51 6.53 8.47
CA GLU A 35 -7.36 5.71 9.66
C GLU A 35 -6.47 4.51 9.38
N THR A 36 -6.39 4.12 8.12
CA THR A 36 -5.56 2.99 7.71
C THR A 36 -4.16 3.45 7.28
N ILE A 37 -4.12 4.52 6.50
CA ILE A 37 -2.84 5.05 6.03
C ILE A 37 -1.99 5.55 7.19
N ARG A 38 -2.65 5.88 8.30
CA ARG A 38 -1.94 6.38 9.48
C ARG A 38 -1.40 5.22 10.31
N SER A 39 -2.13 4.10 10.29
CA SER A 39 -1.72 2.92 11.06
C SER A 39 -0.54 2.24 10.40
N ILE A 40 -0.42 2.40 9.08
CA ILE A 40 0.67 1.79 8.33
C ILE A 40 1.99 2.52 8.59
N CYS A 41 1.98 3.83 8.41
CA CYS A 41 3.17 4.64 8.63
C CYS A 41 3.78 4.36 9.99
N LYS A 42 2.93 4.07 10.97
CA LYS A 42 3.38 3.77 12.32
C LYS A 42 3.75 2.31 12.47
N ALA A 43 3.23 1.48 11.56
CA ALA A 43 3.51 0.05 11.59
C ALA A 43 4.81 -0.28 10.88
N SER A 44 5.24 0.64 10.00
CA SER A 44 6.47 0.45 9.25
C SER A 44 7.50 1.51 9.61
N GLY A 45 7.02 2.74 9.85
CA GLY A 45 7.91 3.83 10.20
C GLY A 45 8.25 4.71 9.02
N ALA A 46 7.89 4.25 7.82
CA ALA A 46 8.15 5.00 6.60
C ALA A 46 6.98 5.92 6.25
N LYS A 47 7.30 7.07 5.67
CA LYS A 47 6.28 8.04 5.28
C LYS A 47 5.52 7.57 4.05
N ILE A 48 4.20 7.70 4.08
CA ILE A 48 3.36 7.29 2.95
C ILE A 48 2.32 8.35 2.64
N THR A 49 2.19 8.68 1.36
CA THR A 49 1.23 9.68 0.91
C THR A 49 0.61 9.30 -0.42
N CYS A 50 -0.59 9.80 -0.67
CA CYS A 50 -1.30 9.52 -1.92
C CYS A 50 -1.30 10.73 -2.83
N ASP A 51 -1.36 10.49 -4.14
CA ASP A 51 -1.37 11.56 -5.12
C ASP A 51 -2.26 12.70 -4.67
N LYS A 52 -2.06 13.88 -5.26
CA LYS A 52 -2.85 15.06 -4.92
C LYS A 52 -3.28 15.81 -6.18
N GLU A 53 -2.31 16.09 -7.05
CA GLU A 53 -2.59 16.81 -8.28
C GLU A 53 -3.92 16.38 -8.88
N SER A 54 -4.24 15.09 -8.73
CA SER A 54 -5.49 14.55 -9.26
C SER A 54 -6.41 14.12 -8.13
N GLU A 55 -7.40 14.95 -7.82
CA GLU A 55 -8.34 14.65 -6.75
C GLU A 55 -9.20 13.45 -7.11
N GLY A 56 -10.15 13.12 -6.24
CA GLY A 56 -11.03 11.99 -6.49
C GLY A 56 -12.20 12.35 -7.39
N THR A 57 -11.90 13.00 -8.51
CA THR A 57 -12.93 13.41 -9.46
C THR A 57 -13.40 12.23 -10.29
N LEU A 58 -12.56 11.79 -11.22
CA LEU A 58 -12.89 10.67 -12.09
C LEU A 58 -11.63 10.02 -12.64
N LEU A 59 -10.52 10.19 -11.92
CA LEU A 59 -9.25 9.61 -12.33
C LEU A 59 -9.40 8.12 -12.66
N LEU A 60 -8.30 7.49 -13.04
CA LEU A 60 -8.31 6.07 -13.38
C LEU A 60 -7.62 5.25 -12.29
N SER A 61 -6.36 5.56 -12.02
CA SER A 61 -5.59 4.85 -11.01
C SER A 61 -4.94 5.83 -10.04
N ARG A 62 -4.60 5.35 -8.86
CA ARG A 62 -3.97 6.17 -7.84
C ARG A 62 -2.49 5.83 -7.69
N LEU A 63 -1.74 6.70 -7.02
CA LEU A 63 -0.32 6.49 -6.82
C LEU A 63 0.09 6.89 -5.40
N ILE A 64 0.95 6.10 -4.79
CA ILE A 64 1.43 6.36 -3.44
C ILE A 64 2.90 6.74 -3.44
N LYS A 65 3.33 7.44 -2.39
CA LYS A 65 4.72 7.87 -2.27
C LYS A 65 5.30 7.43 -0.93
N ILE A 66 6.22 6.45 -0.98
CA ILE A 66 6.85 5.95 0.23
C ILE A 66 8.24 6.55 0.42
N SER A 67 8.58 6.85 1.66
CA SER A 67 9.89 7.44 1.98
C SER A 67 10.36 7.01 3.37
N GLY A 68 11.66 7.02 3.57
CA GLY A 68 12.22 6.65 4.86
C GLY A 68 13.47 5.80 4.73
N THR A 69 13.82 5.10 5.80
CA THR A 69 15.01 4.25 5.80
C THR A 69 14.73 2.91 5.13
N GLN A 70 15.76 2.34 4.51
CA GLN A 70 15.62 1.06 3.83
C GLN A 70 14.79 0.08 4.66
N LYS A 71 14.85 0.24 5.98
CA LYS A 71 14.10 -0.63 6.87
C LYS A 71 12.61 -0.37 6.76
N GLU A 72 12.24 0.90 6.66
CA GLU A 72 10.83 1.28 6.55
C GLU A 72 10.36 1.16 5.10
N VAL A 73 10.87 2.05 4.24
CA VAL A 73 10.50 2.05 2.84
C VAL A 73 10.33 0.62 2.31
N ALA A 74 11.05 -0.32 2.91
CA ALA A 74 10.97 -1.71 2.51
C ALA A 74 9.82 -2.43 3.22
N ALA A 75 9.64 -2.13 4.50
CA ALA A 75 8.58 -2.74 5.29
C ALA A 75 7.22 -2.15 4.92
N ALA A 76 7.13 -0.83 4.92
CA ALA A 76 5.89 -0.15 4.58
C ALA A 76 5.36 -0.61 3.24
N LYS A 77 6.26 -0.79 2.29
CA LYS A 77 5.89 -1.23 0.94
C LYS A 77 5.13 -2.56 1.01
N HIS A 78 5.41 -3.37 2.02
CA HIS A 78 4.75 -4.65 2.19
C HIS A 78 3.36 -4.47 2.76
N LEU A 79 3.22 -3.59 3.74
CA LEU A 79 1.94 -3.32 4.38
C LEU A 79 0.97 -2.69 3.39
N ILE A 80 1.37 -1.58 2.79
CA ILE A 80 0.54 -0.89 1.82
C ILE A 80 -0.07 -1.86 0.81
N LEU A 81 0.71 -2.87 0.44
CA LEU A 81 0.25 -3.87 -0.51
C LEU A 81 -0.72 -4.85 0.14
N GLU A 82 -0.44 -5.20 1.40
CA GLU A 82 -1.29 -6.13 2.14
C GLU A 82 -2.76 -5.73 2.02
N LYS A 83 -3.00 -4.44 1.89
CA LYS A 83 -4.37 -3.92 1.76
C LYS A 83 -4.87 -4.06 0.34
N VAL A 84 -3.98 -3.87 -0.63
CA VAL A 84 -4.34 -3.98 -2.04
C VAL A 84 -4.93 -5.36 -2.35
N SER A 85 -4.24 -6.40 -1.92
CA SER A 85 -4.69 -7.77 -2.14
C SER A 85 -5.98 -8.05 -1.38
N GLU A 86 -6.17 -7.35 -0.27
CA GLU A 86 -7.37 -7.52 0.55
C GLU A 86 -8.62 -7.18 -0.24
N ASP A 87 -8.73 -5.90 -0.65
CA ASP A 87 -9.88 -5.44 -1.41
C ASP A 87 -10.00 -6.21 -2.73
N GLU A 88 -8.88 -6.76 -3.18
CA GLU A 88 -8.87 -7.51 -4.44
C GLU A 88 -9.74 -8.76 -4.34
N GLU A 89 -9.62 -9.47 -3.22
CA GLU A 89 -10.40 -10.69 -3.01
C GLU A 89 -11.73 -10.37 -2.32
N LEU A 90 -11.66 -9.52 -1.30
CA LEU A 90 -12.86 -9.13 -0.56
C LEU A 90 -14.04 -8.91 -1.50
N ARG A 91 -13.76 -8.28 -2.64
CA ARG A 91 -14.80 -8.00 -3.63
C ARG A 91 -15.16 -9.27 -4.40
N LYS A 92 -14.16 -10.09 -4.71
CA LYS A 92 -14.37 -11.33 -5.44
C LYS A 92 -15.31 -12.25 -4.67
N ARG A 93 -15.14 -12.30 -3.35
CA ARG A 93 -15.96 -13.16 -2.50
C ARG A 93 -17.44 -12.80 -2.64
N ILE A 94 -17.70 -11.60 -3.14
CA ILE A 94 -19.07 -11.13 -3.33
C ILE A 94 -19.60 -11.52 -4.70
N ALA A 95 -18.76 -11.34 -5.73
CA ALA A 95 -19.13 -11.67 -7.09
C ALA A 95 -19.39 -13.16 -7.25
N HIS A 96 -18.54 -13.97 -6.61
CA HIS A 96 -18.68 -15.43 -6.68
C HIS A 96 -19.34 -15.97 -5.41
N SER A 97 -19.54 -17.29 -5.38
CA SER A 97 -20.16 -17.92 -4.22
C SER A 97 -19.10 -18.46 -3.27
N ALA A 98 -18.83 -17.72 -2.21
CA ALA A 98 -17.84 -18.12 -1.21
C ALA A 98 -18.52 -18.69 0.04
N SER A 99 -19.71 -18.20 0.33
CA SER A 99 -20.46 -18.65 1.50
C SER A 99 -19.64 -18.46 2.77
N GLY A 100 -19.69 -17.26 3.33
CA GLY A 100 -18.95 -16.97 4.55
C GLY A 100 -19.45 -15.72 5.25
N PRO A 101 -19.24 -15.66 6.58
CA PRO A 101 -19.68 -14.53 7.39
C PRO A 101 -18.88 -13.27 7.11
N SER A 102 -19.56 -12.13 7.12
CA SER A 102 -18.91 -10.85 6.86
C SER A 102 -18.14 -10.36 8.10
N SER A 103 -17.29 -9.37 7.89
CA SER A 103 -16.49 -8.81 8.99
C SER A 103 -16.37 -7.29 8.85
N GLY A 104 -15.96 -6.85 7.67
CA GLY A 104 -15.81 -5.42 7.43
C GLY A 104 -15.65 -5.10 5.97
N GLY A 1 9.68 -17.90 -7.99
CA GLY A 1 11.10 -17.67 -7.83
C GLY A 1 11.42 -16.22 -7.51
N SER A 2 11.21 -15.83 -6.26
CA SER A 2 11.47 -14.45 -5.84
C SER A 2 12.16 -14.44 -4.47
N SER A 3 13.28 -13.73 -4.40
CA SER A 3 14.04 -13.64 -3.15
C SER A 3 15.01 -12.45 -3.20
N GLY A 4 15.37 -11.95 -2.03
CA GLY A 4 16.29 -10.82 -1.95
C GLY A 4 16.21 -10.10 -0.62
N SER A 5 17.17 -9.21 -0.38
CA SER A 5 17.21 -8.46 0.87
C SER A 5 17.61 -7.00 0.61
N SER A 6 18.64 -6.82 -0.21
CA SER A 6 19.12 -5.48 -0.54
C SER A 6 19.84 -4.86 0.65
N GLY A 7 20.78 -3.96 0.37
CA GLY A 7 21.53 -3.31 1.44
C GLY A 7 22.34 -2.14 0.93
N ILE A 8 21.67 -1.13 0.39
CA ILE A 8 22.33 0.05 -0.13
C ILE A 8 22.14 1.24 0.81
N LEU A 9 23.13 1.48 1.65
CA LEU A 9 23.09 2.59 2.60
C LEU A 9 24.33 2.60 3.49
N THR A 10 24.36 3.54 4.42
CA THR A 10 25.50 3.66 5.34
C THR A 10 25.11 3.18 6.74
N GLU A 11 23.87 3.46 7.15
CA GLU A 11 23.40 3.05 8.46
C GLU A 11 21.95 3.48 8.67
N ASN A 12 21.57 4.59 8.04
CA ASN A 12 20.22 5.11 8.15
C ASN A 12 19.86 5.98 6.95
N THR A 13 20.59 5.80 5.85
CA THR A 13 20.36 6.56 4.64
C THR A 13 18.89 6.51 4.23
N PRO A 14 18.30 7.69 3.98
CA PRO A 14 16.90 7.81 3.58
C PRO A 14 16.65 7.29 2.16
N VAL A 15 15.39 7.04 1.85
CA VAL A 15 15.02 6.54 0.52
C VAL A 15 13.66 7.07 0.09
N PHE A 16 13.43 7.07 -1.21
CA PHE A 16 12.16 7.56 -1.76
C PHE A 16 11.64 6.61 -2.84
N GLU A 17 10.50 5.98 -2.58
CA GLU A 17 9.90 5.05 -3.52
C GLU A 17 8.43 5.41 -3.77
N GLN A 18 7.90 4.92 -4.88
CA GLN A 18 6.51 5.18 -5.23
C GLN A 18 5.80 3.90 -5.68
N LEU A 19 4.57 3.72 -5.24
CA LEU A 19 3.79 2.53 -5.60
C LEU A 19 2.44 2.93 -6.19
N SER A 20 2.23 2.56 -7.45
CA SER A 20 0.99 2.88 -8.14
C SER A 20 -0.11 1.87 -7.78
N VAL A 21 -1.18 2.36 -7.17
CA VAL A 21 -2.29 1.50 -6.78
C VAL A 21 -3.58 1.92 -7.47
N PRO A 22 -4.48 0.95 -7.69
CA PRO A 22 -5.77 1.20 -8.35
C PRO A 22 -6.72 2.00 -7.46
N GLN A 23 -7.61 2.77 -8.11
CA GLN A 23 -8.57 3.59 -7.38
C GLN A 23 -9.69 2.74 -6.82
N ARG A 24 -9.91 1.57 -7.41
CA ARG A 24 -10.96 0.67 -6.98
C ARG A 24 -10.53 -0.08 -5.71
N SER A 25 -9.24 -0.03 -5.40
CA SER A 25 -8.71 -0.69 -4.22
C SER A 25 -8.06 0.30 -3.26
N VAL A 26 -7.81 1.51 -3.77
CA VAL A 26 -7.20 2.56 -2.96
C VAL A 26 -8.02 2.84 -1.71
N GLY A 27 -9.30 2.46 -1.75
CA GLY A 27 -10.18 2.67 -0.61
C GLY A 27 -9.91 1.71 0.52
N ARG A 28 -9.20 0.62 0.22
CA ARG A 28 -8.88 -0.39 1.22
C ARG A 28 -7.49 -0.16 1.80
N ILE A 29 -6.70 0.67 1.12
CA ILE A 29 -5.35 0.98 1.57
C ILE A 29 -5.31 2.24 2.41
N ILE A 30 -5.90 3.32 1.88
CA ILE A 30 -5.94 4.59 2.58
C ILE A 30 -7.01 4.58 3.68
N GLY A 31 -7.98 3.68 3.53
CA GLY A 31 -9.05 3.58 4.51
C GLY A 31 -10.21 4.50 4.19
N ARG A 32 -10.79 5.10 5.22
CA ARG A 32 -11.92 6.01 5.05
C ARG A 32 -11.48 7.45 5.24
N GLY A 33 -10.30 7.78 4.75
CA GLY A 33 -9.79 9.13 4.87
C GLY A 33 -8.33 9.17 5.28
N GLY A 34 -7.84 8.05 5.81
CA GLY A 34 -6.46 7.99 6.23
C GLY A 34 -6.27 7.06 7.42
N GLU A 35 -7.34 6.86 8.19
CA GLU A 35 -7.28 5.99 9.37
C GLU A 35 -6.47 4.74 9.07
N THR A 36 -6.45 4.33 7.81
CA THR A 36 -5.72 3.14 7.40
C THR A 36 -4.32 3.49 6.90
N ILE A 37 -4.21 4.64 6.25
CA ILE A 37 -2.93 5.11 5.72
C ILE A 37 -2.01 5.59 6.85
N ARG A 38 -2.60 5.87 8.00
CA ARG A 38 -1.84 6.34 9.15
C ARG A 38 -1.33 5.16 9.99
N SER A 39 -2.12 4.10 10.05
CA SER A 39 -1.75 2.92 10.82
C SER A 39 -0.57 2.21 10.16
N ILE A 40 -0.40 2.40 8.86
CA ILE A 40 0.69 1.78 8.12
C ILE A 40 2.01 2.49 8.39
N CYS A 41 2.01 3.81 8.25
CA CYS A 41 3.21 4.61 8.48
C CYS A 41 3.78 4.33 9.86
N LYS A 42 2.91 4.11 10.83
CA LYS A 42 3.33 3.85 12.21
C LYS A 42 3.71 2.38 12.38
N ALA A 43 3.10 1.51 11.58
CA ALA A 43 3.37 0.09 11.64
C ALA A 43 4.73 -0.24 11.01
N SER A 44 5.09 0.51 9.98
CA SER A 44 6.37 0.30 9.30
C SER A 44 7.38 1.36 9.71
N GLY A 45 6.91 2.59 9.91
CA GLY A 45 7.78 3.67 10.31
C GLY A 45 8.11 4.60 9.16
N ALA A 46 7.83 4.15 7.93
CA ALA A 46 8.10 4.95 6.74
C ALA A 46 6.94 5.90 6.46
N LYS A 47 7.26 7.04 5.87
CA LYS A 47 6.24 8.04 5.54
C LYS A 47 5.54 7.68 4.23
N ILE A 48 4.21 7.69 4.26
CA ILE A 48 3.42 7.37 3.08
C ILE A 48 2.44 8.48 2.75
N THR A 49 2.27 8.76 1.47
CA THR A 49 1.35 9.81 1.02
C THR A 49 0.67 9.42 -0.29
N CYS A 50 -0.40 10.14 -0.62
CA CYS A 50 -1.14 9.87 -1.86
C CYS A 50 -0.98 11.03 -2.84
N ASP A 51 -0.94 10.69 -4.13
CA ASP A 51 -0.80 11.70 -5.17
C ASP A 51 -1.59 12.95 -4.82
N LYS A 52 -1.19 14.08 -5.42
CA LYS A 52 -1.86 15.35 -5.18
C LYS A 52 -2.07 16.12 -6.48
N GLU A 53 -1.00 16.25 -7.26
CA GLU A 53 -1.06 16.95 -8.53
C GLU A 53 -2.38 16.65 -9.26
N SER A 54 -2.81 15.40 -9.17
CA SER A 54 -4.06 14.98 -9.82
C SER A 54 -5.11 14.62 -8.79
N GLU A 55 -6.05 15.53 -8.55
CA GLU A 55 -7.11 15.30 -7.58
C GLU A 55 -8.44 15.84 -8.10
N GLY A 56 -9.54 15.33 -7.55
CA GLY A 56 -10.86 15.77 -7.97
C GLY A 56 -11.04 15.71 -9.47
N THR A 57 -10.27 14.85 -10.13
CA THR A 57 -10.34 14.70 -11.57
C THR A 57 -11.03 13.39 -11.95
N LEU A 58 -11.03 12.43 -11.03
CA LEU A 58 -11.66 11.15 -11.27
C LEU A 58 -10.77 10.25 -12.14
N LEU A 59 -9.48 10.27 -11.85
CA LEU A 59 -8.52 9.45 -12.59
C LEU A 59 -8.95 7.99 -12.64
N LEU A 60 -8.08 7.13 -13.14
CA LEU A 60 -8.37 5.71 -13.23
C LEU A 60 -7.66 4.93 -12.13
N SER A 61 -6.43 5.32 -11.83
CA SER A 61 -5.64 4.65 -10.80
C SER A 61 -4.96 5.68 -9.90
N ARG A 62 -4.67 5.27 -8.67
CA ARG A 62 -4.03 6.15 -7.70
C ARG A 62 -2.54 5.80 -7.57
N LEU A 63 -1.79 6.69 -6.93
CA LEU A 63 -0.36 6.50 -6.73
C LEU A 63 0.07 6.92 -5.33
N ILE A 64 0.84 6.08 -4.66
CA ILE A 64 1.31 6.37 -3.31
C ILE A 64 2.80 6.69 -3.32
N LYS A 65 3.25 7.43 -2.30
CA LYS A 65 4.65 7.81 -2.18
C LYS A 65 5.22 7.37 -0.83
N ILE A 66 6.19 6.47 -0.86
CA ILE A 66 6.82 5.98 0.36
C ILE A 66 8.20 6.59 0.55
N SER A 67 8.52 6.94 1.80
CA SER A 67 9.81 7.54 2.11
C SER A 67 10.34 7.02 3.44
N GLY A 68 11.67 7.01 3.59
CA GLY A 68 12.26 6.54 4.83
C GLY A 68 13.53 5.74 4.58
N THR A 69 13.96 4.99 5.59
CA THR A 69 15.16 4.18 5.48
C THR A 69 14.87 2.83 4.83
N GLN A 70 15.83 2.31 4.09
CA GLN A 70 15.67 1.03 3.41
C GLN A 70 14.91 0.04 4.28
N LYS A 71 14.98 0.24 5.59
CA LYS A 71 14.29 -0.63 6.54
C LYS A 71 12.78 -0.42 6.46
N GLU A 72 12.35 0.83 6.54
CA GLU A 72 10.93 1.16 6.48
C GLU A 72 10.42 1.10 5.04
N VAL A 73 10.94 1.98 4.19
CA VAL A 73 10.54 2.02 2.80
C VAL A 73 10.40 0.62 2.22
N ALA A 74 11.14 -0.33 2.79
CA ALA A 74 11.10 -1.71 2.33
C ALA A 74 10.00 -2.49 3.03
N ALA A 75 9.81 -2.22 4.31
CA ALA A 75 8.78 -2.89 5.10
C ALA A 75 7.40 -2.32 4.80
N ALA A 76 7.27 -1.01 4.98
CA ALA A 76 6.00 -0.34 4.73
C ALA A 76 5.41 -0.76 3.39
N LYS A 77 6.27 -0.92 2.39
CA LYS A 77 5.83 -1.32 1.06
C LYS A 77 5.03 -2.61 1.12
N HIS A 78 5.37 -3.48 2.06
CA HIS A 78 4.69 -4.76 2.23
C HIS A 78 3.31 -4.55 2.86
N LEU A 79 3.28 -3.78 3.94
CA LEU A 79 2.02 -3.51 4.64
C LEU A 79 1.06 -2.75 3.74
N ILE A 80 1.60 -1.94 2.84
CA ILE A 80 0.79 -1.15 1.92
C ILE A 80 0.04 -2.06 0.94
N LEU A 81 0.74 -3.05 0.40
CA LEU A 81 0.15 -3.98 -0.55
C LEU A 81 -0.87 -4.88 0.14
N GLU A 82 -0.58 -5.25 1.39
CA GLU A 82 -1.48 -6.10 2.16
C GLU A 82 -2.94 -5.67 1.98
N LYS A 83 -3.13 -4.36 1.86
CA LYS A 83 -4.48 -3.81 1.70
C LYS A 83 -4.96 -3.96 0.26
N VAL A 84 -4.03 -3.84 -0.69
CA VAL A 84 -4.35 -3.98 -2.11
C VAL A 84 -4.89 -5.37 -2.42
N SER A 85 -4.24 -6.39 -1.88
CA SER A 85 -4.65 -7.77 -2.10
C SER A 85 -5.99 -8.05 -1.41
N GLU A 86 -6.26 -7.31 -0.34
CA GLU A 86 -7.50 -7.48 0.41
C GLU A 86 -8.71 -7.16 -0.46
N ASP A 87 -8.81 -5.91 -0.89
CA ASP A 87 -9.92 -5.47 -1.73
C ASP A 87 -9.91 -6.21 -3.06
N GLU A 88 -8.77 -6.21 -3.73
CA GLU A 88 -8.63 -6.89 -5.03
C GLU A 88 -9.40 -8.21 -5.03
N GLU A 89 -9.30 -8.94 -3.93
CA GLU A 89 -9.97 -10.23 -3.81
C GLU A 89 -11.39 -10.05 -3.25
N LEU A 90 -11.51 -9.22 -2.22
CA LEU A 90 -12.81 -8.96 -1.60
C LEU A 90 -13.88 -8.69 -2.66
N ARG A 91 -13.49 -8.00 -3.72
CA ARG A 91 -14.40 -7.68 -4.81
C ARG A 91 -14.70 -8.91 -5.65
N LYS A 92 -13.74 -9.83 -5.70
CA LYS A 92 -13.90 -11.06 -6.48
C LYS A 92 -14.76 -12.07 -5.71
N ARG A 93 -14.57 -12.12 -4.40
CA ARG A 93 -15.32 -13.04 -3.55
C ARG A 93 -16.83 -12.80 -3.69
N ILE A 94 -17.19 -11.59 -4.10
CA ILE A 94 -18.59 -11.24 -4.26
C ILE A 94 -19.04 -11.44 -5.70
N ALA A 95 -18.19 -11.04 -6.64
CA ALA A 95 -18.50 -11.18 -8.06
C ALA A 95 -18.61 -12.66 -8.46
N HIS A 96 -17.69 -13.47 -7.94
CA HIS A 96 -17.68 -14.90 -8.24
C HIS A 96 -18.82 -15.62 -7.50
N SER A 97 -19.28 -16.71 -8.09
CA SER A 97 -20.37 -17.48 -7.50
C SER A 97 -20.15 -18.98 -7.71
N ALA A 98 -19.81 -19.68 -6.64
CA ALA A 98 -19.57 -21.12 -6.70
C ALA A 98 -19.55 -21.73 -5.32
N SER A 99 -20.48 -21.31 -4.47
CA SER A 99 -20.57 -21.82 -3.10
C SER A 99 -21.85 -21.34 -2.42
N GLY A 100 -22.04 -20.03 -2.40
CA GLY A 100 -23.22 -19.46 -1.77
C GLY A 100 -22.97 -18.10 -1.16
N PRO A 101 -22.72 -17.10 -2.02
CA PRO A 101 -22.44 -15.72 -1.58
C PRO A 101 -23.67 -15.05 -0.99
N SER A 102 -23.50 -14.40 0.15
CA SER A 102 -24.60 -13.71 0.82
C SER A 102 -24.08 -12.76 1.89
N SER A 103 -24.42 -11.49 1.75
CA SER A 103 -23.98 -10.47 2.71
C SER A 103 -24.23 -10.93 4.14
N GLY A 104 -23.26 -10.67 5.02
CA GLY A 104 -23.40 -11.07 6.41
C GLY A 104 -23.24 -9.90 7.36
N GLY A 1 18.52 -21.84 -3.97
CA GLY A 1 19.00 -20.47 -3.88
C GLY A 1 19.71 -20.19 -2.57
N SER A 2 19.00 -19.54 -1.65
CA SER A 2 19.57 -19.20 -0.36
C SER A 2 20.61 -18.09 -0.49
N SER A 3 20.67 -17.22 0.52
CA SER A 3 21.61 -16.10 0.51
C SER A 3 21.25 -15.08 -0.57
N GLY A 4 20.90 -13.89 -0.14
CA GLY A 4 20.53 -12.83 -1.07
C GLY A 4 20.00 -11.60 -0.38
N SER A 5 20.65 -11.20 0.71
CA SER A 5 20.23 -10.03 1.47
C SER A 5 21.42 -9.17 1.84
N SER A 6 21.22 -7.86 1.88
CA SER A 6 22.28 -6.92 2.23
C SER A 6 21.72 -5.51 2.42
N GLY A 7 22.49 -4.66 3.10
CA GLY A 7 22.06 -3.30 3.34
C GLY A 7 23.19 -2.30 3.15
N ILE A 8 22.90 -1.22 2.43
CA ILE A 8 23.89 -0.18 2.18
C ILE A 8 23.44 1.17 2.75
N LEU A 9 23.93 1.49 3.95
CA LEU A 9 23.57 2.75 4.59
C LEU A 9 24.62 3.14 5.62
N THR A 10 24.44 4.30 6.24
CA THR A 10 25.38 4.80 7.24
C THR A 10 24.82 4.60 8.65
N GLU A 11 23.50 4.67 8.77
CA GLU A 11 22.84 4.51 10.07
C GLU A 11 21.32 4.59 9.92
N ASN A 12 20.88 5.37 8.95
CA ASN A 12 19.45 5.54 8.70
C ASN A 12 19.20 6.17 7.34
N THR A 13 20.17 6.02 6.44
CA THR A 13 20.06 6.57 5.09
C THR A 13 18.62 6.52 4.60
N PRO A 14 18.04 7.70 4.33
CA PRO A 14 16.66 7.82 3.84
C PRO A 14 16.50 7.31 2.41
N VAL A 15 15.27 7.01 2.02
CA VAL A 15 14.98 6.52 0.69
C VAL A 15 13.62 7.01 0.19
N PHE A 16 13.44 6.98 -1.13
CA PHE A 16 12.17 7.42 -1.72
C PHE A 16 11.73 6.46 -2.82
N GLU A 17 10.49 5.98 -2.71
CA GLU A 17 9.94 5.06 -3.70
C GLU A 17 8.50 5.41 -4.02
N GLN A 18 8.07 5.09 -5.25
CA GLN A 18 6.72 5.38 -5.68
C GLN A 18 5.98 4.09 -6.05
N LEU A 19 4.73 3.98 -5.63
CA LEU A 19 3.93 2.80 -5.92
C LEU A 19 2.55 3.20 -6.43
N SER A 20 2.24 2.77 -7.65
CA SER A 20 0.96 3.08 -8.27
C SER A 20 -0.10 2.05 -7.87
N VAL A 21 -1.20 2.53 -7.31
CA VAL A 21 -2.29 1.65 -6.89
C VAL A 21 -3.61 2.07 -7.53
N PRO A 22 -4.51 1.09 -7.72
CA PRO A 22 -5.82 1.33 -8.32
C PRO A 22 -6.74 2.13 -7.40
N GLN A 23 -7.64 2.91 -8.00
CA GLN A 23 -8.57 3.72 -7.24
C GLN A 23 -9.69 2.85 -6.64
N ARG A 24 -9.74 1.60 -7.07
CA ARG A 24 -10.76 0.68 -6.59
C ARG A 24 -10.35 0.06 -5.25
N SER A 25 -9.04 -0.01 -5.02
CA SER A 25 -8.52 -0.59 -3.78
C SER A 25 -7.92 0.50 -2.90
N VAL A 26 -7.80 1.71 -3.45
CA VAL A 26 -7.24 2.83 -2.70
C VAL A 26 -8.03 3.09 -1.42
N GLY A 27 -9.26 2.60 -1.39
CA GLY A 27 -10.10 2.78 -0.22
C GLY A 27 -9.73 1.85 0.91
N ARG A 28 -9.02 0.77 0.58
CA ARG A 28 -8.61 -0.21 1.59
C ARG A 28 -7.17 0.06 2.05
N ILE A 29 -6.38 0.66 1.17
CA ILE A 29 -4.99 0.97 1.49
C ILE A 29 -4.90 2.22 2.35
N ILE A 30 -5.69 3.23 2.00
CA ILE A 30 -5.70 4.49 2.74
C ILE A 30 -6.78 4.49 3.82
N GLY A 31 -7.79 3.64 3.63
CA GLY A 31 -8.87 3.56 4.59
C GLY A 31 -10.04 4.45 4.22
N ARG A 32 -10.65 5.08 5.23
CA ARG A 32 -11.79 5.96 5.00
C ARG A 32 -11.35 7.42 4.96
N GLY A 33 -10.04 7.64 4.79
CA GLY A 33 -9.52 8.99 4.74
C GLY A 33 -8.08 9.07 5.21
N GLY A 34 -7.62 8.02 5.89
CA GLY A 34 -6.26 7.99 6.38
C GLY A 34 -6.10 7.10 7.59
N GLU A 35 -7.18 6.94 8.37
CA GLU A 35 -7.15 6.10 9.55
C GLU A 35 -6.38 4.80 9.28
N THR A 36 -6.37 4.38 8.03
CA THR A 36 -5.67 3.16 7.63
C THR A 36 -4.25 3.45 7.16
N ILE A 37 -4.11 4.52 6.38
CA ILE A 37 -2.81 4.91 5.86
C ILE A 37 -1.86 5.32 6.99
N ARG A 38 -2.44 5.71 8.12
CA ARG A 38 -1.66 6.13 9.28
C ARG A 38 -1.15 4.92 10.07
N SER A 39 -2.05 3.97 10.32
CA SER A 39 -1.70 2.77 11.06
C SER A 39 -0.57 2.01 10.38
N ILE A 40 -0.38 2.28 9.09
CA ILE A 40 0.68 1.64 8.33
C ILE A 40 1.99 2.40 8.46
N CYS A 41 1.95 3.69 8.22
CA CYS A 41 3.14 4.53 8.31
C CYS A 41 3.79 4.41 9.69
N LYS A 42 2.96 4.18 10.70
CA LYS A 42 3.44 4.04 12.07
C LYS A 42 4.01 2.65 12.31
N ALA A 43 3.43 1.65 11.63
CA ALA A 43 3.89 0.28 11.78
C ALA A 43 5.22 0.07 11.07
N SER A 44 5.41 0.76 9.95
CA SER A 44 6.65 0.64 9.18
C SER A 44 7.58 1.81 9.47
N GLY A 45 7.00 2.98 9.69
CA GLY A 45 7.79 4.16 9.97
C GLY A 45 8.08 4.98 8.73
N ALA A 46 7.66 4.47 7.58
CA ALA A 46 7.88 5.16 6.32
C ALA A 46 6.69 6.04 5.95
N LYS A 47 6.97 7.27 5.55
CA LYS A 47 5.92 8.21 5.17
C LYS A 47 5.23 7.77 3.89
N ILE A 48 3.94 7.48 3.97
CA ILE A 48 3.17 7.05 2.82
C ILE A 48 2.11 8.08 2.46
N THR A 49 2.20 8.62 1.24
CA THR A 49 1.25 9.61 0.76
C THR A 49 0.71 9.25 -0.61
N CYS A 50 -0.47 9.75 -0.93
CA CYS A 50 -1.10 9.48 -2.22
C CYS A 50 -0.91 10.65 -3.17
N ASP A 51 -0.64 10.35 -4.44
CA ASP A 51 -0.44 11.38 -5.45
C ASP A 51 -1.38 12.55 -5.23
N LYS A 52 -1.01 13.71 -5.74
CA LYS A 52 -1.82 14.92 -5.60
C LYS A 52 -1.90 15.68 -6.92
N GLU A 53 -0.75 15.85 -7.58
CA GLU A 53 -0.70 16.57 -8.85
C GLU A 53 -1.92 16.23 -9.70
N SER A 54 -2.49 15.04 -9.49
CA SER A 54 -3.64 14.61 -10.25
C SER A 54 -4.93 14.99 -9.54
N GLU A 55 -5.98 15.29 -10.31
CA GLU A 55 -7.26 15.67 -9.76
C GLU A 55 -7.62 14.81 -8.56
N GLY A 56 -7.21 13.55 -8.60
CA GLY A 56 -7.49 12.63 -7.51
C GLY A 56 -8.97 12.54 -7.21
N THR A 57 -9.80 12.68 -8.24
CA THR A 57 -11.25 12.61 -8.07
C THR A 57 -11.78 11.21 -8.37
N LEU A 58 -11.91 10.90 -9.64
CA LEU A 58 -12.40 9.60 -10.07
C LEU A 58 -11.53 9.01 -11.17
N LEU A 59 -10.25 9.39 -11.17
CA LEU A 59 -9.30 8.90 -12.16
C LEU A 59 -9.34 7.38 -12.24
N LEU A 60 -8.42 6.81 -13.02
CA LEU A 60 -8.33 5.37 -13.18
C LEU A 60 -7.71 4.72 -11.95
N SER A 61 -6.47 5.10 -11.66
CA SER A 61 -5.74 4.57 -10.51
C SER A 61 -5.00 5.67 -9.77
N ARG A 62 -4.72 5.42 -8.49
CA ARG A 62 -4.02 6.40 -7.67
C ARG A 62 -2.55 6.01 -7.51
N LEU A 63 -1.76 6.92 -6.95
CA LEU A 63 -0.34 6.68 -6.73
C LEU A 63 0.04 6.84 -5.26
N ILE A 64 1.11 6.19 -4.86
CA ILE A 64 1.58 6.27 -3.47
C ILE A 64 3.06 6.64 -3.41
N LYS A 65 3.45 7.28 -2.32
CA LYS A 65 4.84 7.68 -2.13
C LYS A 65 5.37 7.22 -0.78
N ILE A 66 6.26 6.24 -0.80
CA ILE A 66 6.84 5.71 0.44
C ILE A 66 8.25 6.26 0.66
N SER A 67 8.45 6.94 1.79
CA SER A 67 9.74 7.50 2.12
C SER A 67 10.20 7.06 3.51
N GLY A 68 11.51 6.97 3.70
CA GLY A 68 12.05 6.55 4.98
C GLY A 68 13.34 5.77 4.84
N THR A 69 13.71 5.07 5.91
CA THR A 69 14.94 4.28 5.91
C THR A 69 14.74 2.97 5.15
N GLN A 70 15.81 2.50 4.51
CA GLN A 70 15.76 1.26 3.75
C GLN A 70 14.93 0.20 4.49
N LYS A 71 14.89 0.32 5.81
CA LYS A 71 14.14 -0.63 6.63
C LYS A 71 12.64 -0.41 6.48
N GLU A 72 12.20 0.84 6.65
CA GLU A 72 10.79 1.17 6.51
C GLU A 72 10.33 1.08 5.05
N VAL A 73 10.88 1.96 4.22
CA VAL A 73 10.54 1.98 2.80
C VAL A 73 10.39 0.57 2.25
N ALA A 74 11.11 -0.38 2.85
CA ALA A 74 11.06 -1.77 2.42
C ALA A 74 9.95 -2.52 3.15
N ALA A 75 9.77 -2.24 4.43
CA ALA A 75 8.75 -2.89 5.24
C ALA A 75 7.37 -2.35 4.89
N ALA A 76 7.21 -1.03 4.98
CA ALA A 76 5.93 -0.39 4.68
C ALA A 76 5.39 -0.85 3.33
N LYS A 77 6.28 -0.93 2.35
CA LYS A 77 5.90 -1.36 1.01
C LYS A 77 5.02 -2.60 1.06
N HIS A 78 5.31 -3.48 2.03
CA HIS A 78 4.55 -4.72 2.18
C HIS A 78 3.18 -4.44 2.81
N LEU A 79 3.19 -3.83 3.99
CA LEU A 79 1.96 -3.50 4.70
C LEU A 79 0.96 -2.85 3.76
N ILE A 80 1.44 -1.92 2.93
CA ILE A 80 0.58 -1.22 1.99
C ILE A 80 -0.05 -2.18 0.99
N LEU A 81 0.74 -3.16 0.54
CA LEU A 81 0.26 -4.15 -0.41
C LEU A 81 -0.80 -5.04 0.22
N GLU A 82 -0.64 -5.32 1.51
CA GLU A 82 -1.59 -6.16 2.23
C GLU A 82 -3.03 -5.65 2.05
N LYS A 83 -3.16 -4.35 1.82
CA LYS A 83 -4.46 -3.74 1.62
C LYS A 83 -4.91 -3.86 0.17
N VAL A 84 -3.95 -3.77 -0.75
CA VAL A 84 -4.24 -3.87 -2.18
C VAL A 84 -4.86 -5.23 -2.52
N SER A 85 -4.28 -6.29 -1.95
CA SER A 85 -4.77 -7.64 -2.20
C SER A 85 -6.09 -7.87 -1.48
N GLU A 86 -6.32 -7.13 -0.41
CA GLU A 86 -7.54 -7.26 0.37
C GLU A 86 -8.75 -6.83 -0.44
N ASP A 87 -8.81 -5.54 -0.77
CA ASP A 87 -9.91 -5.00 -1.55
C ASP A 87 -10.03 -5.70 -2.89
N GLU A 88 -8.88 -6.00 -3.50
CA GLU A 88 -8.85 -6.67 -4.80
C GLU A 88 -9.81 -7.86 -4.82
N GLU A 89 -9.75 -8.67 -3.77
CA GLU A 89 -10.60 -9.85 -3.67
C GLU A 89 -11.94 -9.49 -3.02
N LEU A 90 -11.88 -8.72 -1.94
CA LEU A 90 -13.08 -8.30 -1.23
C LEU A 90 -14.16 -7.84 -2.20
N ARG A 91 -13.74 -7.14 -3.24
CA ARG A 91 -14.67 -6.64 -4.25
C ARG A 91 -15.21 -7.78 -5.10
N LYS A 92 -14.39 -8.80 -5.34
CA LYS A 92 -14.79 -9.95 -6.13
C LYS A 92 -15.71 -10.86 -5.34
N ARG A 93 -15.46 -10.98 -4.04
CA ARG A 93 -16.28 -11.82 -3.17
C ARG A 93 -17.73 -11.37 -3.19
N ILE A 94 -17.94 -10.08 -3.46
CA ILE A 94 -19.28 -9.52 -3.51
C ILE A 94 -19.86 -9.60 -4.92
N ALA A 95 -19.04 -9.28 -5.91
CA ALA A 95 -19.48 -9.32 -7.30
C ALA A 95 -19.35 -10.73 -7.88
N HIS A 96 -19.14 -11.71 -7.01
CA HIS A 96 -19.00 -13.09 -7.44
C HIS A 96 -20.11 -13.49 -8.39
N SER A 97 -19.86 -14.52 -9.19
CA SER A 97 -20.86 -15.00 -10.16
C SER A 97 -20.90 -14.08 -11.38
N ALA A 98 -21.25 -12.81 -11.14
CA ALA A 98 -21.33 -11.84 -12.22
C ALA A 98 -22.47 -12.18 -13.17
N SER A 99 -23.60 -12.63 -12.61
CA SER A 99 -24.76 -12.99 -13.42
C SER A 99 -25.77 -11.84 -13.46
N GLY A 100 -25.75 -11.08 -14.55
CA GLY A 100 -26.67 -9.97 -14.68
C GLY A 100 -26.53 -8.96 -13.55
N PRO A 101 -27.45 -7.99 -13.51
CA PRO A 101 -27.45 -6.94 -12.48
C PRO A 101 -27.80 -7.47 -11.10
N SER A 102 -26.95 -7.17 -10.12
CA SER A 102 -27.16 -7.64 -8.76
C SER A 102 -28.61 -7.43 -8.33
N SER A 103 -29.40 -8.50 -8.38
CA SER A 103 -30.80 -8.42 -8.01
C SER A 103 -31.59 -7.60 -9.01
N GLY A 104 -32.56 -8.23 -9.67
CA GLY A 104 -33.37 -7.53 -10.64
C GLY A 104 -34.79 -7.29 -10.16
N GLY A 1 17.49 -19.59 0.89
CA GLY A 1 17.79 -19.66 -0.53
C GLY A 1 17.26 -18.48 -1.30
N SER A 2 18.15 -17.56 -1.68
CA SER A 2 17.76 -16.38 -2.42
C SER A 2 18.97 -15.72 -3.07
N SER A 3 18.72 -14.84 -4.04
CA SER A 3 19.79 -14.15 -4.74
C SER A 3 19.42 -12.69 -5.01
N GLY A 4 20.10 -11.78 -4.33
CA GLY A 4 19.83 -10.36 -4.50
C GLY A 4 19.96 -9.59 -3.22
N SER A 5 21.09 -8.89 -3.05
CA SER A 5 21.34 -8.11 -1.85
C SER A 5 20.95 -6.65 -2.07
N SER A 6 20.08 -6.14 -1.19
CA SER A 6 19.62 -4.76 -1.29
C SER A 6 19.75 -4.05 0.05
N GLY A 7 20.70 -3.12 0.14
CA GLY A 7 20.90 -2.38 1.37
C GLY A 7 22.07 -1.41 1.28
N ILE A 8 21.94 -0.43 0.42
CA ILE A 8 22.99 0.57 0.23
C ILE A 8 22.78 1.76 1.16
N LEU A 9 23.41 1.71 2.34
CA LEU A 9 23.31 2.78 3.32
C LEU A 9 24.49 2.77 4.27
N THR A 10 24.61 3.83 5.06
CA THR A 10 25.70 3.94 6.03
C THR A 10 25.22 3.65 7.44
N GLU A 11 24.16 4.35 7.85
CA GLU A 11 23.59 4.16 9.19
C GLU A 11 22.07 4.10 9.13
N ASN A 12 21.49 4.85 8.21
CA ASN A 12 20.04 4.89 8.05
C ASN A 12 19.64 5.75 6.86
N THR A 13 20.54 5.85 5.88
CA THR A 13 20.27 6.66 4.69
C THR A 13 18.81 6.58 4.29
N PRO A 14 18.21 7.76 4.01
CA PRO A 14 16.80 7.85 3.62
C PRO A 14 16.56 7.30 2.22
N VAL A 15 15.30 7.01 1.92
CA VAL A 15 14.92 6.47 0.62
C VAL A 15 13.54 6.95 0.20
N PHE A 16 13.33 7.07 -1.11
CA PHE A 16 12.05 7.52 -1.64
C PHE A 16 11.57 6.59 -2.76
N GLU A 17 10.42 5.96 -2.55
CA GLU A 17 9.85 5.06 -3.54
C GLU A 17 8.40 5.43 -3.84
N GLN A 18 7.95 5.07 -5.04
CA GLN A 18 6.59 5.36 -5.46
C GLN A 18 5.85 4.07 -5.84
N LEU A 19 4.60 3.97 -5.42
CA LEU A 19 3.78 2.79 -5.72
C LEU A 19 2.43 3.21 -6.29
N SER A 20 2.14 2.75 -7.50
CA SER A 20 0.89 3.07 -8.17
C SER A 20 -0.17 2.02 -7.85
N VAL A 21 -1.23 2.44 -7.16
CA VAL A 21 -2.32 1.54 -6.79
C VAL A 21 -3.62 1.93 -7.49
N PRO A 22 -4.49 0.94 -7.73
CA PRO A 22 -5.78 1.16 -8.37
C PRO A 22 -6.76 1.92 -7.48
N GLN A 23 -7.67 2.65 -8.11
CA GLN A 23 -8.66 3.42 -7.38
C GLN A 23 -9.75 2.52 -6.81
N ARG A 24 -9.78 1.27 -7.27
CA ARG A 24 -10.76 0.30 -6.81
C ARG A 24 -10.35 -0.29 -5.46
N SER A 25 -9.05 -0.29 -5.20
CA SER A 25 -8.53 -0.84 -3.95
C SER A 25 -8.01 0.27 -3.04
N VAL A 26 -7.84 1.46 -3.61
CA VAL A 26 -7.36 2.60 -2.85
C VAL A 26 -8.25 2.88 -1.64
N GLY A 27 -9.49 2.40 -1.70
CA GLY A 27 -10.42 2.60 -0.62
C GLY A 27 -10.15 1.69 0.56
N ARG A 28 -9.42 0.60 0.31
CA ARG A 28 -9.08 -0.36 1.36
C ARG A 28 -7.70 -0.09 1.92
N ILE A 29 -6.82 0.47 1.10
CA ILE A 29 -5.46 0.78 1.51
C ILE A 29 -5.41 2.05 2.35
N ILE A 30 -5.94 3.13 1.79
CA ILE A 30 -5.97 4.41 2.48
C ILE A 30 -6.94 4.40 3.65
N GLY A 31 -8.07 3.72 3.46
CA GLY A 31 -9.07 3.62 4.51
C GLY A 31 -10.21 4.60 4.30
N ARG A 32 -10.86 4.98 5.39
CA ARG A 32 -11.98 5.92 5.34
C ARG A 32 -11.48 7.36 5.47
N GLY A 33 -10.44 7.69 4.73
CA GLY A 33 -9.88 9.04 4.79
C GLY A 33 -8.41 9.05 5.13
N GLY A 34 -7.89 7.89 5.54
CA GLY A 34 -6.49 7.80 5.88
C GLY A 34 -6.25 6.95 7.11
N GLU A 35 -7.29 6.80 7.94
CA GLU A 35 -7.20 6.00 9.15
C GLU A 35 -6.40 4.72 8.91
N THR A 36 -6.40 4.26 7.66
CA THR A 36 -5.68 3.05 7.29
C THR A 36 -4.30 3.37 6.75
N ILE A 37 -4.18 4.53 6.10
CA ILE A 37 -2.91 4.96 5.53
C ILE A 37 -1.95 5.44 6.62
N ARG A 38 -2.50 5.76 7.79
CA ARG A 38 -1.70 6.23 8.91
C ARG A 38 -1.10 5.06 9.68
N SER A 39 -1.93 4.03 9.93
CA SER A 39 -1.48 2.86 10.66
C SER A 39 -0.26 2.23 9.99
N ILE A 40 -0.11 2.48 8.69
CA ILE A 40 1.02 1.94 7.94
C ILE A 40 2.31 2.66 8.30
N CYS A 41 2.25 4.00 8.33
CA CYS A 41 3.42 4.80 8.66
C CYS A 41 3.99 4.42 10.02
N LYS A 42 3.10 4.04 10.94
CA LYS A 42 3.51 3.65 12.28
C LYS A 42 3.90 2.17 12.32
N ALA A 43 3.30 1.38 11.44
CA ALA A 43 3.59 -0.04 11.37
C ALA A 43 4.94 -0.30 10.68
N SER A 44 5.41 0.68 9.92
CA SER A 44 6.67 0.56 9.21
C SER A 44 7.65 1.65 9.66
N GLY A 45 7.12 2.83 9.93
CA GLY A 45 7.96 3.94 10.35
C GLY A 45 8.20 4.94 9.24
N ALA A 46 7.91 4.54 8.01
CA ALA A 46 8.10 5.41 6.85
C ALA A 46 6.85 6.23 6.57
N LYS A 47 7.02 7.35 5.87
CA LYS A 47 5.90 8.22 5.53
C LYS A 47 5.24 7.78 4.23
N ILE A 48 3.91 7.76 4.22
CA ILE A 48 3.17 7.35 3.04
C ILE A 48 2.22 8.45 2.59
N THR A 49 2.38 8.90 1.35
CA THR A 49 1.55 9.96 0.79
C THR A 49 1.01 9.57 -0.59
N CYS A 50 -0.18 10.06 -0.91
CA CYS A 50 -0.80 9.76 -2.19
C CYS A 50 -0.49 10.86 -3.21
N ASP A 51 -0.24 10.44 -4.45
CA ASP A 51 0.07 11.40 -5.52
C ASP A 51 -0.78 12.65 -5.39
N LYS A 52 -0.29 13.75 -5.97
CA LYS A 52 -1.00 15.02 -5.91
C LYS A 52 -1.03 15.68 -7.29
N GLU A 53 0.13 15.76 -7.94
CA GLU A 53 0.22 16.35 -9.26
C GLU A 53 -1.00 16.03 -10.10
N SER A 54 -1.61 14.88 -9.83
CA SER A 54 -2.79 14.43 -10.57
C SER A 54 -4.07 14.86 -9.85
N GLU A 55 -5.12 15.10 -10.63
CA GLU A 55 -6.41 15.51 -10.07
C GLU A 55 -6.71 14.75 -8.79
N GLY A 56 -6.33 13.48 -8.75
CA GLY A 56 -6.58 12.66 -7.58
C GLY A 56 -8.03 12.67 -7.16
N THR A 57 -8.92 12.81 -8.13
CA THR A 57 -10.35 12.84 -7.86
C THR A 57 -11.01 11.50 -8.19
N LEU A 58 -11.24 11.26 -9.48
CA LEU A 58 -11.86 10.03 -9.93
C LEU A 58 -11.01 9.36 -11.01
N LEU A 59 -9.72 9.66 -11.01
CA LEU A 59 -8.80 9.08 -11.99
C LEU A 59 -8.95 7.57 -12.07
N LEU A 60 -8.12 6.93 -12.87
CA LEU A 60 -8.15 5.49 -13.02
C LEU A 60 -7.52 4.80 -11.82
N SER A 61 -6.26 5.10 -11.55
CA SER A 61 -5.55 4.51 -10.42
C SER A 61 -4.83 5.58 -9.62
N ARG A 62 -4.67 5.34 -8.32
CA ARG A 62 -3.99 6.28 -7.44
C ARG A 62 -2.51 5.94 -7.30
N LEU A 63 -1.75 6.85 -6.72
CA LEU A 63 -0.32 6.64 -6.52
C LEU A 63 0.08 6.85 -5.06
N ILE A 64 1.17 6.22 -4.65
CA ILE A 64 1.65 6.35 -3.29
C ILE A 64 3.14 6.69 -3.25
N LYS A 65 3.57 7.35 -2.18
CA LYS A 65 4.96 7.73 -2.02
C LYS A 65 5.51 7.28 -0.67
N ILE A 66 6.36 6.27 -0.68
CA ILE A 66 6.95 5.76 0.55
C ILE A 66 8.34 6.34 0.79
N SER A 67 8.51 7.01 1.92
CA SER A 67 9.79 7.62 2.27
C SER A 67 10.26 7.16 3.63
N GLY A 68 11.58 7.10 3.81
CA GLY A 68 12.14 6.66 5.08
C GLY A 68 13.43 5.88 4.90
N THR A 69 13.76 5.06 5.90
CA THR A 69 14.97 4.27 5.85
C THR A 69 14.76 2.98 5.06
N GLN A 70 15.82 2.50 4.42
CA GLN A 70 15.75 1.27 3.63
C GLN A 70 14.95 0.20 4.36
N LYS A 71 14.89 0.32 5.68
CA LYS A 71 14.15 -0.63 6.50
C LYS A 71 12.65 -0.43 6.37
N GLU A 72 12.20 0.81 6.58
CA GLU A 72 10.79 1.14 6.48
C GLU A 72 10.32 1.12 5.03
N VAL A 73 10.84 2.05 4.24
CA VAL A 73 10.47 2.15 2.83
C VAL A 73 10.30 0.77 2.21
N ALA A 74 11.03 -0.21 2.76
CA ALA A 74 10.96 -1.57 2.26
C ALA A 74 9.86 -2.36 2.96
N ALA A 75 9.72 -2.14 4.27
CA ALA A 75 8.71 -2.83 5.06
C ALA A 75 7.32 -2.26 4.78
N ALA A 76 7.17 -0.95 4.93
CA ALA A 76 5.90 -0.28 4.69
C ALA A 76 5.29 -0.73 3.36
N LYS A 77 6.13 -0.96 2.37
CA LYS A 77 5.68 -1.39 1.06
C LYS A 77 4.84 -2.66 1.16
N HIS A 78 5.29 -3.59 1.99
CA HIS A 78 4.58 -4.85 2.19
C HIS A 78 3.18 -4.60 2.72
N LEU A 79 3.08 -3.76 3.74
CA LEU A 79 1.79 -3.44 4.35
C LEU A 79 0.84 -2.80 3.33
N ILE A 80 1.36 -1.84 2.57
CA ILE A 80 0.57 -1.16 1.55
C ILE A 80 -0.09 -2.16 0.61
N LEU A 81 0.61 -3.24 0.32
CA LEU A 81 0.09 -4.29 -0.57
C LEU A 81 -0.86 -5.21 0.19
N GLU A 82 -0.62 -5.36 1.48
CA GLU A 82 -1.46 -6.22 2.31
C GLU A 82 -2.92 -5.78 2.26
N LYS A 83 -3.14 -4.51 1.92
CA LYS A 83 -4.48 -3.96 1.83
C LYS A 83 -5.08 -4.18 0.44
N VAL A 84 -4.24 -4.04 -0.58
CA VAL A 84 -4.68 -4.24 -1.95
C VAL A 84 -5.21 -5.65 -2.17
N SER A 85 -4.55 -6.63 -1.56
CA SER A 85 -4.95 -8.02 -1.69
C SER A 85 -6.26 -8.27 -0.93
N GLU A 86 -6.50 -7.48 0.10
CA GLU A 86 -7.71 -7.62 0.91
C GLU A 86 -8.96 -7.31 0.08
N ASP A 87 -9.07 -6.06 -0.37
CA ASP A 87 -10.21 -5.64 -1.18
C ASP A 87 -10.30 -6.46 -2.46
N GLU A 88 -9.15 -6.80 -3.03
CA GLU A 88 -9.10 -7.58 -4.26
C GLU A 88 -10.01 -8.80 -4.16
N GLU A 89 -9.94 -9.49 -3.02
CA GLU A 89 -10.76 -10.68 -2.80
C GLU A 89 -12.08 -10.32 -2.15
N LEU A 90 -12.02 -9.48 -1.12
CA LEU A 90 -13.22 -9.05 -0.41
C LEU A 90 -14.37 -8.78 -1.38
N ARG A 91 -14.04 -8.18 -2.52
CA ARG A 91 -15.04 -7.86 -3.53
C ARG A 91 -15.44 -9.11 -4.31
N LYS A 92 -14.49 -10.04 -4.46
CA LYS A 92 -14.74 -11.28 -5.18
C LYS A 92 -15.67 -12.19 -4.38
N ARG A 93 -15.50 -12.19 -3.06
CA ARG A 93 -16.33 -13.01 -2.19
C ARG A 93 -17.79 -12.61 -2.29
N ILE A 94 -18.05 -11.43 -2.83
CA ILE A 94 -19.41 -10.94 -2.99
C ILE A 94 -20.00 -11.35 -4.33
N ALA A 95 -19.20 -11.25 -5.38
CA ALA A 95 -19.64 -11.62 -6.72
C ALA A 95 -19.85 -13.13 -6.83
N HIS A 96 -18.93 -13.89 -6.23
CA HIS A 96 -19.02 -15.35 -6.26
C HIS A 96 -19.49 -15.89 -4.92
N SER A 97 -20.75 -16.33 -4.87
CA SER A 97 -21.33 -16.87 -3.65
C SER A 97 -21.28 -15.85 -2.53
N ALA A 98 -22.45 -15.38 -2.10
CA ALA A 98 -22.53 -14.39 -1.03
C ALA A 98 -23.60 -14.78 -0.02
N SER A 99 -23.58 -16.04 0.41
CA SER A 99 -24.55 -16.53 1.38
C SER A 99 -24.13 -16.18 2.80
N GLY A 100 -23.86 -14.90 3.04
CA GLY A 100 -23.45 -14.46 4.35
C GLY A 100 -22.26 -13.52 4.30
N PRO A 101 -22.43 -12.31 4.88
CA PRO A 101 -21.38 -11.29 4.92
C PRO A 101 -20.23 -11.69 5.83
N SER A 102 -20.56 -12.17 7.03
CA SER A 102 -19.55 -12.57 7.99
C SER A 102 -18.71 -11.37 8.45
N SER A 103 -18.71 -11.13 9.76
CA SER A 103 -17.96 -10.01 10.32
C SER A 103 -16.68 -10.50 11.01
N GLY A 104 -15.56 -10.35 10.33
CA GLY A 104 -14.29 -10.78 10.90
C GLY A 104 -13.87 -12.15 10.40
N GLY A 1 7.25 -17.14 -2.13
CA GLY A 1 8.66 -17.18 -1.78
C GLY A 1 9.52 -16.41 -2.76
N SER A 2 9.86 -15.18 -2.40
CA SER A 2 10.69 -14.33 -3.26
C SER A 2 11.46 -13.30 -2.44
N SER A 3 12.78 -13.33 -2.58
CA SER A 3 13.64 -12.41 -1.84
C SER A 3 14.46 -11.54 -2.80
N GLY A 4 14.77 -10.32 -2.36
CA GLY A 4 15.54 -9.41 -3.19
C GLY A 4 16.05 -8.21 -2.42
N SER A 5 16.99 -8.46 -1.50
CA SER A 5 17.55 -7.40 -0.68
C SER A 5 18.84 -6.86 -1.31
N SER A 6 18.82 -5.59 -1.68
CA SER A 6 19.98 -4.95 -2.29
C SER A 6 20.22 -3.56 -1.71
N GLY A 7 21.45 -3.07 -1.84
CA GLY A 7 21.77 -1.75 -1.32
C GLY A 7 22.03 -1.78 0.18
N ILE A 8 23.00 -0.98 0.62
CA ILE A 8 23.34 -0.91 2.03
C ILE A 8 23.36 0.54 2.52
N LEU A 9 23.13 0.73 3.80
CA LEU A 9 23.13 2.06 4.40
C LEU A 9 24.22 2.20 5.45
N THR A 10 24.30 3.37 6.06
CA THR A 10 25.32 3.64 7.08
C THR A 10 24.71 3.61 8.48
N GLU A 11 23.73 4.47 8.71
CA GLU A 11 23.06 4.54 10.00
C GLU A 11 21.55 4.55 9.83
N ASN A 12 21.08 5.13 8.73
CA ASN A 12 19.65 5.19 8.46
C ASN A 12 19.38 5.85 7.11
N THR A 13 20.35 5.74 6.21
CA THR A 13 20.23 6.32 4.87
C THR A 13 18.77 6.31 4.39
N PRO A 14 18.23 7.50 4.13
CA PRO A 14 16.84 7.66 3.67
C PRO A 14 16.65 7.14 2.25
N VAL A 15 15.39 6.89 1.88
CA VAL A 15 15.08 6.40 0.54
C VAL A 15 13.73 6.93 0.06
N PHE A 16 13.54 6.93 -1.25
CA PHE A 16 12.28 7.42 -1.83
C PHE A 16 11.78 6.47 -2.91
N GLU A 17 10.56 5.99 -2.74
CA GLU A 17 9.95 5.07 -3.70
C GLU A 17 8.47 5.37 -3.90
N GLN A 18 7.97 5.12 -5.10
CA GLN A 18 6.57 5.36 -5.42
C GLN A 18 5.90 4.10 -5.96
N LEU A 19 4.68 3.85 -5.51
CA LEU A 19 3.93 2.67 -5.95
C LEU A 19 2.56 3.07 -6.46
N SER A 20 2.31 2.81 -7.74
CA SER A 20 1.04 3.14 -8.36
C SER A 20 -0.03 2.11 -7.99
N VAL A 21 -1.06 2.56 -7.28
CA VAL A 21 -2.14 1.68 -6.86
C VAL A 21 -3.48 2.14 -7.42
N PRO A 22 -4.34 1.18 -7.77
CA PRO A 22 -5.67 1.48 -8.33
C PRO A 22 -6.60 2.08 -7.29
N GLN A 23 -7.47 2.99 -7.74
CA GLN A 23 -8.42 3.64 -6.85
C GLN A 23 -9.42 2.64 -6.29
N ARG A 24 -9.51 1.49 -6.93
CA ARG A 24 -10.44 0.44 -6.50
C ARG A 24 -9.92 -0.24 -5.24
N SER A 25 -8.61 -0.19 -5.04
CA SER A 25 -7.99 -0.80 -3.87
C SER A 25 -7.43 0.26 -2.92
N VAL A 26 -7.35 1.49 -3.41
CA VAL A 26 -6.85 2.61 -2.61
C VAL A 26 -7.73 2.86 -1.41
N GLY A 27 -9.00 2.45 -1.51
CA GLY A 27 -9.93 2.65 -0.41
C GLY A 27 -9.65 1.73 0.76
N ARG A 28 -8.95 0.63 0.50
CA ARG A 28 -8.61 -0.33 1.54
C ARG A 28 -7.20 -0.10 2.06
N ILE A 29 -6.38 0.57 1.26
CA ILE A 29 -5.00 0.85 1.64
C ILE A 29 -4.91 2.12 2.49
N ILE A 30 -5.55 3.18 2.02
CA ILE A 30 -5.56 4.45 2.74
C ILE A 30 -6.47 4.39 3.96
N GLY A 31 -7.58 3.67 3.82
CA GLY A 31 -8.52 3.55 4.92
C GLY A 31 -9.45 4.74 5.02
N ARG A 32 -10.36 4.70 5.99
CA ARG A 32 -11.32 5.78 6.18
C ARG A 32 -10.60 7.10 6.47
N GLY A 33 -10.61 8.00 5.48
CA GLY A 33 -9.96 9.28 5.65
C GLY A 33 -8.49 9.15 5.97
N GLY A 34 -7.96 7.93 5.86
CA GLY A 34 -6.56 7.70 6.13
C GLY A 34 -6.35 6.84 7.37
N GLU A 35 -7.46 6.51 8.05
CA GLU A 35 -7.39 5.70 9.26
C GLU A 35 -6.44 4.52 9.07
N THR A 36 -6.30 4.07 7.83
CA THR A 36 -5.42 2.94 7.50
C THR A 36 -4.05 3.43 7.05
N ILE A 37 -4.04 4.58 6.37
CA ILE A 37 -2.79 5.15 5.89
C ILE A 37 -1.94 5.69 7.04
N ARG A 38 -2.58 5.94 8.17
CA ARG A 38 -1.89 6.45 9.34
C ARG A 38 -1.35 5.31 10.20
N SER A 39 -2.08 4.21 10.23
CA SER A 39 -1.68 3.04 11.01
C SER A 39 -0.45 2.37 10.41
N ILE A 40 -0.39 2.36 9.08
CA ILE A 40 0.73 1.75 8.38
C ILE A 40 2.02 2.54 8.61
N CYS A 41 1.96 3.85 8.39
CA CYS A 41 3.11 4.72 8.58
C CYS A 41 3.76 4.47 9.94
N LYS A 42 2.93 4.24 10.95
CA LYS A 42 3.42 3.98 12.30
C LYS A 42 3.81 2.52 12.47
N ALA A 43 3.23 1.66 11.65
CA ALA A 43 3.52 0.23 11.72
C ALA A 43 4.84 -0.10 11.01
N SER A 44 5.24 0.77 10.08
CA SER A 44 6.48 0.57 9.34
C SER A 44 7.49 1.67 9.67
N GLY A 45 6.98 2.88 9.88
CA GLY A 45 7.86 4.00 10.20
C GLY A 45 8.18 4.85 8.98
N ALA A 46 7.79 4.37 7.81
CA ALA A 46 8.05 5.10 6.57
C ALA A 46 6.89 6.05 6.24
N LYS A 47 7.22 7.16 5.58
CA LYS A 47 6.22 8.15 5.22
C LYS A 47 5.48 7.74 3.95
N ILE A 48 4.18 7.53 4.07
CA ILE A 48 3.36 7.13 2.93
C ILE A 48 2.30 8.19 2.62
N THR A 49 2.29 8.65 1.36
CA THR A 49 1.34 9.67 0.94
C THR A 49 0.76 9.33 -0.43
N CYS A 50 -0.52 9.65 -0.63
CA CYS A 50 -1.18 9.39 -1.89
C CYS A 50 -1.21 10.63 -2.77
N ASP A 51 -1.38 10.42 -4.07
CA ASP A 51 -1.42 11.52 -5.03
C ASP A 51 -2.32 12.65 -4.53
N LYS A 52 -2.30 13.78 -5.23
CA LYS A 52 -3.11 14.92 -4.85
C LYS A 52 -3.65 15.64 -6.09
N GLU A 53 -2.76 15.95 -7.03
CA GLU A 53 -3.15 16.63 -8.25
C GLU A 53 -4.54 16.17 -8.71
N SER A 54 -4.80 14.88 -8.59
CA SER A 54 -6.08 14.31 -8.99
C SER A 54 -6.88 13.83 -7.78
N GLU A 55 -7.85 14.64 -7.37
CA GLU A 55 -8.68 14.30 -6.21
C GLU A 55 -9.58 13.11 -6.52
N GLY A 56 -10.47 12.79 -5.59
CA GLY A 56 -11.38 11.68 -5.77
C GLY A 56 -12.59 12.04 -6.60
N THR A 57 -12.35 12.69 -7.74
CA THR A 57 -13.44 13.10 -8.62
C THR A 57 -13.95 11.94 -9.45
N LEU A 58 -13.06 11.36 -10.26
CA LEU A 58 -13.41 10.23 -11.11
C LEU A 58 -12.19 9.70 -11.84
N LEU A 59 -11.02 9.83 -11.22
CA LEU A 59 -9.78 9.35 -11.81
C LEU A 59 -9.85 7.86 -12.10
N LEU A 60 -8.75 7.31 -12.59
CA LEU A 60 -8.68 5.89 -12.91
C LEU A 60 -7.91 5.12 -11.83
N SER A 61 -6.69 5.56 -11.57
CA SER A 61 -5.84 4.92 -10.56
C SER A 61 -5.14 5.96 -9.70
N ARG A 62 -4.65 5.54 -8.54
CA ARG A 62 -3.95 6.43 -7.63
C ARG A 62 -2.48 6.06 -7.52
N LEU A 63 -1.69 6.93 -6.90
CA LEU A 63 -0.26 6.68 -6.72
C LEU A 63 0.18 7.04 -5.31
N ILE A 64 0.96 6.14 -4.69
CA ILE A 64 1.45 6.36 -3.35
C ILE A 64 2.94 6.71 -3.36
N LYS A 65 3.40 7.34 -2.28
CA LYS A 65 4.80 7.74 -2.16
C LYS A 65 5.39 7.25 -0.84
N ILE A 66 6.23 6.23 -0.92
CA ILE A 66 6.87 5.67 0.28
C ILE A 66 8.27 6.26 0.47
N SER A 67 8.51 6.79 1.67
CA SER A 67 9.80 7.38 1.99
C SER A 67 10.29 6.93 3.37
N GLY A 68 11.59 7.05 3.61
CA GLY A 68 12.15 6.65 4.89
C GLY A 68 13.41 5.82 4.73
N THR A 69 13.77 5.10 5.79
CA THR A 69 14.97 4.27 5.77
C THR A 69 14.71 2.96 5.03
N GLN A 70 15.76 2.40 4.45
CA GLN A 70 15.65 1.14 3.72
C GLN A 70 14.75 0.15 4.46
N LYS A 71 14.78 0.22 5.79
CA LYS A 71 13.97 -0.66 6.62
C LYS A 71 12.49 -0.37 6.43
N GLU A 72 12.10 0.89 6.67
CA GLU A 72 10.71 1.30 6.54
C GLU A 72 10.25 1.18 5.08
N VAL A 73 10.77 2.07 4.23
CA VAL A 73 10.43 2.07 2.81
C VAL A 73 10.24 0.65 2.30
N ALA A 74 11.00 -0.28 2.86
CA ALA A 74 10.92 -1.68 2.46
C ALA A 74 9.80 -2.40 3.18
N ALA A 75 9.68 -2.15 4.48
CA ALA A 75 8.65 -2.78 5.29
C ALA A 75 7.26 -2.24 4.94
N ALA A 76 7.12 -0.92 5.02
CA ALA A 76 5.85 -0.27 4.71
C ALA A 76 5.31 -0.76 3.37
N LYS A 77 6.17 -0.82 2.36
CA LYS A 77 5.77 -1.27 1.03
C LYS A 77 4.94 -2.53 1.12
N HIS A 78 5.37 -3.48 1.95
CA HIS A 78 4.65 -4.73 2.12
C HIS A 78 3.29 -4.50 2.77
N LEU A 79 3.24 -3.57 3.72
CA LEU A 79 2.00 -3.26 4.42
C LEU A 79 0.96 -2.68 3.45
N ILE A 80 1.42 -1.87 2.51
CA ILE A 80 0.54 -1.27 1.52
C ILE A 80 -0.11 -2.33 0.64
N LEU A 81 0.68 -3.32 0.23
CA LEU A 81 0.19 -4.40 -0.61
C LEU A 81 -0.77 -5.31 0.16
N GLU A 82 -0.48 -5.50 1.45
CA GLU A 82 -1.33 -6.34 2.29
C GLU A 82 -2.79 -5.91 2.23
N LYS A 83 -3.00 -4.65 1.83
CA LYS A 83 -4.35 -4.10 1.71
C LYS A 83 -4.90 -4.31 0.31
N VAL A 84 -4.09 -4.01 -0.70
CA VAL A 84 -4.49 -4.16 -2.09
C VAL A 84 -4.99 -5.58 -2.36
N SER A 85 -4.41 -6.55 -1.67
CA SER A 85 -4.80 -7.94 -1.84
C SER A 85 -6.14 -8.22 -1.16
N GLU A 86 -6.38 -7.55 -0.04
CA GLU A 86 -7.63 -7.73 0.69
C GLU A 86 -8.83 -7.38 -0.18
N ASP A 87 -8.90 -6.12 -0.59
CA ASP A 87 -10.00 -5.66 -1.43
C ASP A 87 -10.01 -6.39 -2.78
N GLU A 88 -8.82 -6.76 -3.25
CA GLU A 88 -8.69 -7.46 -4.52
C GLU A 88 -9.47 -8.77 -4.50
N GLU A 89 -9.51 -9.41 -3.34
CA GLU A 89 -10.21 -10.68 -3.19
C GLU A 89 -11.64 -10.45 -2.68
N LEU A 90 -11.76 -9.71 -1.59
CA LEU A 90 -13.06 -9.41 -1.00
C LEU A 90 -14.09 -9.15 -2.09
N ARG A 91 -13.69 -8.39 -3.11
CA ARG A 91 -14.59 -8.07 -4.21
C ARG A 91 -14.86 -9.30 -5.08
N LYS A 92 -13.84 -10.13 -5.25
CA LYS A 92 -13.97 -11.34 -6.05
C LYS A 92 -14.89 -12.35 -5.37
N ARG A 93 -14.72 -12.50 -4.06
CA ARG A 93 -15.54 -13.43 -3.30
C ARG A 93 -17.03 -13.11 -3.45
N ILE A 94 -17.32 -11.85 -3.77
CA ILE A 94 -18.70 -11.42 -3.95
C ILE A 94 -19.12 -11.50 -5.42
N ALA A 95 -18.26 -11.00 -6.31
CA ALA A 95 -18.54 -11.02 -7.73
C ALA A 95 -18.70 -12.45 -8.24
N HIS A 96 -17.88 -13.35 -7.72
CA HIS A 96 -17.93 -14.76 -8.12
C HIS A 96 -18.61 -15.60 -7.06
N SER A 97 -19.70 -16.26 -7.45
CA SER A 97 -20.45 -17.11 -6.52
C SER A 97 -19.86 -18.50 -6.45
N ALA A 98 -18.53 -18.57 -6.48
CA ALA A 98 -17.83 -19.85 -6.41
C ALA A 98 -18.45 -20.75 -5.35
N SER A 99 -18.73 -20.19 -4.19
CA SER A 99 -19.31 -20.95 -3.09
C SER A 99 -18.35 -22.01 -2.58
N GLY A 100 -17.92 -21.87 -1.34
CA GLY A 100 -16.99 -22.82 -0.75
C GLY A 100 -15.64 -22.21 -0.47
N PRO A 101 -15.07 -22.55 0.70
CA PRO A 101 -13.76 -22.04 1.13
C PRO A 101 -12.62 -22.62 0.30
N SER A 102 -11.59 -21.80 0.08
CA SER A 102 -10.43 -22.23 -0.70
C SER A 102 -9.21 -21.36 -0.37
N SER A 103 -8.03 -21.88 -0.69
CA SER A 103 -6.79 -21.16 -0.43
C SER A 103 -6.64 -20.83 1.05
N GLY A 104 -5.65 -21.44 1.69
CA GLY A 104 -5.41 -21.20 3.10
C GLY A 104 -3.95 -21.22 3.46
N GLY A 1 13.42 -16.04 6.56
CA GLY A 1 14.72 -16.22 5.93
C GLY A 1 14.94 -15.25 4.79
N SER A 2 14.98 -15.76 3.56
CA SER A 2 15.20 -14.94 2.38
C SER A 2 16.53 -14.21 2.48
N SER A 3 17.43 -14.53 1.55
CA SER A 3 18.75 -13.91 1.52
C SER A 3 19.42 -14.14 0.17
N GLY A 4 20.15 -13.13 -0.30
CA GLY A 4 20.85 -13.24 -1.57
C GLY A 4 21.36 -11.91 -2.08
N SER A 5 20.46 -11.09 -2.61
CA SER A 5 20.83 -9.78 -3.14
C SER A 5 21.58 -8.97 -2.09
N SER A 6 22.60 -8.24 -2.53
CA SER A 6 23.40 -7.42 -1.63
C SER A 6 22.64 -6.17 -1.20
N GLY A 7 23.20 -5.45 -0.24
CA GLY A 7 22.56 -4.24 0.24
C GLY A 7 23.49 -3.38 1.07
N ILE A 8 23.85 -2.22 0.52
CA ILE A 8 24.74 -1.30 1.22
C ILE A 8 23.97 -0.15 1.86
N LEU A 9 23.74 -0.25 3.17
CA LEU A 9 23.01 0.77 3.90
C LEU A 9 23.65 1.02 5.26
N THR A 10 23.09 1.97 6.01
CA THR A 10 23.61 2.31 7.33
C THR A 10 22.48 2.40 8.35
N GLU A 11 21.35 1.78 8.03
CA GLU A 11 20.20 1.79 8.93
C GLU A 11 19.91 3.20 9.42
N ASN A 12 19.87 4.15 8.49
CA ASN A 12 19.61 5.54 8.84
C ASN A 12 19.37 6.38 7.59
N THR A 13 20.05 6.01 6.50
CA THR A 13 19.92 6.73 5.23
C THR A 13 18.48 6.66 4.72
N PRO A 14 17.88 7.83 4.47
CA PRO A 14 16.51 7.93 3.97
C PRO A 14 16.38 7.44 2.53
N VAL A 15 15.17 7.09 2.13
CA VAL A 15 14.91 6.60 0.77
C VAL A 15 13.56 7.09 0.27
N PHE A 16 13.39 7.10 -1.05
CA PHE A 16 12.15 7.53 -1.66
C PHE A 16 11.71 6.57 -2.76
N GLU A 17 10.46 6.11 -2.67
CA GLU A 17 9.93 5.19 -3.66
C GLU A 17 8.47 5.51 -3.97
N GLN A 18 8.06 5.23 -5.21
CA GLN A 18 6.70 5.50 -5.64
C GLN A 18 5.99 4.21 -6.03
N LEU A 19 4.73 4.07 -5.61
CA LEU A 19 3.94 2.89 -5.92
C LEU A 19 2.56 3.26 -6.43
N SER A 20 2.26 2.87 -7.68
CA SER A 20 0.97 3.17 -8.28
C SER A 20 -0.06 2.11 -7.92
N VAL A 21 -1.18 2.54 -7.34
CA VAL A 21 -2.25 1.64 -6.95
C VAL A 21 -3.58 2.06 -7.56
N PRO A 22 -4.46 1.08 -7.79
CA PRO A 22 -5.79 1.32 -8.37
C PRO A 22 -6.72 2.06 -7.41
N GLN A 23 -7.47 3.02 -7.94
CA GLN A 23 -8.39 3.80 -7.14
C GLN A 23 -9.56 2.95 -6.66
N ARG A 24 -9.63 1.72 -7.16
CA ARG A 24 -10.69 0.79 -6.78
C ARG A 24 -10.33 0.03 -5.52
N SER A 25 -9.03 -0.10 -5.26
CA SER A 25 -8.56 -0.83 -4.09
C SER A 25 -7.91 0.13 -3.09
N VAL A 26 -7.58 1.33 -3.56
CA VAL A 26 -6.96 2.35 -2.71
C VAL A 26 -7.82 2.64 -1.48
N GLY A 27 -9.10 2.34 -1.59
CA GLY A 27 -10.01 2.57 -0.48
C GLY A 27 -9.72 1.67 0.71
N ARG A 28 -9.02 0.57 0.46
CA ARG A 28 -8.68 -0.37 1.51
C ARG A 28 -7.26 -0.13 2.02
N ILE A 29 -6.43 0.49 1.19
CA ILE A 29 -5.05 0.79 1.56
C ILE A 29 -4.97 2.06 2.38
N ILE A 30 -5.65 3.10 1.93
CA ILE A 30 -5.65 4.38 2.62
C ILE A 30 -6.68 4.40 3.75
N GLY A 31 -7.68 3.52 3.64
CA GLY A 31 -8.72 3.45 4.65
C GLY A 31 -9.90 4.35 4.34
N ARG A 32 -10.57 4.83 5.38
CA ARG A 32 -11.72 5.70 5.20
C ARG A 32 -11.32 7.17 5.31
N GLY A 33 -10.19 7.50 4.69
CA GLY A 33 -9.72 8.87 4.72
C GLY A 33 -8.26 8.97 5.14
N GLY A 34 -7.73 7.88 5.68
CA GLY A 34 -6.35 7.87 6.13
C GLY A 34 -6.15 7.03 7.37
N GLU A 35 -7.23 6.78 8.09
CA GLU A 35 -7.16 5.98 9.32
C GLU A 35 -6.32 4.73 9.11
N THR A 36 -6.24 4.27 7.86
CA THR A 36 -5.47 3.08 7.53
C THR A 36 -4.07 3.45 7.05
N ILE A 37 -3.97 4.54 6.30
CA ILE A 37 -2.68 5.00 5.78
C ILE A 37 -1.81 5.54 6.91
N ARG A 38 -2.44 5.90 8.03
CA ARG A 38 -1.72 6.42 9.18
C ARG A 38 -1.14 5.30 10.03
N SER A 39 -1.89 4.22 10.16
CA SER A 39 -1.45 3.07 10.94
C SER A 39 -0.26 2.38 10.28
N ILE A 40 -0.28 2.32 8.96
CA ILE A 40 0.79 1.69 8.20
C ILE A 40 2.09 2.47 8.33
N CYS A 41 1.98 3.80 8.26
CA CYS A 41 3.15 4.66 8.37
C CYS A 41 3.87 4.45 9.71
N LYS A 42 3.08 4.23 10.76
CA LYS A 42 3.63 4.01 12.09
C LYS A 42 4.05 2.55 12.28
N ALA A 43 3.36 1.66 11.59
CA ALA A 43 3.66 0.23 11.67
C ALA A 43 4.96 -0.10 10.96
N SER A 44 5.31 0.71 9.96
CA SER A 44 6.53 0.50 9.19
C SER A 44 7.60 1.51 9.61
N GLY A 45 7.18 2.73 9.91
CA GLY A 45 8.12 3.76 10.32
C GLY A 45 8.41 4.75 9.21
N ALA A 46 7.91 4.46 8.02
CA ALA A 46 8.11 5.33 6.87
C ALA A 46 6.86 6.14 6.56
N LYS A 47 7.03 7.27 5.88
CA LYS A 47 5.91 8.14 5.54
C LYS A 47 5.30 7.72 4.20
N ILE A 48 3.97 7.60 4.17
CA ILE A 48 3.26 7.22 2.96
C ILE A 48 2.24 8.27 2.56
N THR A 49 2.38 8.80 1.35
CA THR A 49 1.47 9.81 0.84
C THR A 49 1.05 9.50 -0.60
N CYS A 50 -0.22 9.76 -0.89
CA CYS A 50 -0.76 9.52 -2.23
C CYS A 50 -0.66 10.77 -3.09
N ASP A 51 -0.46 10.57 -4.40
CA ASP A 51 -0.35 11.68 -5.33
C ASP A 51 -1.32 12.80 -4.95
N LYS A 52 -1.02 14.01 -5.41
CA LYS A 52 -1.87 15.17 -5.13
C LYS A 52 -2.13 15.98 -6.39
N GLU A 53 -1.04 16.34 -7.08
CA GLU A 53 -1.15 17.12 -8.31
C GLU A 53 -2.40 16.73 -9.10
N SER A 54 -2.79 15.47 -9.00
CA SER A 54 -3.97 14.97 -9.70
C SER A 54 -5.06 14.58 -8.71
N GLU A 55 -6.00 15.50 -8.47
CA GLU A 55 -7.10 15.24 -7.55
C GLU A 55 -7.93 14.05 -8.01
N GLY A 56 -8.93 13.70 -7.21
CA GLY A 56 -9.79 12.58 -7.55
C GLY A 56 -10.94 12.97 -8.45
N THR A 57 -10.64 13.72 -9.51
CA THR A 57 -11.66 14.17 -10.44
C THR A 57 -12.34 12.99 -11.13
N LEU A 58 -11.56 12.23 -11.89
CA LEU A 58 -12.08 11.07 -12.60
C LEU A 58 -10.95 10.17 -13.08
N LEU A 59 -9.81 10.24 -12.40
CA LEU A 59 -8.65 9.44 -12.76
C LEU A 59 -9.03 7.96 -12.87
N LEU A 60 -8.03 7.11 -13.10
CA LEU A 60 -8.26 5.68 -13.22
C LEU A 60 -7.56 4.92 -12.10
N SER A 61 -6.33 5.32 -11.78
CA SER A 61 -5.56 4.67 -10.73
C SER A 61 -4.87 5.71 -9.86
N ARG A 62 -4.71 5.39 -8.57
CA ARG A 62 -4.07 6.29 -7.63
C ARG A 62 -2.58 5.98 -7.50
N LEU A 63 -1.85 6.85 -6.82
CA LEU A 63 -0.42 6.67 -6.63
C LEU A 63 -0.04 6.85 -5.16
N ILE A 64 1.07 6.23 -4.77
CA ILE A 64 1.55 6.32 -3.39
C ILE A 64 3.03 6.69 -3.33
N LYS A 65 3.43 7.33 -2.25
CA LYS A 65 4.81 7.74 -2.07
C LYS A 65 5.36 7.27 -0.72
N ILE A 66 6.27 6.31 -0.74
CA ILE A 66 6.85 5.78 0.47
C ILE A 66 8.24 6.36 0.71
N SER A 67 8.45 6.93 1.89
CA SER A 67 9.74 7.53 2.24
C SER A 67 10.21 7.04 3.61
N GLY A 68 11.52 6.94 3.77
CA GLY A 68 12.08 6.48 5.03
C GLY A 68 13.35 5.69 4.86
N THR A 69 13.75 4.97 5.91
CA THR A 69 14.96 4.16 5.86
C THR A 69 14.73 2.86 5.10
N GLN A 70 15.77 2.39 4.42
CA GLN A 70 15.67 1.15 3.64
C GLN A 70 14.85 0.11 4.39
N LYS A 71 14.84 0.21 5.72
CA LYS A 71 14.10 -0.73 6.55
C LYS A 71 12.60 -0.49 6.42
N GLU A 72 12.19 0.78 6.53
CA GLU A 72 10.78 1.14 6.44
C GLU A 72 10.30 1.05 4.99
N VAL A 73 10.79 1.95 4.15
CA VAL A 73 10.41 1.98 2.75
C VAL A 73 10.28 0.57 2.18
N ALA A 74 11.04 -0.37 2.75
CA ALA A 74 11.00 -1.76 2.31
C ALA A 74 9.88 -2.52 3.01
N ALA A 75 9.70 -2.25 4.30
CA ALA A 75 8.66 -2.91 5.08
C ALA A 75 7.28 -2.33 4.76
N ALA A 76 7.15 -1.02 4.92
CA ALA A 76 5.89 -0.35 4.65
C ALA A 76 5.32 -0.75 3.29
N LYS A 77 6.21 -0.91 2.32
CA LYS A 77 5.79 -1.29 0.97
C LYS A 77 4.99 -2.59 1.00
N HIS A 78 5.38 -3.50 1.89
CA HIS A 78 4.69 -4.78 2.02
C HIS A 78 3.33 -4.60 2.70
N LEU A 79 3.28 -3.70 3.67
CA LEU A 79 2.04 -3.43 4.40
C LEU A 79 0.98 -2.84 3.47
N ILE A 80 1.40 -1.91 2.62
CA ILE A 80 0.49 -1.27 1.68
C ILE A 80 -0.20 -2.30 0.79
N LEU A 81 0.56 -3.28 0.33
CA LEU A 81 0.03 -4.34 -0.53
C LEU A 81 -0.94 -5.24 0.25
N GLU A 82 -0.61 -5.49 1.52
CA GLU A 82 -1.44 -6.33 2.37
C GLU A 82 -2.90 -5.87 2.33
N LYS A 83 -3.10 -4.62 1.94
CA LYS A 83 -4.45 -4.07 1.85
C LYS A 83 -5.06 -4.30 0.48
N VAL A 84 -4.26 -4.08 -0.56
CA VAL A 84 -4.72 -4.27 -1.93
C VAL A 84 -5.26 -5.69 -2.13
N SER A 85 -4.57 -6.67 -1.56
CA SER A 85 -4.99 -8.06 -1.68
C SER A 85 -6.30 -8.30 -0.94
N GLU A 86 -6.50 -7.57 0.15
CA GLU A 86 -7.71 -7.71 0.95
C GLU A 86 -8.95 -7.35 0.12
N ASP A 87 -9.08 -6.08 -0.21
CA ASP A 87 -10.22 -5.60 -1.01
C ASP A 87 -10.37 -6.42 -2.28
N GLU A 88 -9.24 -6.87 -2.83
CA GLU A 88 -9.25 -7.65 -4.05
C GLU A 88 -10.12 -8.90 -3.89
N GLU A 89 -10.06 -9.50 -2.72
CA GLU A 89 -10.84 -10.70 -2.43
C GLU A 89 -12.17 -10.34 -1.77
N LEU A 90 -12.10 -9.56 -0.70
CA LEU A 90 -13.30 -9.14 0.02
C LEU A 90 -14.45 -8.86 -0.94
N ARG A 91 -14.13 -8.23 -2.07
CA ARG A 91 -15.14 -7.90 -3.07
C ARG A 91 -15.52 -9.14 -3.88
N LYS A 92 -14.52 -9.98 -4.16
CA LYS A 92 -14.75 -11.20 -4.92
C LYS A 92 -15.65 -12.16 -4.17
N ARG A 93 -15.45 -12.26 -2.86
CA ARG A 93 -16.25 -13.15 -2.03
C ARG A 93 -17.73 -12.81 -2.15
N ILE A 94 -18.02 -11.58 -2.55
CA ILE A 94 -19.40 -11.12 -2.71
C ILE A 94 -19.95 -11.50 -4.08
N ALA A 95 -19.12 -11.35 -5.11
CA ALA A 95 -19.52 -11.68 -6.47
C ALA A 95 -19.89 -13.15 -6.59
N HIS A 96 -19.14 -14.00 -5.91
CA HIS A 96 -19.39 -15.44 -5.94
C HIS A 96 -20.37 -15.84 -4.85
N SER A 97 -20.73 -17.13 -4.82
CA SER A 97 -21.66 -17.65 -3.83
C SER A 97 -20.91 -18.23 -2.63
N ALA A 98 -21.03 -17.55 -1.49
CA ALA A 98 -20.36 -18.01 -0.27
C ALA A 98 -20.73 -17.12 0.92
N SER A 99 -21.98 -16.64 0.94
CA SER A 99 -22.45 -15.79 2.00
C SER A 99 -21.90 -16.24 3.35
N GLY A 100 -21.85 -15.31 4.31
CA GLY A 100 -21.34 -15.64 5.63
C GLY A 100 -19.82 -15.61 5.70
N PRO A 101 -19.26 -14.41 5.77
CA PRO A 101 -17.80 -14.22 5.84
C PRO A 101 -17.22 -14.69 7.17
N SER A 102 -17.86 -14.30 8.27
CA SER A 102 -17.40 -14.68 9.59
C SER A 102 -15.95 -14.27 9.81
N SER A 103 -15.74 -13.23 10.60
CA SER A 103 -14.39 -12.74 10.87
C SER A 103 -13.83 -13.40 12.13
N GLY A 104 -14.53 -13.22 13.25
CA GLY A 104 -14.07 -13.80 14.50
C GLY A 104 -14.89 -15.01 14.91
N GLY A 1 6.37 -14.33 -4.61
CA GLY A 1 6.55 -12.97 -4.11
C GLY A 1 7.99 -12.68 -3.74
N SER A 2 8.56 -11.65 -4.35
CA SER A 2 9.94 -11.26 -4.08
C SER A 2 10.31 -9.98 -4.83
N SER A 3 10.19 -8.85 -4.15
CA SER A 3 10.49 -7.55 -4.75
C SER A 3 11.68 -6.90 -4.05
N GLY A 4 12.28 -5.92 -4.71
CA GLY A 4 13.43 -5.23 -4.13
C GLY A 4 14.70 -5.46 -4.92
N SER A 5 15.46 -4.39 -5.15
CA SER A 5 16.71 -4.49 -5.89
C SER A 5 17.43 -3.14 -5.91
N SER A 6 18.75 -3.19 -5.71
CA SER A 6 19.56 -1.98 -5.70
C SER A 6 19.19 -1.09 -4.51
N GLY A 7 20.21 -0.50 -3.89
CA GLY A 7 19.97 0.37 -2.74
C GLY A 7 20.98 0.16 -1.64
N ILE A 8 21.79 1.19 -1.37
CA ILE A 8 22.80 1.11 -0.34
C ILE A 8 22.68 2.27 0.65
N LEU A 9 23.13 2.05 1.87
CA LEU A 9 23.07 3.07 2.91
C LEU A 9 23.96 2.71 4.09
N THR A 10 23.91 3.53 5.14
CA THR A 10 24.71 3.29 6.33
C THR A 10 23.92 2.53 7.39
N GLU A 11 22.94 3.19 7.99
CA GLU A 11 22.10 2.57 9.01
C GLU A 11 20.91 3.46 9.36
N ASN A 12 20.47 4.25 8.38
CA ASN A 12 19.34 5.14 8.58
C ASN A 12 19.04 5.95 7.31
N THR A 13 20.07 6.12 6.49
CA THR A 13 19.93 6.87 5.24
C THR A 13 18.50 6.78 4.71
N PRO A 14 17.87 7.94 4.47
CA PRO A 14 16.50 8.01 3.96
C PRO A 14 16.41 7.55 2.50
N VAL A 15 15.19 7.24 2.07
CA VAL A 15 14.95 6.78 0.71
C VAL A 15 13.59 7.24 0.21
N PHE A 16 13.40 7.17 -1.11
CA PHE A 16 12.14 7.57 -1.72
C PHE A 16 11.71 6.57 -2.79
N GLU A 17 10.48 6.08 -2.65
CA GLU A 17 9.94 5.11 -3.61
C GLU A 17 8.49 5.45 -3.97
N GLN A 18 8.10 5.13 -5.20
CA GLN A 18 6.75 5.40 -5.66
C GLN A 18 6.04 4.11 -6.05
N LEU A 19 4.80 3.96 -5.58
CA LEU A 19 4.02 2.77 -5.88
C LEU A 19 2.63 3.15 -6.42
N SER A 20 2.34 2.72 -7.64
CA SER A 20 1.07 3.01 -8.27
C SER A 20 0.01 1.98 -7.86
N VAL A 21 -1.09 2.46 -7.29
CA VAL A 21 -2.17 1.59 -6.85
C VAL A 21 -3.49 1.98 -7.50
N PRO A 22 -4.38 1.00 -7.67
CA PRO A 22 -5.70 1.21 -8.28
C PRO A 22 -6.62 2.02 -7.39
N GLN A 23 -7.42 2.91 -7.99
CA GLN A 23 -8.35 3.74 -7.25
C GLN A 23 -9.47 2.91 -6.65
N ARG A 24 -9.52 1.63 -7.04
CA ARG A 24 -10.54 0.73 -6.54
C ARG A 24 -10.12 0.08 -5.23
N SER A 25 -8.82 -0.07 -5.04
CA SER A 25 -8.27 -0.68 -3.84
C SER A 25 -7.66 0.37 -2.92
N VAL A 26 -7.48 1.58 -3.46
CA VAL A 26 -6.90 2.68 -2.70
C VAL A 26 -7.78 3.04 -1.51
N GLY A 27 -9.09 2.87 -1.66
CA GLY A 27 -10.01 3.19 -0.59
C GLY A 27 -9.80 2.30 0.64
N ARG A 28 -9.13 1.18 0.43
CA ARG A 28 -8.87 0.25 1.52
C ARG A 28 -7.47 0.43 2.08
N ILE A 29 -6.55 0.88 1.22
CA ILE A 29 -5.17 1.10 1.63
C ILE A 29 -5.04 2.34 2.51
N ILE A 30 -5.77 3.39 2.15
CA ILE A 30 -5.75 4.63 2.91
C ILE A 30 -6.84 4.64 3.98
N GLY A 31 -7.87 3.84 3.77
CA GLY A 31 -8.96 3.77 4.72
C GLY A 31 -9.94 4.92 4.57
N ARG A 32 -10.70 5.20 5.63
CA ARG A 32 -11.68 6.27 5.60
C ARG A 32 -11.09 7.55 6.21
N GLY A 33 -10.35 8.29 5.39
CA GLY A 33 -9.75 9.52 5.86
C GLY A 33 -8.28 9.37 6.19
N GLY A 34 -7.80 8.12 6.18
CA GLY A 34 -6.41 7.85 6.48
C GLY A 34 -6.24 6.93 7.67
N GLU A 35 -7.28 6.82 8.49
CA GLU A 35 -7.25 5.96 9.66
C GLU A 35 -6.44 4.70 9.39
N THR A 36 -6.44 4.25 8.15
CA THR A 36 -5.72 3.05 7.75
C THR A 36 -4.29 3.40 7.32
N ILE A 37 -4.14 4.48 6.56
CA ILE A 37 -2.84 4.92 6.09
C ILE A 37 -1.93 5.30 7.26
N ARG A 38 -2.54 5.63 8.39
CA ARG A 38 -1.80 6.02 9.58
C ARG A 38 -1.24 4.79 10.29
N SER A 39 -2.08 3.79 10.49
CA SER A 39 -1.67 2.56 11.16
C SER A 39 -0.50 1.91 10.43
N ILE A 40 -0.45 2.12 9.12
CA ILE A 40 0.62 1.54 8.30
C ILE A 40 1.91 2.34 8.44
N CYS A 41 1.81 3.65 8.22
CA CYS A 41 2.96 4.54 8.33
C CYS A 41 3.66 4.36 9.67
N LYS A 42 2.87 4.08 10.71
CA LYS A 42 3.41 3.89 12.06
C LYS A 42 3.98 2.49 12.23
N ALA A 43 3.32 1.51 11.60
CA ALA A 43 3.76 0.13 11.68
C ALA A 43 5.10 -0.07 10.98
N SER A 44 5.33 0.70 9.92
CA SER A 44 6.57 0.61 9.16
C SER A 44 7.49 1.78 9.49
N GLY A 45 6.90 2.95 9.71
CA GLY A 45 7.68 4.12 10.03
C GLY A 45 8.00 4.96 8.80
N ALA A 46 7.67 4.44 7.63
CA ALA A 46 7.92 5.15 6.38
C ALA A 46 6.76 6.05 6.02
N LYS A 47 7.07 7.27 5.58
CA LYS A 47 6.04 8.24 5.22
C LYS A 47 5.38 7.85 3.90
N ILE A 48 4.07 7.64 3.95
CA ILE A 48 3.30 7.25 2.76
C ILE A 48 2.34 8.36 2.35
N THR A 49 2.47 8.81 1.12
CA THR A 49 1.61 9.87 0.60
C THR A 49 1.16 9.56 -0.83
N CYS A 50 -0.09 9.89 -1.14
CA CYS A 50 -0.64 9.65 -2.47
C CYS A 50 -0.43 10.86 -3.37
N ASP A 51 -0.19 10.61 -4.65
CA ASP A 51 0.04 11.67 -5.62
C ASP A 51 -0.88 12.86 -5.33
N LYS A 52 -0.49 14.03 -5.82
CA LYS A 52 -1.28 15.24 -5.62
C LYS A 52 -1.42 16.01 -6.93
N GLU A 53 -0.31 16.21 -7.62
CA GLU A 53 -0.32 16.93 -8.89
C GLU A 53 -1.54 16.55 -9.73
N SER A 54 -2.07 15.36 -9.48
CA SER A 54 -3.23 14.88 -10.21
C SER A 54 -4.52 15.23 -9.48
N GLU A 55 -5.60 15.43 -10.24
CA GLU A 55 -6.88 15.78 -9.65
C GLU A 55 -7.17 14.94 -8.41
N GLY A 56 -6.74 13.69 -8.45
CA GLY A 56 -6.95 12.79 -7.32
C GLY A 56 -8.42 12.68 -6.95
N THR A 57 -9.29 12.69 -7.95
CA THR A 57 -10.73 12.60 -7.72
C THR A 57 -11.25 11.19 -7.99
N LEU A 58 -11.50 10.90 -9.27
CA LEU A 58 -12.00 9.58 -9.67
C LEU A 58 -11.21 9.05 -10.86
N LEU A 59 -9.93 9.41 -10.93
CA LEU A 59 -9.07 8.96 -12.02
C LEU A 59 -9.14 7.44 -12.18
N LEU A 60 -8.28 6.90 -13.04
CA LEU A 60 -8.24 5.46 -13.28
C LEU A 60 -7.55 4.74 -12.14
N SER A 61 -6.32 5.15 -11.83
CA SER A 61 -5.55 4.54 -10.76
C SER A 61 -4.86 5.60 -9.91
N ARG A 62 -4.62 5.28 -8.64
CA ARG A 62 -3.97 6.21 -7.74
C ARG A 62 -2.48 5.87 -7.59
N LEU A 63 -1.74 6.76 -6.94
CA LEU A 63 -0.31 6.56 -6.74
C LEU A 63 0.07 6.76 -5.27
N ILE A 64 1.17 6.14 -4.86
CA ILE A 64 1.64 6.26 -3.48
C ILE A 64 3.12 6.63 -3.44
N LYS A 65 3.53 7.29 -2.37
CA LYS A 65 4.93 7.69 -2.20
C LYS A 65 5.46 7.26 -0.84
N ILE A 66 6.29 6.24 -0.83
CA ILE A 66 6.88 5.73 0.41
C ILE A 66 8.27 6.33 0.65
N SER A 67 8.45 6.91 1.83
CA SER A 67 9.73 7.51 2.18
C SER A 67 10.20 7.02 3.54
N GLY A 68 11.52 7.04 3.76
CA GLY A 68 12.08 6.59 5.01
C GLY A 68 13.38 5.83 4.83
N THR A 69 13.78 5.08 5.86
CA THR A 69 15.01 4.30 5.81
C THR A 69 14.81 3.01 5.01
N GLN A 70 15.89 2.54 4.39
CA GLN A 70 15.83 1.32 3.59
C GLN A 70 14.96 0.26 4.28
N LYS A 71 14.97 0.28 5.61
CA LYS A 71 14.20 -0.68 6.38
C LYS A 71 12.69 -0.43 6.20
N GLU A 72 12.25 0.77 6.55
CA GLU A 72 10.84 1.13 6.44
C GLU A 72 10.40 1.07 4.97
N VAL A 73 10.90 2.01 4.18
CA VAL A 73 10.55 2.07 2.75
C VAL A 73 10.36 0.66 2.18
N ALA A 74 11.13 -0.29 2.69
CA ALA A 74 11.04 -1.67 2.23
C ALA A 74 9.92 -2.42 2.94
N ALA A 75 9.82 -2.21 4.26
CA ALA A 75 8.80 -2.86 5.06
C ALA A 75 7.41 -2.33 4.74
N ALA A 76 7.26 -1.01 4.82
CA ALA A 76 5.98 -0.36 4.54
C ALA A 76 5.43 -0.82 3.19
N LYS A 77 6.29 -0.82 2.17
CA LYS A 77 5.90 -1.23 0.84
C LYS A 77 5.05 -2.50 0.88
N HIS A 78 5.29 -3.32 1.90
CA HIS A 78 4.56 -4.57 2.05
C HIS A 78 3.20 -4.32 2.72
N LEU A 79 3.24 -3.81 3.95
CA LEU A 79 2.02 -3.53 4.70
C LEU A 79 0.97 -2.87 3.80
N ILE A 80 1.43 -2.01 2.90
CA ILE A 80 0.53 -1.32 1.98
C ILE A 80 -0.18 -2.31 1.07
N LEU A 81 0.58 -3.19 0.46
CA LEU A 81 0.03 -4.19 -0.45
C LEU A 81 -1.00 -5.07 0.27
N GLU A 82 -0.71 -5.40 1.53
CA GLU A 82 -1.61 -6.22 2.32
C GLU A 82 -3.05 -5.73 2.21
N LYS A 83 -3.21 -4.46 1.86
CA LYS A 83 -4.53 -3.85 1.72
C LYS A 83 -5.06 -4.04 0.30
N VAL A 84 -4.21 -3.75 -0.69
CA VAL A 84 -4.59 -3.89 -2.09
C VAL A 84 -5.25 -5.23 -2.35
N SER A 85 -4.84 -6.24 -1.58
CA SER A 85 -5.40 -7.59 -1.73
C SER A 85 -6.76 -7.69 -1.06
N GLU A 86 -6.91 -7.00 0.07
CA GLU A 86 -8.16 -7.01 0.82
C GLU A 86 -9.32 -6.52 -0.05
N ASP A 87 -9.21 -5.28 -0.52
CA ASP A 87 -10.24 -4.69 -1.36
C ASP A 87 -10.42 -5.49 -2.66
N GLU A 88 -9.30 -5.91 -3.24
CA GLU A 88 -9.33 -6.67 -4.48
C GLU A 88 -10.34 -7.83 -4.38
N GLU A 89 -10.48 -8.37 -3.18
CA GLU A 89 -11.40 -9.48 -2.95
C GLU A 89 -12.76 -8.97 -2.47
N LEU A 90 -12.74 -8.18 -1.39
CA LEU A 90 -13.96 -7.63 -0.82
C LEU A 90 -14.91 -7.17 -1.93
N ARG A 91 -14.34 -6.58 -2.98
CA ARG A 91 -15.15 -6.10 -4.10
C ARG A 91 -15.62 -7.26 -4.97
N LYS A 92 -14.71 -8.20 -5.25
CA LYS A 92 -15.03 -9.36 -6.06
C LYS A 92 -16.17 -10.17 -5.44
N ARG A 93 -16.10 -10.36 -4.13
CA ARG A 93 -17.11 -11.12 -3.41
C ARG A 93 -18.50 -10.49 -3.62
N ILE A 94 -18.52 -9.21 -3.94
CA ILE A 94 -19.77 -8.49 -4.16
C ILE A 94 -20.16 -8.52 -5.63
N ALA A 95 -19.21 -8.18 -6.50
CA ALA A 95 -19.47 -8.16 -7.94
C ALA A 95 -19.86 -9.55 -8.44
N HIS A 96 -19.22 -10.58 -7.89
CA HIS A 96 -19.51 -11.95 -8.27
C HIS A 96 -20.49 -12.60 -7.30
N SER A 97 -21.72 -12.81 -7.77
CA SER A 97 -22.76 -13.42 -6.95
C SER A 97 -22.42 -14.88 -6.65
N ALA A 98 -21.83 -15.12 -5.48
CA ALA A 98 -21.47 -16.46 -5.06
C ALA A 98 -22.53 -17.06 -4.15
N SER A 99 -23.03 -16.27 -3.22
CA SER A 99 -24.05 -16.72 -2.29
C SER A 99 -23.51 -17.85 -1.41
N GLY A 100 -24.14 -18.03 -0.25
CA GLY A 100 -23.71 -19.08 0.67
C GLY A 100 -22.44 -18.71 1.42
N PRO A 101 -22.39 -19.06 2.71
CA PRO A 101 -21.24 -18.77 3.57
C PRO A 101 -20.01 -19.60 3.18
N SER A 102 -18.94 -19.44 3.95
CA SER A 102 -17.70 -20.17 3.69
C SER A 102 -16.95 -20.46 4.99
N SER A 103 -16.89 -21.73 5.36
CA SER A 103 -16.20 -22.15 6.58
C SER A 103 -15.58 -23.52 6.41
N GLY A 104 -14.32 -23.55 5.99
CA GLY A 104 -13.62 -24.80 5.80
C GLY A 104 -12.39 -24.66 4.91
N GLY A 1 10.15 -16.84 -7.99
CA GLY A 1 9.55 -16.66 -6.67
C GLY A 1 10.06 -15.42 -5.97
N SER A 2 9.89 -14.27 -6.60
CA SER A 2 10.34 -13.01 -6.03
C SER A 2 11.87 -12.96 -5.95
N SER A 3 12.45 -11.93 -6.56
CA SER A 3 13.90 -11.77 -6.56
C SER A 3 14.28 -10.32 -6.87
N GLY A 4 15.37 -9.86 -6.24
CA GLY A 4 15.82 -8.50 -6.45
C GLY A 4 17.10 -8.18 -5.69
N SER A 5 16.99 -8.14 -4.36
CA SER A 5 18.14 -7.85 -3.52
C SER A 5 18.75 -6.49 -3.88
N SER A 6 18.17 -5.42 -3.35
CA SER A 6 18.66 -4.08 -3.62
C SER A 6 18.38 -3.15 -2.43
N GLY A 7 19.15 -2.07 -2.34
CA GLY A 7 18.97 -1.12 -1.25
C GLY A 7 20.14 -1.12 -0.30
N ILE A 8 20.94 -0.06 -0.34
CA ILE A 8 22.10 0.07 0.52
C ILE A 8 22.07 1.38 1.31
N LEU A 9 22.71 1.38 2.46
CA LEU A 9 22.76 2.57 3.30
C LEU A 9 24.03 2.60 4.15
N THR A 10 24.13 3.58 5.05
CA THR A 10 25.29 3.72 5.91
C THR A 10 24.93 3.40 7.36
N GLU A 11 23.65 3.47 7.68
CA GLU A 11 23.18 3.19 9.03
C GLU A 11 21.70 3.53 9.18
N ASN A 12 21.26 4.54 8.43
CA ASN A 12 19.86 4.97 8.48
C ASN A 12 19.54 5.90 7.31
N THR A 13 20.32 5.78 6.24
CA THR A 13 20.12 6.61 5.05
C THR A 13 18.68 6.53 4.57
N PRO A 14 18.07 7.69 4.32
CA PRO A 14 16.69 7.78 3.85
C PRO A 14 16.53 7.28 2.40
N VAL A 15 15.30 7.00 2.01
CA VAL A 15 15.02 6.53 0.66
C VAL A 15 13.67 7.03 0.16
N PHE A 16 13.45 6.94 -1.14
CA PHE A 16 12.20 7.39 -1.74
C PHE A 16 11.71 6.38 -2.78
N GLU A 17 10.45 5.98 -2.65
CA GLU A 17 9.85 5.03 -3.57
C GLU A 17 8.43 5.42 -3.92
N GLN A 18 7.93 4.90 -5.04
CA GLN A 18 6.57 5.20 -5.48
C GLN A 18 5.86 3.93 -5.94
N LEU A 19 4.63 3.74 -5.46
CA LEU A 19 3.84 2.57 -5.82
C LEU A 19 2.48 2.98 -6.39
N SER A 20 2.26 2.66 -7.65
CA SER A 20 1.00 3.00 -8.31
C SER A 20 -0.08 1.98 -7.98
N VAL A 21 -1.12 2.44 -7.29
CA VAL A 21 -2.22 1.57 -6.89
C VAL A 21 -3.52 1.98 -7.59
N PRO A 22 -4.38 0.99 -7.86
CA PRO A 22 -5.67 1.22 -8.53
C PRO A 22 -6.65 1.96 -7.64
N GLN A 23 -7.67 2.57 -8.26
CA GLN A 23 -8.69 3.30 -7.51
C GLN A 23 -9.67 2.36 -6.84
N ARG A 24 -9.55 1.07 -7.14
CA ARG A 24 -10.42 0.05 -6.56
C ARG A 24 -9.80 -0.55 -5.31
N SER A 25 -8.49 -0.38 -5.17
CA SER A 25 -7.77 -0.92 -4.01
C SER A 25 -7.31 0.20 -3.08
N VAL A 26 -7.30 1.43 -3.61
CA VAL A 26 -6.88 2.59 -2.83
C VAL A 26 -7.84 2.85 -1.68
N GLY A 27 -9.07 2.38 -1.83
CA GLY A 27 -10.07 2.57 -0.79
C GLY A 27 -9.83 1.68 0.42
N ARG A 28 -9.12 0.57 0.20
CA ARG A 28 -8.83 -0.36 1.27
C ARG A 28 -7.49 -0.04 1.92
N ILE A 29 -6.56 0.47 1.13
CA ILE A 29 -5.24 0.82 1.62
C ILE A 29 -5.28 2.08 2.48
N ILE A 30 -5.81 3.15 1.90
CA ILE A 30 -5.92 4.42 2.61
C ILE A 30 -6.97 4.35 3.71
N GLY A 31 -8.06 3.65 3.43
CA GLY A 31 -9.13 3.52 4.41
C GLY A 31 -10.27 4.47 4.14
N ARG A 32 -10.91 4.94 5.21
CA ARG A 32 -12.03 5.87 5.10
C ARG A 32 -11.53 7.29 4.85
N GLY A 33 -10.56 7.72 5.65
CA GLY A 33 -10.03 9.06 5.51
C GLY A 33 -8.55 9.13 5.86
N GLY A 34 -7.85 8.01 5.68
CA GLY A 34 -6.44 7.97 5.99
C GLY A 34 -6.13 7.14 7.22
N GLU A 35 -7.15 6.88 8.03
CA GLU A 35 -6.99 6.10 9.24
C GLU A 35 -6.18 4.83 8.97
N THR A 36 -6.29 4.31 7.75
CA THR A 36 -5.57 3.11 7.37
C THR A 36 -4.18 3.44 6.85
N ILE A 37 -4.05 4.61 6.22
CA ILE A 37 -2.78 5.05 5.68
C ILE A 37 -1.88 5.63 6.78
N ARG A 38 -2.48 5.92 7.92
CA ARG A 38 -1.73 6.48 9.04
C ARG A 38 -1.21 5.37 9.95
N SER A 39 -1.97 4.28 10.06
CA SER A 39 -1.59 3.16 10.89
C SER A 39 -0.38 2.43 10.31
N ILE A 40 -0.32 2.38 8.98
CA ILE A 40 0.79 1.72 8.30
C ILE A 40 2.10 2.46 8.51
N CYS A 41 2.05 3.78 8.42
CA CYS A 41 3.23 4.61 8.61
C CYS A 41 3.87 4.35 9.97
N LYS A 42 3.03 4.07 10.96
CA LYS A 42 3.51 3.79 12.31
C LYS A 42 3.91 2.32 12.46
N ALA A 43 3.33 1.47 11.62
CA ALA A 43 3.64 0.04 11.66
C ALA A 43 4.96 -0.25 10.97
N SER A 44 5.32 0.59 10.01
CA SER A 44 6.58 0.41 9.27
C SER A 44 7.57 1.52 9.61
N GLY A 45 7.05 2.72 9.85
CA GLY A 45 7.90 3.84 10.18
C GLY A 45 8.20 4.73 8.99
N ALA A 46 7.86 4.24 7.79
CA ALA A 46 8.08 4.99 6.57
C ALA A 46 6.89 5.88 6.24
N LYS A 47 7.16 7.12 5.84
CA LYS A 47 6.10 8.06 5.50
C LYS A 47 5.42 7.66 4.20
N ILE A 48 4.10 7.48 4.26
CA ILE A 48 3.32 7.09 3.09
C ILE A 48 2.26 8.14 2.77
N THR A 49 2.25 8.62 1.53
CA THR A 49 1.28 9.61 1.10
C THR A 49 0.65 9.23 -0.23
N CYS A 50 -0.46 9.89 -0.57
CA CYS A 50 -1.16 9.61 -1.81
C CYS A 50 -1.08 10.81 -2.75
N ASP A 51 -1.13 10.54 -4.06
CA ASP A 51 -1.06 11.59 -5.06
C ASP A 51 -1.97 12.76 -4.68
N LYS A 52 -1.72 13.92 -5.29
CA LYS A 52 -2.51 15.12 -5.01
C LYS A 52 -2.83 15.85 -6.30
N GLU A 53 -1.81 16.11 -7.11
CA GLU A 53 -1.98 16.81 -8.38
C GLU A 53 -3.26 16.35 -9.08
N SER A 54 -3.61 15.08 -8.90
CA SER A 54 -4.80 14.51 -9.51
C SER A 54 -6.01 14.68 -8.61
N GLU A 55 -7.20 14.68 -9.21
CA GLU A 55 -8.44 14.84 -8.46
C GLU A 55 -8.49 13.87 -7.29
N GLY A 56 -7.91 12.68 -7.49
CA GLY A 56 -7.91 11.68 -6.44
C GLY A 56 -9.30 11.39 -5.91
N THR A 57 -10.25 11.22 -6.82
CA THR A 57 -11.63 10.94 -6.44
C THR A 57 -12.14 9.67 -7.14
N LEU A 58 -12.38 9.77 -8.44
CA LEU A 58 -12.86 8.63 -9.21
C LEU A 58 -12.01 8.43 -10.46
N LEU A 59 -10.82 9.00 -10.46
CA LEU A 59 -9.91 8.88 -11.59
C LEU A 59 -9.64 7.41 -11.92
N LEU A 60 -8.74 7.17 -12.86
CA LEU A 60 -8.39 5.81 -13.27
C LEU A 60 -7.74 5.06 -12.12
N SER A 61 -6.52 5.44 -11.78
CA SER A 61 -5.78 4.80 -10.69
C SER A 61 -5.08 5.83 -9.82
N ARG A 62 -4.66 5.40 -8.64
CA ARG A 62 -3.98 6.29 -7.70
C ARG A 62 -2.50 5.93 -7.59
N LEU A 63 -1.73 6.80 -6.93
CA LEU A 63 -0.31 6.57 -6.75
C LEU A 63 0.13 6.94 -5.34
N ILE A 64 0.85 6.03 -4.69
CA ILE A 64 1.33 6.26 -3.34
C ILE A 64 2.81 6.64 -3.33
N LYS A 65 3.25 7.31 -2.26
CA LYS A 65 4.64 7.73 -2.14
C LYS A 65 5.21 7.29 -0.80
N ILE A 66 6.20 6.40 -0.86
CA ILE A 66 6.85 5.90 0.36
C ILE A 66 8.22 6.54 0.55
N SER A 67 8.50 6.97 1.78
CA SER A 67 9.78 7.59 2.10
C SER A 67 10.24 7.19 3.49
N GLY A 68 11.55 6.98 3.62
CA GLY A 68 12.11 6.59 4.91
C GLY A 68 13.38 5.78 4.76
N THR A 69 13.75 5.07 5.83
CA THR A 69 14.96 4.25 5.83
C THR A 69 14.71 2.93 5.10
N GLN A 70 15.72 2.47 4.37
CA GLN A 70 15.62 1.21 3.63
C GLN A 70 14.80 0.19 4.40
N LYS A 71 14.86 0.26 5.73
CA LYS A 71 14.13 -0.65 6.59
C LYS A 71 12.63 -0.42 6.47
N GLU A 72 12.21 0.85 6.55
CA GLU A 72 10.80 1.20 6.46
C GLU A 72 10.32 1.11 5.01
N VAL A 73 10.82 2.03 4.17
CA VAL A 73 10.44 2.06 2.76
C VAL A 73 10.21 0.65 2.23
N ALA A 74 10.98 -0.30 2.74
CA ALA A 74 10.85 -1.69 2.31
C ALA A 74 9.74 -2.41 3.08
N ALA A 75 9.68 -2.18 4.38
CA ALA A 75 8.67 -2.81 5.23
C ALA A 75 7.28 -2.24 4.91
N ALA A 76 7.16 -0.93 4.98
CA ALA A 76 5.89 -0.27 4.70
C ALA A 76 5.31 -0.71 3.36
N LYS A 77 6.17 -0.78 2.35
CA LYS A 77 5.75 -1.20 1.02
C LYS A 77 4.96 -2.50 1.08
N HIS A 78 5.42 -3.43 1.90
CA HIS A 78 4.76 -4.72 2.07
C HIS A 78 3.39 -4.54 2.74
N LEU A 79 3.34 -3.69 3.75
CA LEU A 79 2.11 -3.43 4.48
C LEU A 79 1.09 -2.70 3.60
N ILE A 80 1.61 -1.90 2.67
CA ILE A 80 0.75 -1.15 1.76
C ILE A 80 -0.03 -2.08 0.84
N LEU A 81 0.67 -3.04 0.25
CA LEU A 81 0.04 -4.01 -0.66
C LEU A 81 -0.91 -4.92 0.10
N GLU A 82 -0.56 -5.24 1.35
CA GLU A 82 -1.38 -6.11 2.18
C GLU A 82 -2.85 -5.74 2.06
N LYS A 83 -3.13 -4.45 1.92
CA LYS A 83 -4.50 -3.97 1.79
C LYS A 83 -5.01 -4.16 0.36
N VAL A 84 -4.13 -3.96 -0.61
CA VAL A 84 -4.50 -4.12 -2.01
C VAL A 84 -5.01 -5.53 -2.30
N SER A 85 -4.37 -6.51 -1.69
CA SER A 85 -4.74 -7.91 -1.87
C SER A 85 -6.07 -8.21 -1.18
N GLU A 86 -6.33 -7.49 -0.09
CA GLU A 86 -7.56 -7.68 0.67
C GLU A 86 -8.79 -7.42 -0.21
N ASP A 87 -8.92 -6.18 -0.68
CA ASP A 87 -10.05 -5.81 -1.52
C ASP A 87 -10.06 -6.63 -2.80
N GLU A 88 -8.88 -6.91 -3.34
CA GLU A 88 -8.75 -7.68 -4.57
C GLU A 88 -9.61 -8.95 -4.50
N GLU A 89 -9.55 -9.64 -3.37
CA GLU A 89 -10.33 -10.86 -3.19
C GLU A 89 -11.70 -10.55 -2.58
N LEU A 90 -11.70 -9.68 -1.57
CA LEU A 90 -12.94 -9.30 -0.89
C LEU A 90 -14.08 -9.16 -1.89
N ARG A 91 -13.79 -8.58 -3.05
CA ARG A 91 -14.79 -8.40 -4.10
C ARG A 91 -15.24 -9.74 -4.66
N LYS A 92 -14.29 -10.57 -5.03
CA LYS A 92 -14.59 -11.89 -5.59
C LYS A 92 -15.50 -12.68 -4.64
N ARG A 93 -15.20 -12.61 -3.35
CA ARG A 93 -15.99 -13.32 -2.35
C ARG A 93 -17.46 -12.94 -2.44
N ILE A 94 -17.73 -11.83 -3.12
CA ILE A 94 -19.10 -11.34 -3.28
C ILE A 94 -19.75 -11.92 -4.53
N ALA A 95 -18.98 -11.97 -5.62
CA ALA A 95 -19.46 -12.51 -6.88
C ALA A 95 -19.82 -13.98 -6.75
N HIS A 96 -18.99 -14.72 -6.02
CA HIS A 96 -19.23 -16.15 -5.82
C HIS A 96 -20.13 -16.39 -4.61
N SER A 97 -20.47 -17.65 -4.37
CA SER A 97 -21.34 -18.01 -3.25
C SER A 97 -21.00 -19.41 -2.74
N ALA A 98 -20.53 -19.47 -1.50
CA ALA A 98 -20.18 -20.74 -0.88
C ALA A 98 -18.97 -21.37 -1.58
N SER A 99 -18.05 -20.53 -2.03
CA SER A 99 -16.85 -20.99 -2.72
C SER A 99 -15.68 -21.11 -1.74
N GLY A 100 -15.53 -22.28 -1.14
CA GLY A 100 -14.44 -22.49 -0.19
C GLY A 100 -14.46 -23.87 0.41
N PRO A 101 -13.26 -24.42 0.69
CA PRO A 101 -13.12 -25.76 1.27
C PRO A 101 -13.59 -25.82 2.71
N SER A 102 -13.30 -24.75 3.46
CA SER A 102 -13.69 -24.69 4.86
C SER A 102 -15.10 -24.12 5.01
N SER A 103 -15.86 -24.68 5.94
CA SER A 103 -17.23 -24.24 6.18
C SER A 103 -17.49 -24.03 7.67
N GLY A 104 -18.29 -23.02 8.00
CA GLY A 104 -18.60 -22.74 9.39
C GLY A 104 -17.43 -22.15 10.14
N GLY A 1 7.77 -14.12 -7.13
CA GLY A 1 9.21 -14.29 -7.26
C GLY A 1 9.96 -12.97 -7.10
N SER A 2 10.74 -12.87 -6.03
CA SER A 2 11.51 -11.67 -5.76
C SER A 2 12.31 -11.80 -4.47
N SER A 3 13.54 -12.28 -4.58
CA SER A 3 14.41 -12.47 -3.42
C SER A 3 15.77 -11.83 -3.65
N GLY A 4 16.12 -10.87 -2.80
CA GLY A 4 17.39 -10.19 -2.91
C GLY A 4 17.66 -9.25 -1.76
N SER A 5 17.31 -9.68 -0.55
CA SER A 5 17.52 -8.87 0.64
C SER A 5 18.90 -8.22 0.64
N SER A 6 18.98 -7.03 1.21
CA SER A 6 20.25 -6.30 1.26
C SER A 6 20.16 -5.14 2.25
N GLY A 7 21.26 -4.91 2.97
CA GLY A 7 21.30 -3.83 3.94
C GLY A 7 22.45 -2.87 3.72
N ILE A 8 22.17 -1.77 3.03
CA ILE A 8 23.20 -0.77 2.74
C ILE A 8 22.80 0.59 3.30
N LEU A 9 23.35 0.91 4.49
CA LEU A 9 23.06 2.18 5.14
C LEU A 9 24.13 2.51 6.17
N THR A 10 24.04 3.70 6.75
CA THR A 10 25.00 4.15 7.76
C THR A 10 24.34 4.22 9.14
N GLU A 11 23.46 5.19 9.31
CA GLU A 11 22.77 5.37 10.58
C GLU A 11 21.25 5.39 10.38
N ASN A 12 20.82 5.77 9.18
CA ASN A 12 19.40 5.84 8.86
C ASN A 12 19.19 6.36 7.44
N THR A 13 20.15 6.09 6.56
CA THR A 13 20.06 6.53 5.17
C THR A 13 18.62 6.52 4.68
N PRO A 14 18.11 7.70 4.32
CA PRO A 14 16.74 7.85 3.82
C PRO A 14 16.55 7.25 2.44
N VAL A 15 15.31 6.99 2.07
CA VAL A 15 15.00 6.41 0.77
C VAL A 15 13.66 6.93 0.24
N PHE A 16 13.52 6.94 -1.07
CA PHE A 16 12.29 7.40 -1.72
C PHE A 16 11.83 6.43 -2.80
N GLU A 17 10.59 5.97 -2.68
CA GLU A 17 10.02 5.04 -3.65
C GLU A 17 8.60 5.43 -4.01
N GLN A 18 8.13 4.94 -5.16
CA GLN A 18 6.78 5.22 -5.62
C GLN A 18 6.04 3.94 -5.98
N LEU A 19 4.74 3.91 -5.67
CA LEU A 19 3.92 2.74 -5.96
C LEU A 19 2.55 3.16 -6.50
N SER A 20 2.27 2.75 -7.73
CA SER A 20 1.00 3.09 -8.37
C SER A 20 -0.07 2.06 -8.03
N VAL A 21 -1.15 2.53 -7.40
CA VAL A 21 -2.25 1.65 -7.02
C VAL A 21 -3.56 2.10 -7.65
N PRO A 22 -4.47 1.15 -7.87
CA PRO A 22 -5.78 1.42 -8.47
C PRO A 22 -6.70 2.19 -7.52
N GLN A 23 -7.65 2.92 -8.09
CA GLN A 23 -8.60 3.70 -7.29
C GLN A 23 -9.58 2.79 -6.58
N ARG A 24 -9.53 1.50 -6.89
CA ARG A 24 -10.43 0.52 -6.28
C ARG A 24 -9.80 -0.07 -5.02
N SER A 25 -8.47 -0.20 -5.02
CA SER A 25 -7.75 -0.76 -3.89
C SER A 25 -7.25 0.35 -2.97
N VAL A 26 -7.37 1.59 -3.43
CA VAL A 26 -6.93 2.74 -2.64
C VAL A 26 -7.83 2.96 -1.44
N GLY A 27 -9.09 2.54 -1.56
CA GLY A 27 -10.04 2.71 -0.48
C GLY A 27 -9.80 1.73 0.66
N ARG A 28 -9.04 0.67 0.38
CA ARG A 28 -8.74 -0.34 1.38
C ARG A 28 -7.35 -0.10 1.98
N ILE A 29 -6.45 0.46 1.18
CA ILE A 29 -5.10 0.73 1.64
C ILE A 29 -5.05 1.98 2.52
N ILE A 30 -5.66 3.06 2.02
CA ILE A 30 -5.69 4.31 2.78
C ILE A 30 -6.77 4.29 3.85
N GLY A 31 -7.69 3.34 3.73
CA GLY A 31 -8.77 3.22 4.70
C GLY A 31 -9.98 4.06 4.34
N ARG A 32 -10.89 4.22 5.29
CA ARG A 32 -12.09 5.01 5.06
C ARG A 32 -11.76 6.48 4.84
N GLY A 33 -10.69 6.94 5.49
CA GLY A 33 -10.28 8.33 5.35
C GLY A 33 -8.87 8.57 5.85
N GLY A 34 -8.09 7.50 5.94
CA GLY A 34 -6.72 7.62 6.42
C GLY A 34 -6.44 6.74 7.61
N GLU A 35 -7.47 6.50 8.43
CA GLU A 35 -7.32 5.67 9.62
C GLU A 35 -6.46 4.44 9.32
N THR A 36 -6.42 4.05 8.05
CA THR A 36 -5.63 2.89 7.63
C THR A 36 -4.24 3.30 7.18
N ILE A 37 -4.15 4.47 6.54
CA ILE A 37 -2.87 4.98 6.06
C ILE A 37 -2.04 5.54 7.20
N ARG A 38 -2.67 5.72 8.35
CA ARG A 38 -1.98 6.26 9.53
C ARG A 38 -1.35 5.14 10.34
N SER A 39 -2.04 4.01 10.41
CA SER A 39 -1.55 2.86 11.17
C SER A 39 -0.37 2.21 10.46
N ILE A 40 -0.36 2.32 9.12
CA ILE A 40 0.72 1.74 8.32
C ILE A 40 2.02 2.53 8.49
N CYS A 41 1.90 3.85 8.39
CA CYS A 41 3.06 4.72 8.53
C CYS A 41 3.76 4.51 9.86
N LYS A 42 2.97 4.22 10.89
CA LYS A 42 3.50 3.99 12.24
C LYS A 42 3.93 2.54 12.40
N ALA A 43 3.36 1.66 11.59
CA ALA A 43 3.68 0.23 11.65
C ALA A 43 5.01 -0.05 10.95
N SER A 44 5.32 0.75 9.94
CA SER A 44 6.56 0.58 9.19
C SER A 44 7.56 1.69 9.54
N GLY A 45 7.06 2.88 9.78
CA GLY A 45 7.92 4.00 10.12
C GLY A 45 8.25 4.87 8.92
N ALA A 46 7.80 4.45 7.75
CA ALA A 46 8.05 5.20 6.52
C ALA A 46 6.84 6.05 6.15
N LYS A 47 7.11 7.24 5.63
CA LYS A 47 6.05 8.16 5.23
C LYS A 47 5.39 7.71 3.92
N ILE A 48 4.09 7.46 3.97
CA ILE A 48 3.35 7.04 2.80
C ILE A 48 2.25 8.03 2.43
N THR A 49 2.32 8.57 1.23
CA THR A 49 1.34 9.53 0.75
C THR A 49 0.76 9.12 -0.60
N CYS A 50 -0.33 9.77 -0.98
CA CYS A 50 -0.98 9.46 -2.26
C CYS A 50 -0.70 10.55 -3.29
N ASP A 51 -0.02 10.17 -4.36
CA ASP A 51 0.32 11.11 -5.43
C ASP A 51 0.67 12.49 -4.85
N LYS A 52 0.51 13.52 -5.66
CA LYS A 52 0.81 14.89 -5.23
C LYS A 52 -0.10 15.89 -5.92
N GLU A 53 -0.16 15.80 -7.24
CA GLU A 53 -1.00 16.70 -8.03
C GLU A 53 -2.46 16.29 -7.96
N SER A 54 -2.71 15.06 -7.50
CA SER A 54 -4.06 14.54 -7.38
C SER A 54 -4.46 14.37 -5.92
N GLU A 55 -5.75 14.51 -5.64
CA GLU A 55 -6.27 14.37 -4.29
C GLU A 55 -7.21 13.18 -4.17
N GLY A 56 -8.02 12.97 -5.21
CA GLY A 56 -8.96 11.87 -5.21
C GLY A 56 -10.32 12.26 -5.75
N THR A 57 -10.32 13.02 -6.85
CA THR A 57 -11.56 13.46 -7.46
C THR A 57 -12.35 12.29 -8.03
N LEU A 58 -11.91 11.79 -9.18
CA LEU A 58 -12.58 10.65 -9.81
C LEU A 58 -11.69 10.04 -10.90
N LEU A 59 -10.39 10.23 -10.76
CA LEU A 59 -9.44 9.69 -11.73
C LEU A 59 -9.62 8.19 -11.89
N LEU A 60 -8.76 7.58 -12.71
CA LEU A 60 -8.82 6.14 -12.95
C LEU A 60 -8.03 5.38 -11.89
N SER A 61 -6.77 5.76 -11.70
CA SER A 61 -5.92 5.10 -10.72
C SER A 61 -5.18 6.14 -9.86
N ARG A 62 -4.71 5.70 -8.71
CA ARG A 62 -3.98 6.58 -7.80
C ARG A 62 -2.53 6.15 -7.65
N LEU A 63 -1.71 7.01 -7.05
CA LEU A 63 -0.31 6.71 -6.85
C LEU A 63 0.08 6.89 -5.38
N ILE A 64 1.13 6.18 -4.95
CA ILE A 64 1.60 6.27 -3.58
C ILE A 64 3.09 6.59 -3.53
N LYS A 65 3.50 7.27 -2.45
CA LYS A 65 4.90 7.64 -2.28
C LYS A 65 5.42 7.20 -0.92
N ILE A 66 6.37 6.27 -0.92
CA ILE A 66 6.95 5.77 0.33
C ILE A 66 8.32 6.36 0.57
N SER A 67 8.52 6.92 1.76
CA SER A 67 9.79 7.53 2.12
C SER A 67 10.25 7.06 3.50
N GLY A 68 11.56 7.09 3.72
CA GLY A 68 12.10 6.65 5.00
C GLY A 68 13.37 5.84 4.84
N THR A 69 13.77 5.15 5.91
CA THR A 69 14.97 4.34 5.89
C THR A 69 14.72 3.01 5.18
N GLN A 70 15.79 2.43 4.63
CA GLN A 70 15.68 1.16 3.92
C GLN A 70 14.88 0.15 4.72
N LYS A 71 14.82 0.36 6.04
CA LYS A 71 14.08 -0.53 6.92
C LYS A 71 12.58 -0.30 6.80
N GLU A 72 12.20 0.96 6.61
CA GLU A 72 10.79 1.32 6.47
C GLU A 72 10.33 1.19 5.03
N VAL A 73 10.83 2.10 4.19
CA VAL A 73 10.47 2.09 2.77
C VAL A 73 10.35 0.68 2.23
N ALA A 74 11.09 -0.24 2.84
CA ALA A 74 11.07 -1.64 2.43
C ALA A 74 9.94 -2.40 3.12
N ALA A 75 9.74 -2.12 4.40
CA ALA A 75 8.69 -2.77 5.17
C ALA A 75 7.31 -2.22 4.81
N ALA A 76 7.18 -0.90 4.88
CA ALA A 76 5.92 -0.24 4.56
C ALA A 76 5.36 -0.75 3.24
N LYS A 77 6.23 -0.92 2.26
CA LYS A 77 5.83 -1.40 0.94
C LYS A 77 4.97 -2.66 1.06
N HIS A 78 5.32 -3.51 2.01
CA HIS A 78 4.59 -4.76 2.23
C HIS A 78 3.21 -4.47 2.83
N LEU A 79 3.19 -3.68 3.90
CA LEU A 79 1.93 -3.34 4.57
C LEU A 79 0.94 -2.73 3.58
N ILE A 80 1.44 -1.89 2.68
CA ILE A 80 0.61 -1.24 1.69
C ILE A 80 -0.12 -2.27 0.84
N LEU A 81 0.62 -3.25 0.33
CA LEU A 81 0.04 -4.30 -0.50
C LEU A 81 -0.95 -5.14 0.30
N GLU A 82 -0.59 -5.47 1.53
CA GLU A 82 -1.45 -6.27 2.41
C GLU A 82 -2.90 -5.81 2.30
N LYS A 83 -3.09 -4.54 1.96
CA LYS A 83 -4.42 -3.97 1.83
C LYS A 83 -4.93 -4.11 0.40
N VAL A 84 -4.01 -4.02 -0.56
CA VAL A 84 -4.37 -4.15 -1.97
C VAL A 84 -5.01 -5.49 -2.27
N SER A 85 -4.52 -6.53 -1.61
CA SER A 85 -5.03 -7.88 -1.80
C SER A 85 -6.33 -8.08 -1.03
N GLU A 86 -6.45 -7.38 0.10
CA GLU A 86 -7.64 -7.48 0.94
C GLU A 86 -8.90 -7.11 0.14
N ASP A 87 -8.82 -6.01 -0.61
CA ASP A 87 -9.95 -5.56 -1.40
C ASP A 87 -10.19 -6.50 -2.58
N GLU A 88 -9.14 -7.17 -3.03
CA GLU A 88 -9.24 -8.09 -4.15
C GLU A 88 -10.12 -9.28 -3.79
N GLU A 89 -10.10 -9.68 -2.53
CA GLU A 89 -10.90 -10.80 -2.06
C GLU A 89 -12.23 -10.32 -1.49
N LEU A 90 -12.17 -9.44 -0.50
CA LEU A 90 -13.37 -8.89 0.13
C LEU A 90 -14.48 -8.71 -0.90
N ARG A 91 -14.11 -8.25 -2.09
CA ARG A 91 -15.08 -8.02 -3.15
C ARG A 91 -15.47 -9.34 -3.82
N LYS A 92 -14.48 -10.19 -4.06
CA LYS A 92 -14.72 -11.49 -4.69
C LYS A 92 -15.70 -12.32 -3.86
N ARG A 93 -15.51 -12.33 -2.55
CA ARG A 93 -16.38 -13.07 -1.65
C ARG A 93 -17.83 -12.66 -1.83
N ILE A 94 -18.04 -11.43 -2.30
CA ILE A 94 -19.38 -10.92 -2.52
C ILE A 94 -19.88 -11.25 -3.92
N ALA A 95 -18.98 -11.18 -4.90
CA ALA A 95 -19.32 -11.47 -6.28
C ALA A 95 -19.75 -12.93 -6.44
N HIS A 96 -19.03 -13.83 -5.78
CA HIS A 96 -19.34 -15.25 -5.86
C HIS A 96 -20.46 -15.62 -4.89
N SER A 97 -21.47 -16.32 -5.39
CA SER A 97 -22.59 -16.73 -4.57
C SER A 97 -22.79 -18.25 -4.63
N ALA A 98 -22.68 -18.89 -3.47
CA ALA A 98 -22.85 -20.34 -3.40
C ALA A 98 -22.64 -20.84 -1.97
N SER A 99 -21.39 -20.89 -1.54
CA SER A 99 -21.06 -21.35 -0.20
C SER A 99 -20.06 -20.41 0.47
N GLY A 100 -20.20 -20.26 1.79
CA GLY A 100 -19.32 -19.37 2.53
C GLY A 100 -19.76 -19.20 3.97
N PRO A 101 -19.22 -20.04 4.87
CA PRO A 101 -19.54 -19.99 6.30
C PRO A 101 -18.98 -18.74 6.98
N SER A 102 -19.38 -18.52 8.22
CA SER A 102 -18.92 -17.36 8.98
C SER A 102 -17.97 -17.79 10.09
N SER A 103 -16.68 -17.52 9.89
CA SER A 103 -15.67 -17.88 10.87
C SER A 103 -15.62 -16.87 12.01
N GLY A 104 -15.50 -17.36 13.24
CA GLY A 104 -15.46 -16.49 14.40
C GLY A 104 -14.60 -17.05 15.51
#